data_9IT2
#
_entry.id   9IT2
#
_cell.length_a   1.00
_cell.length_b   1.00
_cell.length_c   1.00
_cell.angle_alpha   90.00
_cell.angle_beta   90.00
_cell.angle_gamma   90.00
#
_symmetry.space_group_name_H-M   'P 1'
#
loop_
_entity.id
_entity.type
_entity.pdbx_description
1 polymer 'Urease subunit gamma'
2 polymer 'Urease subunit beta'
3 polymer 'Urease subunit alpha'
4 non-polymer BETA-MERCAPTOETHANOL
5 non-polymer 'NICKEL (II) ION'
6 water water
#
loop_
_entity_poly.entity_id
_entity_poly.type
_entity_poly.pdbx_seq_one_letter_code
_entity_poly.pdbx_strand_id
1 'polypeptide(L)'
;MNLSLREVQKLLITVAADVARRRLARGLKLNYSEAVALITDHVMEGARDGKLVADLMQSAREVLRVDQVMEGVDTMVSII
QVEVTFPDGTKLVSVHDPIYK
;
A,D,G
2 'polypeptide(L)'
;MSGSSSQFSPGKLVPGAINFASGEIVMNEGREAKVISIKNTGDRPIQVGSHFHLFEVNSALVFFDEKGNEDKERKVAYGR
RFDIPSGTAIRFEPGDKKEVSIIDLAGTREVWGVNGLVNGKLKK
;
B,E,H
3 'polypeptide(L)'
;MFKISRKNYSDLYGITTGDSVRLGDTNLWVKVEKDLTTYGEESVFGGGKTLREGMGMNSTMKLDDKLGNAEVMDLVITNA
LIVDYTGIYKADIGIKNGKIAAIGKSGNPHLTDNVDMIVGISTEISAGEGKIYTAGGLDTHVHWLEPEIVPVALDGGITT
VIAGGTGMNDGTKATTVSPGKFWVKSALQAADGLSINAGFLAKGQGMEDPIFEQIAAGACGL(KCX)IHEDWGATGNAID
LALTVADKTDVAVAIHTDTLNEAGFVEHTIAAMKGRTIHAYHTEGAGGGHAPDILETVKYAHILPASTNPTIPYTVNTIA
EHLDMLMVCHHLNPKVPEDVAFADSRIRSQTIAAEDLLHDMGAISIMSSDTLAMGRIGEVATRTWQMAHKMKAQFGSLKG
DSEFSDNNRVKRYISKYTINPAIAHGVDSYIGSLEVGKLADIVAWEPKFFGAKPYYVVKMGVIARCVAGDPNASIPTCEP
VIMRDQFGTYGRLLTNTSVSFVSKIGLENGIKEEYKLEKELLPVKNCRSVNKKSMKWNSATPNLEVDPQTFDAAVDFNDL
ENWLEQSASELAKKLKKTSSGKYILDAEPLTEAPLAQRYFLF
;
C,F,I
#
# COMPACT_ATOMS: atom_id res chain seq x y z
N MET A 1 -14.90 14.48 3.80
CA MET A 1 -15.60 13.66 2.81
C MET A 1 -16.00 12.31 3.40
N ASN A 2 -15.13 11.77 4.26
CA ASN A 2 -15.35 10.45 4.88
C ASN A 2 -15.49 9.36 3.83
N LEU A 3 -14.53 9.31 2.91
CA LEU A 3 -14.58 8.36 1.81
C LEU A 3 -14.12 6.98 2.26
N SER A 4 -14.93 5.96 1.96
CA SER A 4 -14.52 4.58 2.14
C SER A 4 -13.61 4.16 0.98
N LEU A 5 -13.03 2.96 1.11
CA LEU A 5 -12.07 2.50 0.12
C LEU A 5 -12.70 2.31 -1.25
N ARG A 6 -13.92 1.77 -1.29
CA ARG A 6 -14.58 1.54 -2.57
C ARG A 6 -14.88 2.86 -3.28
N GLU A 7 -15.33 3.86 -2.54
CA GLU A 7 -15.54 5.18 -3.12
C GLU A 7 -14.25 5.74 -3.71
N VAL A 8 -13.15 5.63 -2.96
CA VAL A 8 -11.87 6.16 -3.43
C VAL A 8 -11.44 5.45 -4.71
N GLN A 9 -11.53 4.12 -4.72
CA GLN A 9 -11.09 3.35 -5.88
C GLN A 9 -11.99 3.57 -7.10
N LYS A 10 -13.24 3.98 -6.90
CA LYS A 10 -14.10 4.23 -8.05
C LYS A 10 -13.73 5.50 -8.81
N LEU A 11 -12.91 6.38 -8.23
CA LEU A 11 -12.47 7.58 -8.96
C LEU A 11 -11.54 7.24 -10.12
N LEU A 12 -10.90 6.06 -10.09
CA LEU A 12 -10.08 5.63 -11.21
C LEU A 12 -10.92 5.50 -12.47
N ILE A 13 -12.14 4.98 -12.34
CA ILE A 13 -13.05 4.90 -13.48
C ILE A 13 -13.33 6.30 -14.01
N THR A 14 -13.58 7.26 -13.12
CA THR A 14 -13.85 8.63 -13.56
C THR A 14 -12.69 9.19 -14.36
N VAL A 15 -11.46 9.01 -13.87
CA VAL A 15 -10.30 9.56 -14.55
C VAL A 15 -10.08 8.88 -15.91
N ALA A 16 -10.17 7.55 -15.93
CA ALA A 16 -9.95 6.83 -17.19
C ALA A 16 -11.03 7.18 -18.21
N ALA A 17 -12.27 7.34 -17.76
CA ALA A 17 -13.34 7.74 -18.66
C ALA A 17 -13.18 9.16 -19.16
N ASP A 18 -12.63 10.06 -18.33
CA ASP A 18 -12.32 11.40 -18.81
C ASP A 18 -11.27 11.34 -19.91
N VAL A 19 -10.23 10.52 -19.72
CA VAL A 19 -9.22 10.33 -20.76
C VAL A 19 -9.87 9.81 -22.04
N ALA A 20 -10.73 8.79 -21.90
CA ALA A 20 -11.37 8.21 -23.08
C ALA A 20 -12.27 9.22 -23.78
N ARG A 21 -13.00 10.02 -23.02
CA ARG A 21 -13.90 11.03 -23.60
C ARG A 21 -13.11 12.10 -24.35
N ARG A 22 -12.00 12.55 -23.78
CA ARG A 22 -11.16 13.52 -24.49
C ARG A 22 -10.60 12.93 -25.77
N ARG A 23 -10.15 11.67 -25.73
CA ARG A 23 -9.61 11.06 -26.93
C ARG A 23 -10.68 10.85 -27.99
N LEU A 24 -11.90 10.48 -27.57
CA LEU A 24 -13.00 10.36 -28.51
C LEU A 24 -13.34 11.71 -29.13
N ALA A 25 -13.27 12.78 -28.36
CA ALA A 25 -13.56 14.11 -28.88
C ALA A 25 -12.57 14.52 -29.96
N ARG A 26 -11.36 13.97 -29.94
CA ARG A 26 -10.35 14.26 -30.95
C ARG A 26 -10.53 13.42 -32.21
N GLY A 27 -11.52 12.53 -32.25
CA GLY A 27 -11.72 11.66 -33.39
C GLY A 27 -10.92 10.39 -33.36
N LEU A 28 -10.40 9.98 -32.20
CA LEU A 28 -9.64 8.76 -32.08
C LEU A 28 -10.57 7.57 -31.88
N LYS A 29 -10.17 6.43 -32.43
CA LYS A 29 -10.91 5.18 -32.22
C LYS A 29 -10.47 4.56 -30.90
N LEU A 30 -11.43 4.32 -30.01
CA LEU A 30 -11.12 3.89 -28.65
C LEU A 30 -10.63 2.45 -28.61
N ASN A 31 -9.72 2.17 -27.68
CA ASN A 31 -9.23 0.82 -27.46
C ASN A 31 -10.12 0.12 -26.43
N TYR A 32 -9.69 -1.05 -25.96
CA TYR A 32 -10.51 -1.84 -25.04
C TYR A 32 -10.75 -1.10 -23.72
N SER A 33 -9.67 -0.65 -23.08
CA SER A 33 -9.79 -0.04 -21.76
C SER A 33 -10.56 1.26 -21.81
N GLU A 34 -10.30 2.09 -22.83
CA GLU A 34 -11.02 3.37 -22.95
C GLU A 34 -12.51 3.13 -23.13
N ALA A 35 -12.89 2.18 -23.99
CA ALA A 35 -14.30 1.89 -24.21
C ALA A 35 -14.96 1.39 -22.93
N VAL A 36 -14.29 0.46 -22.24
CA VAL A 36 -14.85 -0.08 -21.00
C VAL A 36 -15.05 1.03 -19.97
N ALA A 37 -14.05 1.90 -19.81
CA ALA A 37 -14.15 2.99 -18.85
C ALA A 37 -15.29 3.94 -19.21
N LEU A 38 -15.42 4.28 -20.50
CA LEU A 38 -16.48 5.20 -20.90
C LEU A 38 -17.87 4.62 -20.64
N ILE A 39 -18.07 3.34 -20.98
CA ILE A 39 -19.37 2.72 -20.73
C ILE A 39 -19.65 2.62 -19.23
N THR A 40 -18.63 2.27 -18.45
CA THR A 40 -18.82 2.19 -16.99
C THR A 40 -19.18 3.55 -16.41
N ASP A 41 -18.53 4.62 -16.88
CA ASP A 41 -18.85 5.95 -16.39
C ASP A 41 -20.27 6.35 -16.76
N HIS A 42 -20.71 6.01 -17.98
CA HIS A 42 -22.10 6.25 -18.35
C HIS A 42 -23.05 5.56 -17.38
N VAL A 43 -22.76 4.29 -17.07
CA VAL A 43 -23.63 3.53 -16.16
C VAL A 43 -23.64 4.17 -14.76
N MET A 44 -22.47 4.55 -14.26
CA MET A 44 -22.38 5.13 -12.93
C MET A 44 -23.13 6.44 -12.84
N GLU A 45 -22.96 7.31 -13.84
CA GLU A 45 -23.66 8.59 -13.81
C GLU A 45 -25.16 8.42 -13.98
N GLY A 46 -25.59 7.45 -14.80
CA GLY A 46 -27.01 7.17 -14.92
C GLY A 46 -27.61 6.64 -13.62
N ALA A 47 -26.86 5.80 -12.91
CA ALA A 47 -27.33 5.32 -11.61
C ALA A 47 -27.42 6.46 -10.60
N ARG A 48 -26.44 7.38 -10.62
CA ARG A 48 -26.53 8.55 -9.76
C ARG A 48 -27.73 9.41 -10.12
N ASP A 49 -28.07 9.49 -11.40
CA ASP A 49 -29.23 10.28 -11.84
C ASP A 49 -30.53 9.73 -11.27
N GLY A 50 -30.61 8.43 -11.07
CA GLY A 50 -31.82 7.78 -10.60
C GLY A 50 -32.50 6.85 -11.59
N LYS A 51 -31.81 6.43 -12.65
CA LYS A 51 -32.38 5.51 -13.61
C LYS A 51 -32.57 4.13 -12.99
N LEU A 52 -33.47 3.35 -13.59
CA LEU A 52 -33.64 1.96 -13.20
C LEU A 52 -32.48 1.12 -13.75
N VAL A 53 -32.25 -0.02 -13.10
CA VAL A 53 -31.13 -0.89 -13.51
C VAL A 53 -31.33 -1.36 -14.95
N ALA A 54 -32.54 -1.82 -15.28
CA ALA A 54 -32.80 -2.34 -16.62
C ALA A 54 -32.61 -1.25 -17.68
N ASP A 55 -33.04 -0.04 -17.37
CA ASP A 55 -32.83 1.09 -18.29
C ASP A 55 -31.34 1.27 -18.57
N LEU A 56 -30.49 1.15 -17.54
CA LEU A 56 -29.06 1.30 -17.75
C LEU A 56 -28.48 0.13 -18.54
N MET A 57 -28.92 -1.10 -18.26
CA MET A 57 -28.47 -2.23 -19.06
C MET A 57 -28.80 -2.05 -20.53
N GLN A 58 -29.94 -1.41 -20.83
CA GLN A 58 -30.29 -1.20 -22.23
C GLN A 58 -29.61 0.02 -22.84
N SER A 59 -29.37 1.07 -22.05
CA SER A 59 -28.85 2.31 -22.59
C SER A 59 -27.32 2.39 -22.62
N ALA A 60 -26.63 1.52 -21.87
CA ALA A 60 -25.18 1.47 -21.96
C ALA A 60 -24.71 0.86 -23.27
N ARG A 61 -25.61 0.26 -24.05
CA ARG A 61 -25.27 -0.32 -25.34
C ARG A 61 -25.31 0.69 -26.48
N GLU A 62 -25.65 1.95 -26.18
CA GLU A 62 -25.70 3.00 -27.19
C GLU A 62 -24.61 4.05 -26.98
N VAL A 63 -23.68 3.82 -26.04
CA VAL A 63 -22.62 4.78 -25.80
C VAL A 63 -21.62 4.80 -26.95
N LEU A 64 -21.24 3.62 -27.45
CA LEU A 64 -20.21 3.52 -28.47
C LEU A 64 -20.68 2.61 -29.59
N ARG A 65 -20.41 3.02 -30.82
CA ARG A 65 -20.67 2.21 -32.00
C ARG A 65 -19.44 1.42 -32.39
N VAL A 66 -19.62 0.50 -33.34
CA VAL A 66 -18.50 -0.34 -33.79
C VAL A 66 -17.45 0.51 -34.47
N ASP A 67 -17.86 1.54 -35.21
CA ASP A 67 -16.92 2.38 -35.93
C ASP A 67 -16.18 3.39 -35.05
N GLN A 68 -16.54 3.50 -33.78
CA GLN A 68 -15.86 4.41 -32.87
C GLN A 68 -14.74 3.75 -32.08
N VAL A 69 -14.48 2.46 -32.32
CA VAL A 69 -13.45 1.72 -31.60
C VAL A 69 -12.54 1.03 -32.60
N MET A 70 -11.37 0.65 -32.12
N MET A 70 -11.36 0.64 -32.12
CA MET A 70 -10.41 -0.06 -32.96
CA MET A 70 -10.41 -0.06 -32.96
C MET A 70 -10.95 -1.43 -33.36
C MET A 70 -10.95 -1.44 -33.34
N GLU A 71 -10.43 -1.96 -34.46
CA GLU A 71 -10.87 -3.26 -34.97
C GLU A 71 -10.68 -4.35 -33.93
N GLY A 72 -11.74 -5.13 -33.70
CA GLY A 72 -11.71 -6.22 -32.75
C GLY A 72 -12.11 -5.86 -31.34
N VAL A 73 -12.16 -4.57 -31.00
CA VAL A 73 -12.52 -4.17 -29.64
C VAL A 73 -13.97 -4.54 -29.33
N ASP A 74 -14.86 -4.40 -30.32
CA ASP A 74 -16.27 -4.70 -30.10
C ASP A 74 -16.47 -6.18 -29.75
N THR A 75 -15.69 -7.07 -30.36
CA THR A 75 -15.72 -8.47 -29.98
C THR A 75 -15.01 -8.74 -28.66
N MET A 76 -14.10 -7.85 -28.25
CA MET A 76 -13.36 -8.03 -27.01
C MET A 76 -14.21 -7.71 -25.79
N VAL A 77 -15.11 -6.73 -25.90
CA VAL A 77 -15.93 -6.30 -24.76
C VAL A 77 -17.20 -7.14 -24.79
N SER A 78 -17.12 -8.32 -24.18
CA SER A 78 -18.30 -9.19 -24.12
C SER A 78 -19.28 -8.73 -23.05
N ILE A 79 -18.79 -8.24 -21.91
CA ILE A 79 -19.64 -7.87 -20.80
C ILE A 79 -18.91 -6.84 -19.96
N ILE A 80 -19.68 -5.90 -19.39
CA ILE A 80 -19.17 -4.91 -18.45
C ILE A 80 -20.07 -4.92 -17.22
N GLN A 81 -19.48 -5.01 -16.04
CA GLN A 81 -20.26 -5.10 -14.81
C GLN A 81 -19.76 -4.09 -13.80
N VAL A 82 -20.69 -3.40 -13.15
CA VAL A 82 -20.32 -2.38 -12.15
C VAL A 82 -21.48 -2.22 -11.18
N GLU A 83 -21.15 -1.95 -9.92
CA GLU A 83 -22.13 -1.75 -8.87
C GLU A 83 -22.14 -0.30 -8.44
N VAL A 84 -23.33 0.31 -8.37
CA VAL A 84 -23.48 1.71 -8.06
C VAL A 84 -24.58 1.89 -7.02
N THR A 85 -24.56 3.05 -6.36
CA THR A 85 -25.55 3.39 -5.35
C THR A 85 -26.76 4.04 -6.03
N PHE A 86 -27.77 3.22 -6.31
CA PHE A 86 -29.06 3.71 -6.78
C PHE A 86 -29.81 4.32 -5.61
N PRO A 87 -30.89 5.07 -5.88
CA PRO A 87 -31.70 5.61 -4.77
C PRO A 87 -32.09 4.58 -3.72
N ASP A 88 -32.21 3.30 -4.09
CA ASP A 88 -32.64 2.26 -3.17
C ASP A 88 -31.48 1.42 -2.65
N GLY A 89 -30.24 1.88 -2.81
CA GLY A 89 -29.08 1.17 -2.32
C GLY A 89 -28.18 0.69 -3.45
N THR A 90 -27.17 -0.09 -3.06
CA THR A 90 -26.20 -0.57 -4.06
C THR A 90 -26.82 -1.65 -4.92
N LYS A 91 -26.65 -1.52 -6.24
CA LYS A 91 -27.16 -2.48 -7.20
C LYS A 91 -26.09 -2.74 -8.26
N LEU A 92 -26.17 -3.94 -8.86
CA LEU A 92 -25.25 -4.36 -9.91
C LEU A 92 -25.90 -4.14 -11.27
N VAL A 93 -25.13 -3.58 -12.20
CA VAL A 93 -25.54 -3.39 -13.59
C VAL A 93 -24.57 -4.16 -14.47
N SER A 94 -25.12 -5.03 -15.32
CA SER A 94 -24.35 -5.81 -16.27
C SER A 94 -24.81 -5.47 -17.68
N VAL A 95 -23.85 -5.10 -18.53
CA VAL A 95 -24.10 -4.75 -19.92
C VAL A 95 -23.51 -5.84 -20.79
N HIS A 96 -24.34 -6.45 -21.63
CA HIS A 96 -23.93 -7.54 -22.50
C HIS A 96 -23.73 -7.01 -23.92
N ASP A 97 -22.56 -7.28 -24.48
CA ASP A 97 -22.18 -6.82 -25.82
C ASP A 97 -22.52 -5.34 -26.03
N PRO A 98 -21.95 -4.45 -25.22
CA PRO A 98 -22.34 -3.03 -25.33
C PRO A 98 -21.99 -2.38 -26.67
N ILE A 99 -20.97 -2.87 -27.36
CA ILE A 99 -20.50 -2.24 -28.60
C ILE A 99 -21.01 -3.10 -29.75
N TYR A 100 -22.17 -2.71 -30.28
CA TYR A 100 -22.78 -3.36 -31.44
C TYR A 100 -23.27 -2.27 -32.39
N LYS A 101 -23.61 -2.70 -33.60
CA LYS A 101 -24.11 -1.84 -34.70
C LYS A 101 -23.31 -0.55 -34.93
N GLY B 11 -10.06 -11.05 -43.38
CA GLY B 11 -11.31 -10.51 -42.90
C GLY B 11 -11.16 -9.66 -41.66
N LYS B 12 -12.23 -9.60 -40.86
CA LYS B 12 -12.18 -8.82 -39.63
C LYS B 12 -11.21 -9.44 -38.63
N LEU B 13 -10.34 -8.60 -38.08
CA LEU B 13 -9.35 -9.07 -37.11
C LEU B 13 -10.02 -9.22 -35.75
N VAL B 14 -10.20 -10.46 -35.32
CA VAL B 14 -10.80 -10.78 -34.02
C VAL B 14 -9.69 -11.30 -33.11
N PRO B 15 -9.29 -10.55 -32.09
CA PRO B 15 -8.27 -11.07 -31.15
C PRO B 15 -8.74 -12.34 -30.47
N GLY B 16 -7.83 -13.30 -30.35
CA GLY B 16 -8.18 -14.59 -29.77
C GLY B 16 -9.20 -15.37 -30.57
N ALA B 17 -9.20 -15.21 -31.89
CA ALA B 17 -10.12 -15.95 -32.73
C ALA B 17 -9.80 -17.44 -32.70
N ILE B 18 -10.83 -18.24 -32.97
CA ILE B 18 -10.71 -19.70 -32.95
C ILE B 18 -10.95 -20.22 -34.35
N ASN B 19 -10.06 -21.09 -34.82
CA ASN B 19 -10.23 -21.81 -36.08
C ASN B 19 -10.47 -23.28 -35.76
N PHE B 20 -11.60 -23.80 -36.20
CA PHE B 20 -11.99 -25.18 -35.89
C PHE B 20 -11.49 -26.14 -36.96
N ALA B 21 -11.22 -27.37 -36.53
CA ALA B 21 -10.83 -28.43 -37.45
C ALA B 21 -12.08 -29.01 -38.13
N SER B 22 -11.87 -29.90 -39.08
CA SER B 22 -12.94 -30.54 -39.81
C SER B 22 -13.30 -31.87 -39.17
N GLY B 23 -14.59 -32.09 -38.94
CA GLY B 23 -15.05 -33.33 -38.36
C GLY B 23 -15.76 -33.17 -37.04
N GLU B 24 -16.50 -34.20 -36.62
CA GLU B 24 -17.22 -34.20 -35.36
C GLU B 24 -16.43 -34.97 -34.31
N ILE B 25 -16.84 -34.78 -33.05
CA ILE B 25 -16.19 -35.41 -31.91
C ILE B 25 -17.13 -36.45 -31.32
N VAL B 26 -16.60 -37.64 -31.07
CA VAL B 26 -17.36 -38.76 -30.52
C VAL B 26 -17.11 -38.82 -29.02
N MET B 27 -18.17 -38.64 -28.24
CA MET B 27 -18.10 -38.74 -26.79
C MET B 27 -18.49 -40.15 -26.34
N ASN B 28 -17.78 -40.64 -25.33
CA ASN B 28 -18.03 -41.97 -24.76
C ASN B 28 -18.00 -43.05 -25.85
N GLU B 29 -16.94 -43.02 -26.64
CA GLU B 29 -16.79 -44.00 -27.71
C GLU B 29 -16.60 -45.40 -27.13
N GLY B 30 -17.27 -46.38 -27.72
CA GLY B 30 -17.18 -47.74 -27.28
C GLY B 30 -18.05 -48.10 -26.09
N ARG B 31 -18.83 -47.15 -25.58
CA ARG B 31 -19.71 -47.38 -24.43
C ARG B 31 -21.14 -47.41 -24.93
N GLU B 32 -21.65 -48.62 -25.17
CA GLU B 32 -23.00 -48.76 -25.71
C GLU B 32 -24.03 -48.23 -24.72
N ALA B 33 -25.00 -47.49 -25.25
CA ALA B 33 -26.01 -46.82 -24.44
C ALA B 33 -27.36 -47.52 -24.56
N LYS B 34 -28.17 -47.38 -23.51
CA LYS B 34 -29.51 -47.92 -23.48
C LYS B 34 -30.51 -46.77 -23.34
N VAL B 35 -31.63 -46.88 -24.06
CA VAL B 35 -32.66 -45.85 -24.07
C VAL B 35 -33.74 -46.26 -23.07
N ILE B 36 -33.97 -45.41 -22.07
CA ILE B 36 -34.97 -45.63 -21.03
C ILE B 36 -35.81 -44.37 -20.90
N SER B 37 -36.75 -44.39 -19.95
CA SER B 37 -37.61 -43.24 -19.70
C SER B 37 -37.56 -42.88 -18.22
N ILE B 38 -37.66 -41.59 -17.94
CA ILE B 38 -37.71 -41.08 -16.56
C ILE B 38 -38.87 -40.11 -16.46
N LYS B 39 -39.68 -40.27 -15.41
CA LYS B 39 -40.85 -39.43 -15.19
C LYS B 39 -40.77 -38.79 -13.81
N ASN B 40 -41.01 -37.49 -13.75
CA ASN B 40 -41.07 -36.76 -12.48
C ASN B 40 -42.50 -36.80 -11.95
N THR B 41 -42.67 -37.41 -10.78
CA THR B 41 -43.99 -37.50 -10.16
C THR B 41 -44.19 -36.51 -9.03
N GLY B 42 -43.14 -35.80 -8.62
CA GLY B 42 -43.27 -34.77 -7.61
C GLY B 42 -43.85 -33.49 -8.16
N ASP B 43 -44.09 -32.53 -7.26
CA ASP B 43 -44.65 -31.24 -7.62
C ASP B 43 -43.60 -30.14 -7.71
N ARG B 44 -42.32 -30.51 -7.80
CA ARG B 44 -41.22 -29.56 -7.92
C ARG B 44 -40.24 -30.08 -8.95
N PRO B 45 -39.54 -29.18 -9.66
CA PRO B 45 -38.65 -29.62 -10.73
C PRO B 45 -37.41 -30.32 -10.20
N ILE B 46 -36.93 -31.29 -10.97
CA ILE B 46 -35.72 -32.04 -10.66
C ILE B 46 -34.75 -31.86 -11.81
N GLN B 47 -33.46 -31.86 -11.50
CA GLN B 47 -32.45 -31.77 -12.54
C GLN B 47 -31.25 -32.62 -12.14
N VAL B 48 -30.81 -33.50 -13.03
CA VAL B 48 -29.82 -34.52 -12.73
C VAL B 48 -28.62 -34.34 -13.63
N GLY B 49 -27.41 -34.36 -13.05
CA GLY B 49 -26.19 -34.17 -13.79
C GLY B 49 -25.76 -35.42 -14.55
N SER B 50 -24.66 -35.26 -15.29
CA SER B 50 -24.22 -36.33 -16.19
C SER B 50 -23.64 -37.51 -15.43
N HIS B 51 -22.94 -37.26 -14.32
CA HIS B 51 -22.23 -38.31 -13.60
C HIS B 51 -22.89 -38.70 -12.29
N PHE B 52 -24.10 -38.22 -12.03
CA PHE B 52 -24.84 -38.64 -10.85
C PHE B 52 -25.28 -40.08 -11.00
N HIS B 53 -25.04 -40.89 -9.97
CA HIS B 53 -25.48 -42.28 -9.98
C HIS B 53 -26.99 -42.34 -10.04
N LEU B 54 -27.53 -42.77 -11.18
CA LEU B 54 -28.98 -42.67 -11.42
C LEU B 54 -29.79 -43.54 -10.47
N PHE B 55 -29.16 -44.55 -9.87
CA PHE B 55 -29.85 -45.39 -8.88
C PHE B 55 -30.20 -44.63 -7.61
N GLU B 56 -29.58 -43.47 -7.38
CA GLU B 56 -29.72 -42.74 -6.12
C GLU B 56 -30.37 -41.37 -6.30
N VAL B 57 -31.03 -41.14 -7.43
CA VAL B 57 -31.69 -39.86 -7.69
C VAL B 57 -32.92 -39.70 -6.80
N ASN B 58 -33.50 -38.51 -6.81
CA ASN B 58 -34.71 -38.21 -6.03
C ASN B 58 -35.74 -39.32 -6.19
N SER B 59 -36.35 -39.69 -5.06
CA SER B 59 -37.32 -40.79 -5.05
C SER B 59 -38.57 -40.46 -5.85
N ALA B 60 -38.81 -39.19 -6.18
CA ALA B 60 -39.96 -38.83 -6.99
C ALA B 60 -39.78 -39.22 -8.45
N LEU B 61 -38.55 -39.49 -8.88
CA LEU B 61 -38.31 -39.95 -10.24
C LEU B 61 -38.68 -41.42 -10.38
N VAL B 62 -39.40 -41.75 -11.45
CA VAL B 62 -39.83 -43.11 -11.74
C VAL B 62 -39.20 -43.54 -13.05
N PHE B 63 -38.56 -44.69 -13.05
CA PHE B 63 -37.83 -45.19 -14.20
C PHE B 63 -38.69 -46.17 -15.00
N PHE B 64 -38.45 -46.19 -16.31
CA PHE B 64 -39.11 -47.11 -17.23
C PHE B 64 -38.03 -47.74 -18.10
N ASP B 65 -38.00 -49.07 -18.14
CA ASP B 65 -36.92 -49.80 -18.79
C ASP B 65 -36.99 -49.63 -20.31
N GLU B 66 -36.08 -50.33 -21.00
CA GLU B 66 -35.97 -50.19 -22.44
C GLU B 66 -37.21 -50.68 -23.17
N LYS B 67 -38.05 -51.48 -22.52
CA LYS B 67 -39.31 -51.94 -23.09
C LYS B 67 -40.49 -51.06 -22.73
N GLY B 68 -40.27 -50.01 -21.93
CA GLY B 68 -41.33 -49.11 -21.53
C GLY B 68 -42.04 -49.46 -20.25
N ASN B 69 -41.72 -50.60 -19.63
CA ASN B 69 -42.39 -51.01 -18.41
C ASN B 69 -41.73 -50.34 -17.20
N GLU B 70 -42.56 -49.98 -16.22
CA GLU B 70 -42.05 -49.30 -15.03
C GLU B 70 -41.12 -50.22 -14.25
N ASP B 71 -40.05 -49.62 -13.72
CA ASP B 71 -39.01 -50.33 -12.97
C ASP B 71 -39.02 -49.76 -11.55
N LYS B 72 -39.71 -50.44 -10.64
CA LYS B 72 -39.88 -49.90 -9.29
C LYS B 72 -38.60 -50.01 -8.46
N GLU B 73 -37.78 -51.01 -8.71
CA GLU B 73 -36.53 -51.19 -7.98
C GLU B 73 -35.33 -50.56 -8.67
N ARG B 74 -35.55 -49.88 -9.80
CA ARG B 74 -34.49 -49.14 -10.50
C ARG B 74 -33.34 -50.06 -10.91
N LYS B 75 -33.66 -51.29 -11.29
CA LYS B 75 -32.64 -52.23 -11.73
C LYS B 75 -31.96 -51.78 -13.01
N VAL B 76 -32.63 -50.98 -13.84
CA VAL B 76 -32.00 -50.46 -15.04
C VAL B 76 -31.06 -49.30 -14.73
N ALA B 77 -31.25 -48.62 -13.61
CA ALA B 77 -30.43 -47.46 -13.25
C ALA B 77 -29.23 -47.82 -12.39
N TYR B 78 -29.07 -49.09 -12.00
CA TYR B 78 -27.99 -49.47 -11.11
C TYR B 78 -26.66 -49.45 -11.85
N GLY B 79 -25.71 -48.68 -11.32
CA GLY B 79 -24.38 -48.63 -11.90
C GLY B 79 -24.28 -47.87 -13.20
N ARG B 80 -25.22 -46.98 -13.50
CA ARG B 80 -25.25 -46.27 -14.77
C ARG B 80 -25.47 -44.78 -14.54
N ARG B 81 -25.06 -44.00 -15.55
CA ARG B 81 -25.20 -42.55 -15.55
C ARG B 81 -25.73 -42.11 -16.91
N PHE B 82 -26.07 -40.83 -17.01
CA PHE B 82 -26.56 -40.28 -18.27
C PHE B 82 -25.45 -40.25 -19.32
N ASP B 83 -25.84 -40.51 -20.57
CA ASP B 83 -24.91 -40.45 -21.69
C ASP B 83 -25.03 -39.08 -22.35
N ILE B 84 -24.62 -38.07 -21.60
CA ILE B 84 -24.70 -36.67 -22.02
C ILE B 84 -23.36 -36.01 -21.77
N PRO B 85 -23.09 -34.87 -22.41
CA PRO B 85 -21.78 -34.22 -22.23
C PRO B 85 -21.49 -33.95 -20.76
N SER B 86 -20.24 -34.21 -20.37
CA SER B 86 -19.83 -34.06 -18.98
C SER B 86 -20.07 -32.64 -18.49
N GLY B 87 -20.67 -32.51 -17.31
CA GLY B 87 -20.97 -31.23 -16.73
C GLY B 87 -22.33 -30.67 -17.07
N THR B 88 -23.03 -31.27 -18.02
CA THR B 88 -24.39 -30.83 -18.36
C THR B 88 -25.39 -31.56 -17.46
N ALA B 89 -26.68 -31.36 -17.72
CA ALA B 89 -27.71 -31.96 -16.89
C ALA B 89 -28.99 -32.10 -17.71
N ILE B 90 -29.91 -32.90 -17.18
CA ILE B 90 -31.22 -33.12 -17.77
C ILE B 90 -32.27 -32.69 -16.76
N ARG B 91 -33.26 -31.92 -17.22
CA ARG B 91 -34.26 -31.32 -16.36
C ARG B 91 -35.61 -32.00 -16.57
N PHE B 92 -36.29 -32.31 -15.48
CA PHE B 92 -37.63 -32.91 -15.49
C PHE B 92 -38.55 -32.00 -14.69
N GLU B 93 -39.49 -31.36 -15.37
CA GLU B 93 -40.52 -30.59 -14.71
C GLU B 93 -41.55 -31.53 -14.06
N PRO B 94 -42.32 -31.04 -13.10
CA PRO B 94 -43.35 -31.89 -12.48
C PRO B 94 -44.32 -32.44 -13.53
N GLY B 95 -44.53 -33.75 -13.49
CA GLY B 95 -45.41 -34.41 -14.43
C GLY B 95 -44.80 -34.73 -15.78
N ASP B 96 -43.53 -34.43 -15.99
CA ASP B 96 -42.89 -34.62 -17.29
C ASP B 96 -42.22 -35.98 -17.37
N LYS B 97 -42.24 -36.56 -18.57
CA LYS B 97 -41.66 -37.87 -18.83
C LYS B 97 -40.79 -37.79 -20.07
N LYS B 98 -39.49 -38.04 -19.90
CA LYS B 98 -38.51 -37.88 -20.96
C LYS B 98 -37.81 -39.20 -21.27
N GLU B 99 -37.53 -39.42 -22.55
CA GLU B 99 -36.64 -40.49 -22.97
C GLU B 99 -35.20 -40.03 -22.81
N VAL B 100 -34.36 -40.89 -22.22
CA VAL B 100 -32.97 -40.57 -21.95
C VAL B 100 -32.09 -41.75 -22.33
N SER B 101 -30.81 -41.46 -22.50
CA SER B 101 -29.80 -42.45 -22.86
C SER B 101 -28.84 -42.61 -21.70
N ILE B 102 -28.54 -43.86 -21.33
CA ILE B 102 -27.73 -44.15 -20.17
C ILE B 102 -26.59 -45.11 -20.55
N ILE B 103 -25.50 -45.05 -19.78
CA ILE B 103 -24.34 -45.90 -19.99
C ILE B 103 -23.81 -46.35 -18.64
N ASP B 104 -23.15 -47.51 -18.64
CA ASP B 104 -22.57 -48.04 -17.41
C ASP B 104 -21.40 -47.20 -16.92
N LEU B 105 -21.23 -47.16 -15.61
CA LEU B 105 -20.08 -46.49 -15.02
C LEU B 105 -18.80 -47.29 -15.30
N ALA B 106 -17.68 -46.58 -15.23
CA ALA B 106 -16.37 -47.13 -15.59
C ALA B 106 -15.46 -47.10 -14.37
N GLY B 107 -14.18 -47.41 -14.59
CA GLY B 107 -13.22 -47.41 -13.51
C GLY B 107 -13.25 -48.71 -12.72
N THR B 108 -12.97 -48.59 -11.43
CA THR B 108 -13.12 -49.74 -10.53
C THR B 108 -14.57 -50.03 -10.20
N ARG B 109 -15.50 -49.18 -10.64
CA ARG B 109 -16.94 -49.36 -10.48
C ARG B 109 -17.31 -49.50 -9.00
N GLU B 110 -16.94 -48.47 -8.24
CA GLU B 110 -17.38 -48.29 -6.86
C GLU B 110 -18.02 -46.93 -6.73
N VAL B 111 -19.13 -46.87 -5.99
CA VAL B 111 -19.83 -45.62 -5.71
C VAL B 111 -19.76 -45.39 -4.21
N TRP B 112 -19.15 -44.27 -3.82
CA TRP B 112 -19.02 -43.87 -2.43
C TRP B 112 -19.61 -42.49 -2.27
N GLY B 113 -20.51 -42.33 -1.31
CA GLY B 113 -21.18 -41.06 -1.08
C GLY B 113 -22.53 -41.03 -1.78
N VAL B 114 -22.77 -39.96 -2.55
CA VAL B 114 -24.06 -39.69 -3.18
C VAL B 114 -25.13 -39.76 -2.09
N ASN B 115 -26.04 -40.72 -2.20
CA ASN B 115 -27.08 -40.90 -1.19
C ASN B 115 -26.74 -42.02 -0.21
N GLY B 116 -25.53 -42.56 -0.27
CA GLY B 116 -25.14 -43.63 0.63
C GLY B 116 -25.83 -44.94 0.37
N LEU B 117 -26.39 -45.13 -0.81
CA LEU B 117 -27.13 -46.36 -1.11
C LEU B 117 -26.20 -47.52 -1.45
N VAL B 118 -25.00 -47.23 -1.95
CA VAL B 118 -24.01 -48.26 -2.27
C VAL B 118 -22.84 -48.22 -1.29
N ASN B 119 -22.10 -47.10 -1.28
CA ASN B 119 -20.93 -46.92 -0.42
C ASN B 119 -19.98 -48.13 -0.52
N GLY B 120 -19.66 -48.50 -1.75
CA GLY B 120 -18.78 -49.63 -1.98
C GLY B 120 -18.82 -50.07 -3.43
N LYS B 121 -18.33 -51.27 -3.67
CA LYS B 121 -18.31 -51.82 -5.01
C LYS B 121 -19.73 -52.13 -5.49
N LEU B 122 -20.00 -51.80 -6.75
CA LEU B 122 -21.27 -52.17 -7.36
C LEU B 122 -21.35 -53.69 -7.52
N LYS B 123 -22.54 -54.24 -7.24
CA LYS B 123 -22.72 -55.68 -7.32
C LYS B 123 -22.61 -56.16 -8.77
N LYS B 124 -21.79 -57.18 -8.99
CA LYS B 124 -21.55 -57.69 -10.33
C LYS B 124 -22.55 -58.79 -10.69
N MET C 1 -24.98 21.88 44.65
CA MET C 1 -26.13 21.40 43.88
C MET C 1 -26.63 22.51 42.96
N PHE C 2 -26.95 22.16 41.72
CA PHE C 2 -27.50 23.09 40.76
C PHE C 2 -28.29 22.30 39.73
N LYS C 3 -28.82 23.01 38.73
CA LYS C 3 -29.65 22.40 37.71
C LYS C 3 -29.16 22.83 36.33
N ILE C 4 -29.34 21.93 35.36
CA ILE C 4 -28.89 22.16 33.99
C ILE C 4 -29.97 21.64 33.05
N SER C 5 -30.13 22.33 31.92
CA SER C 5 -31.06 21.87 30.90
C SER C 5 -30.48 20.68 30.14
N ARG C 6 -31.37 19.90 29.53
CA ARG C 6 -30.93 18.72 28.80
C ARG C 6 -30.10 19.10 27.58
N LYS C 7 -30.38 20.23 26.95
CA LYS C 7 -29.62 20.67 25.79
C LYS C 7 -28.17 20.94 26.15
N ASN C 8 -27.93 21.72 27.23
CA ASN C 8 -26.57 22.00 27.65
C ASN C 8 -25.86 20.75 28.15
N TYR C 9 -26.59 19.89 28.86
CA TYR C 9 -26.00 18.62 29.30
C TYR C 9 -25.55 17.78 28.12
N SER C 10 -26.40 17.68 27.08
CA SER C 10 -26.03 16.94 25.89
C SER C 10 -24.86 17.58 25.16
N ASP C 11 -24.79 18.91 25.18
CA ASP C 11 -23.63 19.59 24.62
C ASP C 11 -22.36 19.19 25.35
N LEU C 12 -22.43 19.10 26.68
CA LEU C 12 -21.24 18.79 27.47
C LEU C 12 -20.84 17.32 27.38
N TYR C 13 -21.79 16.40 27.46
CA TYR C 13 -21.47 14.99 27.60
C TYR C 13 -22.29 14.05 26.73
N GLY C 14 -23.16 14.57 25.85
CA GLY C 14 -24.06 13.72 25.10
C GLY C 14 -25.38 13.50 25.84
N ILE C 15 -26.32 12.90 25.12
CA ILE C 15 -27.68 12.76 25.65
C ILE C 15 -27.70 11.74 26.79
N THR C 16 -28.73 11.87 27.64
CA THR C 16 -28.87 11.02 28.82
C THR C 16 -30.25 10.38 28.86
N THR C 17 -30.59 9.76 30.00
CA THR C 17 -31.81 8.96 30.11
C THR C 17 -33.04 9.76 29.71
N GLY C 18 -33.88 9.15 28.87
CA GLY C 18 -35.08 9.77 28.36
C GLY C 18 -34.92 10.46 27.01
N ASP C 19 -33.70 10.86 26.66
CA ASP C 19 -33.47 11.49 25.37
C ASP C 19 -33.36 10.43 24.27
N SER C 20 -33.66 10.84 23.04
CA SER C 20 -33.65 9.95 21.90
C SER C 20 -32.81 10.55 20.78
N VAL C 21 -32.16 9.67 20.02
CA VAL C 21 -31.36 10.09 18.87
C VAL C 21 -31.73 9.23 17.67
N ARG C 22 -31.75 9.86 16.50
CA ARG C 22 -32.13 9.20 15.26
C ARG C 22 -30.92 8.50 14.64
N LEU C 23 -31.11 7.25 14.24
CA LEU C 23 -30.04 6.47 13.62
C LEU C 23 -29.89 6.92 12.18
N GLY C 24 -28.82 7.68 11.91
CA GLY C 24 -28.55 8.14 10.55
C GLY C 24 -29.69 8.96 9.99
N ASP C 25 -30.01 8.70 8.72
CA ASP C 25 -31.14 9.32 8.06
C ASP C 25 -32.33 8.37 7.94
N THR C 26 -32.37 7.31 8.75
CA THR C 26 -33.49 6.38 8.77
C THR C 26 -34.64 6.96 9.59
N ASN C 27 -35.72 6.20 9.68
CA ASN C 27 -36.87 6.55 10.51
C ASN C 27 -36.78 5.98 11.91
N LEU C 28 -35.61 5.48 12.32
CA LEU C 28 -35.45 4.78 13.59
C LEU C 28 -34.89 5.72 14.65
N TRP C 29 -35.42 5.59 15.86
CA TRP C 29 -34.98 6.34 17.03
C TRP C 29 -34.55 5.37 18.12
N VAL C 30 -33.49 5.71 18.85
CA VAL C 30 -33.09 4.96 20.03
C VAL C 30 -33.16 5.89 21.24
N LYS C 31 -33.73 5.40 22.33
CA LYS C 31 -33.91 6.16 23.55
C LYS C 31 -33.04 5.59 24.66
N VAL C 32 -32.40 6.48 25.41
CA VAL C 32 -31.47 6.09 26.47
C VAL C 32 -32.29 5.44 27.59
N GLU C 33 -32.07 4.14 27.80
CA GLU C 33 -32.82 3.41 28.82
C GLU C 33 -32.32 3.70 30.22
N LYS C 34 -31.01 3.91 30.38
CA LYS C 34 -30.44 4.18 31.70
C LYS C 34 -29.11 4.89 31.52
N ASP C 35 -28.66 5.54 32.59
CA ASP C 35 -27.37 6.22 32.62
C ASP C 35 -26.60 5.73 33.84
N LEU C 36 -25.40 5.23 33.63
CA LEU C 36 -24.58 4.66 34.69
C LEU C 36 -23.69 5.68 35.39
N THR C 37 -23.75 6.94 34.99
CA THR C 37 -22.92 7.97 35.60
C THR C 37 -23.64 8.60 36.79
N THR C 38 -22.91 9.39 37.55
CA THR C 38 -23.46 10.24 38.59
C THR C 38 -23.43 11.68 38.12
N TYR C 39 -24.59 12.34 38.14
CA TYR C 39 -24.70 13.69 37.60
C TYR C 39 -23.81 14.65 38.38
N GLY C 40 -23.01 15.43 37.67
CA GLY C 40 -22.03 16.29 38.28
C GLY C 40 -20.65 15.70 38.46
N GLU C 41 -20.48 14.42 38.13
CA GLU C 41 -19.18 13.75 38.28
C GLU C 41 -18.71 13.11 36.98
N GLU C 42 -19.23 13.57 35.83
CA GLU C 42 -18.88 12.97 34.55
C GLU C 42 -17.39 13.08 34.27
N SER C 43 -16.83 12.06 33.63
CA SER C 43 -15.43 12.02 33.27
C SER C 43 -15.25 12.62 31.88
N VAL C 44 -14.54 13.74 31.81
CA VAL C 44 -14.25 14.43 30.55
C VAL C 44 -12.76 14.76 30.52
N PHE C 45 -12.15 14.59 29.36
CA PHE C 45 -10.73 14.85 29.18
C PHE C 45 -10.53 16.13 28.38
N GLY C 46 -9.55 16.93 28.79
CA GLY C 46 -9.22 18.15 28.08
C GLY C 46 -8.48 19.11 28.97
N GLY C 47 -8.09 20.24 28.37
CA GLY C 47 -7.42 21.30 29.09
C GLY C 47 -8.28 21.87 30.20
N GLY C 48 -7.79 21.82 31.43
CA GLY C 48 -8.57 22.30 32.57
C GLY C 48 -9.86 21.55 32.78
N LYS C 49 -9.85 20.23 32.60
CA LYS C 49 -11.03 19.41 32.73
C LYS C 49 -10.85 18.38 33.85
N THR C 50 -11.81 17.45 33.95
CA THR C 50 -11.89 16.58 35.13
C THR C 50 -10.71 15.62 35.21
N LEU C 51 -10.35 14.99 34.10
CA LEU C 51 -9.39 13.88 34.12
C LEU C 51 -7.97 14.44 34.11
N ARG C 52 -7.53 14.87 35.27
CA ARG C 52 -6.18 15.38 35.47
C ARG C 52 -5.65 14.87 36.81
N GLU C 53 -4.32 14.90 36.94
CA GLU C 53 -3.63 14.30 38.08
C GLU C 53 -4.21 14.76 39.40
N GLY C 54 -4.75 13.82 40.16
CA GLY C 54 -5.25 14.07 41.49
C GLY C 54 -6.70 14.54 41.57
N MET C 55 -7.30 14.95 40.45
CA MET C 55 -8.68 15.44 40.45
C MET C 55 -9.65 14.39 39.95
N GLY C 56 -9.49 13.94 38.72
CA GLY C 56 -10.33 12.88 38.17
C GLY C 56 -9.51 11.65 37.84
N MET C 57 -8.23 11.85 37.60
CA MET C 57 -7.29 10.77 37.33
C MET C 57 -6.52 10.46 38.60
N ASN C 58 -6.58 9.20 39.03
CA ASN C 58 -5.83 8.77 40.21
C ASN C 58 -4.33 8.85 39.94
N SER C 59 -3.58 9.21 40.97
CA SER C 59 -2.15 9.47 40.83
C SER C 59 -1.27 8.52 41.64
N THR C 60 -1.85 7.57 42.38
CA THR C 60 -1.08 6.70 43.25
C THR C 60 -1.01 5.25 42.77
N MET C 61 -2.11 4.71 42.26
CA MET C 61 -2.16 3.30 41.92
C MET C 61 -1.37 3.00 40.65
N LYS C 62 -0.66 1.88 40.67
CA LYS C 62 0.04 1.40 39.49
C LYS C 62 -0.94 0.67 38.57
N LEU C 63 -0.45 0.34 37.37
CA LEU C 63 -1.31 -0.29 36.37
C LEU C 63 -1.90 -1.61 36.86
N ASP C 64 -1.15 -2.36 37.67
CA ASP C 64 -1.62 -3.64 38.18
C ASP C 64 -2.26 -3.53 39.56
N ASP C 65 -2.38 -2.33 40.11
CA ASP C 65 -2.96 -2.16 41.44
C ASP C 65 -4.48 -2.28 41.39
N LYS C 66 -5.07 -2.59 42.54
CA LYS C 66 -6.51 -2.73 42.66
C LYS C 66 -6.99 -2.04 43.92
N LEU C 67 -8.21 -1.51 43.86
CA LEU C 67 -8.90 -0.93 45.02
C LEU C 67 -10.30 -1.52 45.05
N GLY C 68 -10.48 -2.56 45.86
CA GLY C 68 -11.73 -3.31 45.80
C GLY C 68 -11.78 -4.09 44.50
N ASN C 69 -12.90 -3.98 43.79
CA ASN C 69 -13.05 -4.62 42.49
C ASN C 69 -12.59 -3.73 41.34
N ALA C 70 -12.25 -2.48 41.60
CA ALA C 70 -11.86 -1.57 40.53
C ALA C 70 -10.39 -1.73 40.17
N GLU C 71 -10.09 -1.56 38.89
CA GLU C 71 -8.74 -1.68 38.37
C GLU C 71 -8.41 -0.47 37.52
N VAL C 72 -7.12 -0.29 37.24
CA VAL C 72 -6.65 0.75 36.34
C VAL C 72 -6.74 0.23 34.90
N MET C 73 -7.40 1.00 34.05
CA MET C 73 -7.63 0.60 32.67
C MET C 73 -6.49 1.07 31.77
N ASP C 74 -6.28 0.33 30.68
CA ASP C 74 -5.41 0.82 29.61
C ASP C 74 -6.12 1.92 28.81
N LEU C 75 -7.40 1.73 28.51
CA LEU C 75 -8.16 2.71 27.76
C LEU C 75 -9.53 2.89 28.40
N VAL C 76 -10.03 4.12 28.40
CA VAL C 76 -11.37 4.42 28.89
C VAL C 76 -12.09 5.26 27.84
N ILE C 77 -13.21 4.77 27.34
CA ILE C 77 -14.10 5.53 26.47
C ILE C 77 -15.19 6.14 27.35
N THR C 78 -15.22 7.47 27.40
CA THR C 78 -16.11 8.18 28.30
C THR C 78 -17.41 8.56 27.60
N ASN C 79 -18.52 8.49 28.35
CA ASN C 79 -19.83 8.95 27.88
C ASN C 79 -20.25 8.25 26.60
N ALA C 80 -19.98 6.96 26.51
CA ALA C 80 -20.38 6.17 25.35
C ALA C 80 -21.87 5.86 25.40
N LEU C 81 -22.51 5.94 24.23
CA LEU C 81 -23.89 5.50 24.05
C LEU C 81 -23.84 4.10 23.47
N ILE C 82 -23.92 3.09 24.34
CA ILE C 82 -23.85 1.70 23.92
C ILE C 82 -25.21 1.28 23.36
N VAL C 83 -25.20 0.78 22.13
CA VAL C 83 -26.35 0.13 21.51
C VAL C 83 -25.99 -1.33 21.31
N ASP C 84 -26.66 -2.21 22.03
CA ASP C 84 -26.31 -3.62 22.08
C ASP C 84 -27.58 -4.42 22.31
N TYR C 85 -27.48 -5.73 22.10
CA TYR C 85 -28.61 -6.61 22.41
C TYR C 85 -28.91 -6.60 23.89
N THR C 86 -27.90 -6.34 24.73
CA THR C 86 -28.12 -6.23 26.17
C THR C 86 -28.92 -4.98 26.51
N GLY C 87 -28.71 -3.88 25.81
CA GLY C 87 -29.47 -2.68 26.07
C GLY C 87 -28.91 -1.49 25.31
N ILE C 88 -29.66 -0.39 25.39
CA ILE C 88 -29.26 0.89 24.83
C ILE C 88 -29.14 1.86 25.99
N TYR C 89 -27.92 2.31 26.29
CA TYR C 89 -27.71 3.05 27.52
C TYR C 89 -26.39 3.82 27.47
N LYS C 90 -26.27 4.78 28.37
CA LYS C 90 -25.09 5.62 28.48
C LYS C 90 -24.18 5.08 29.59
N ALA C 91 -22.89 4.90 29.27
CA ALA C 91 -21.93 4.41 30.24
C ALA C 91 -20.52 4.65 29.74
N ASP C 92 -19.57 4.52 30.65
CA ASP C 92 -18.15 4.50 30.31
C ASP C 92 -17.70 3.06 30.10
N ILE C 93 -16.77 2.88 29.16
CA ILE C 93 -16.24 1.56 28.83
C ILE C 93 -14.76 1.54 29.18
N GLY C 94 -14.36 0.59 30.02
CA GLY C 94 -12.96 0.45 30.37
C GLY C 94 -12.35 -0.82 29.82
N ILE C 95 -11.26 -0.66 29.06
CA ILE C 95 -10.59 -1.74 28.34
C ILE C 95 -9.21 -1.94 28.98
N LYS C 96 -8.91 -3.19 29.33
CA LYS C 96 -7.65 -3.58 29.92
C LYS C 96 -7.18 -4.88 29.26
N ASN C 97 -5.90 -4.92 28.88
CA ASN C 97 -5.30 -6.10 28.26
C ASN C 97 -6.03 -6.51 26.99
N GLY C 98 -6.57 -5.55 26.25
CA GLY C 98 -7.26 -5.84 25.01
C GLY C 98 -8.67 -6.36 25.14
N LYS C 99 -9.21 -6.42 26.36
CA LYS C 99 -10.56 -6.90 26.60
C LYS C 99 -11.37 -5.84 27.32
N ILE C 100 -12.70 -5.92 27.17
CA ILE C 100 -13.60 -5.02 27.88
C ILE C 100 -13.54 -5.41 29.36
N ALA C 101 -12.88 -4.59 30.16
CA ALA C 101 -12.70 -4.90 31.58
C ALA C 101 -13.88 -4.44 32.43
N ALA C 102 -14.49 -3.30 32.09
CA ALA C 102 -15.57 -2.78 32.91
C ALA C 102 -16.52 -1.94 32.07
N ILE C 103 -17.76 -1.84 32.54
CA ILE C 103 -18.75 -0.95 31.95
C ILE C 103 -19.47 -0.25 33.11
N GLY C 104 -19.28 1.06 33.23
CA GLY C 104 -19.85 1.80 34.32
C GLY C 104 -19.32 3.21 34.46
N LYS C 105 -18.92 3.59 35.67
CA LYS C 105 -18.47 4.94 35.98
C LYS C 105 -16.96 4.94 36.18
N SER C 106 -16.28 5.87 35.52
CA SER C 106 -14.84 6.02 35.61
C SER C 106 -14.48 7.27 36.40
N GLY C 107 -13.26 7.28 36.92
CA GLY C 107 -12.75 8.45 37.60
C GLY C 107 -11.74 8.06 38.66
N ASN C 108 -11.62 8.93 39.66
CA ASN C 108 -10.71 8.75 40.78
C ASN C 108 -11.50 8.43 42.03
N PRO C 109 -11.38 7.22 42.59
CA PRO C 109 -12.13 6.90 43.82
C PRO C 109 -11.73 7.77 45.01
N HIS C 110 -10.57 8.41 44.95
CA HIS C 110 -10.13 9.27 46.05
C HIS C 110 -11.04 10.47 46.22
N LEU C 111 -11.65 10.97 45.13
CA LEU C 111 -12.52 12.13 45.20
C LEU C 111 -13.96 11.87 44.77
N THR C 112 -14.26 10.71 44.19
CA THR C 112 -15.58 10.44 43.65
C THR C 112 -16.12 9.14 44.23
N ASP C 113 -17.44 9.10 44.43
CA ASP C 113 -18.13 7.93 44.96
C ASP C 113 -18.48 6.96 43.84
N ASN C 114 -18.48 5.67 44.18
CA ASN C 114 -18.97 4.61 43.29
C ASN C 114 -18.20 4.57 41.97
N VAL C 115 -16.89 4.47 42.06
CA VAL C 115 -16.02 4.36 40.89
C VAL C 115 -15.80 2.88 40.60
N ASP C 116 -16.17 2.45 39.40
CA ASP C 116 -16.02 1.05 39.01
C ASP C 116 -14.71 0.80 38.26
N MET C 117 -14.22 1.78 37.52
CA MET C 117 -12.96 1.67 36.80
C MET C 117 -12.16 2.94 37.05
N ILE C 118 -10.84 2.78 37.19
CA ILE C 118 -9.98 3.87 37.65
C ILE C 118 -9.17 4.39 36.47
N VAL C 119 -9.31 5.69 36.20
CA VAL C 119 -8.44 6.37 35.26
C VAL C 119 -7.14 6.69 35.99
N GLY C 120 -6.05 6.04 35.58
CA GLY C 120 -4.78 6.22 36.23
C GLY C 120 -3.72 6.81 35.34
N ILE C 121 -2.46 6.79 35.82
CA ILE C 121 -1.36 7.36 35.05
C ILE C 121 -1.15 6.60 33.75
N SER C 122 -1.37 5.28 33.77
CA SER C 122 -1.18 4.43 32.61
C SER C 122 -2.45 4.28 31.76
N THR C 123 -3.35 5.25 31.80
CA THR C 123 -4.65 5.15 31.15
C THR C 123 -4.74 6.15 30.00
N GLU C 124 -5.22 5.68 28.86
CA GLU C 124 -5.56 6.54 27.73
C GLU C 124 -7.06 6.81 27.74
N ILE C 125 -7.46 7.96 27.19
CA ILE C 125 -8.84 8.39 27.22
C ILE C 125 -9.33 8.62 25.79
N SER C 126 -10.50 8.09 25.47
CA SER C 126 -11.21 8.37 24.24
C SER C 126 -12.57 8.96 24.59
N ALA C 127 -12.85 10.17 24.08
CA ALA C 127 -14.08 10.87 24.40
C ALA C 127 -15.18 10.35 23.47
N GLY C 128 -16.11 9.58 24.02
CA GLY C 128 -17.24 9.06 23.28
C GLY C 128 -18.51 9.84 23.42
N GLU C 129 -18.47 11.05 23.97
CA GLU C 129 -19.68 11.84 24.14
C GLU C 129 -20.29 12.18 22.78
N GLY C 130 -21.60 11.99 22.67
CA GLY C 130 -22.30 12.27 21.44
C GLY C 130 -22.14 11.24 20.34
N LYS C 131 -21.52 10.10 20.62
CA LYS C 131 -21.32 9.04 19.64
C LYS C 131 -21.94 7.75 20.13
N ILE C 132 -22.30 6.88 19.18
CA ILE C 132 -22.90 5.58 19.48
C ILE C 132 -21.83 4.51 19.33
N TYR C 133 -21.76 3.60 20.29
CA TYR C 133 -20.77 2.54 20.27
C TYR C 133 -21.46 1.19 20.19
N THR C 134 -21.00 0.36 19.25
CA THR C 134 -21.54 -0.98 19.07
C THR C 134 -20.41 -2.00 19.04
N ALA C 135 -20.77 -3.26 19.20
CA ALA C 135 -19.81 -4.33 18.99
C ALA C 135 -19.47 -4.47 17.51
N GLY C 136 -18.25 -4.95 17.24
CA GLY C 136 -17.88 -5.20 15.86
C GLY C 136 -18.76 -6.28 15.25
N GLY C 137 -19.11 -6.09 13.98
CA GLY C 137 -19.96 -7.04 13.30
C GLY C 137 -19.22 -8.31 12.92
N LEU C 138 -20.00 -9.37 12.72
CA LEU C 138 -19.49 -10.65 12.26
C LEU C 138 -20.11 -10.99 10.92
N ASP C 139 -19.28 -11.36 9.95
CA ASP C 139 -19.74 -11.79 8.63
C ASP C 139 -19.38 -13.26 8.49
N THR C 140 -20.39 -14.12 8.55
CA THR C 140 -20.19 -15.56 8.59
C THR C 140 -20.33 -16.23 7.22
N HIS C 141 -20.56 -15.46 6.15
CA HIS C 141 -20.63 -16.01 4.79
C HIS C 141 -19.72 -15.14 3.93
N VAL C 142 -18.44 -15.49 3.88
CA VAL C 142 -17.44 -14.71 3.16
C VAL C 142 -16.66 -15.66 2.25
N HIS C 143 -16.64 -15.35 0.96
CA HIS C 143 -15.76 -16.06 0.04
C HIS C 143 -14.37 -15.43 0.10
N TRP C 144 -13.36 -16.27 0.35
CA TRP C 144 -11.99 -15.80 0.58
C TRP C 144 -11.32 -15.63 -0.77
N LEU C 145 -11.61 -14.50 -1.42
CA LEU C 145 -11.24 -14.27 -2.81
C LEU C 145 -10.11 -13.27 -2.99
N GLU C 146 -10.20 -12.09 -2.39
CA GLU C 146 -9.12 -11.12 -2.49
C GLU C 146 -8.91 -10.43 -1.15
N PRO C 147 -7.67 -10.06 -0.83
CA PRO C 147 -7.40 -9.47 0.50
C PRO C 147 -8.13 -8.16 0.77
N GLU C 148 -8.39 -7.36 -0.27
CA GLU C 148 -8.98 -6.04 -0.03
C GLU C 148 -10.41 -6.11 0.50
N ILE C 149 -10.98 -7.31 0.67
CA ILE C 149 -12.24 -7.42 1.38
C ILE C 149 -12.09 -7.04 2.85
N VAL C 150 -10.88 -7.14 3.40
CA VAL C 150 -10.65 -6.82 4.81
C VAL C 150 -10.85 -5.33 5.05
N PRO C 151 -10.16 -4.41 4.35
CA PRO C 151 -10.44 -2.98 4.60
C PRO C 151 -11.87 -2.58 4.29
N VAL C 152 -12.51 -3.22 3.31
CA VAL C 152 -13.91 -2.91 3.02
C VAL C 152 -14.80 -3.34 4.18
N ALA C 153 -14.58 -4.55 4.70
CA ALA C 153 -15.38 -5.05 5.82
C ALA C 153 -15.25 -4.14 7.04
N LEU C 154 -14.03 -3.72 7.35
CA LEU C 154 -13.84 -2.77 8.45
C LEU C 154 -14.51 -1.43 8.15
N ASP C 155 -14.57 -1.04 6.89
CA ASP C 155 -15.30 0.17 6.51
C ASP C 155 -16.80 0.01 6.69
N GLY C 156 -17.29 -1.22 6.83
CA GLY C 156 -18.68 -1.49 7.13
C GLY C 156 -18.97 -1.88 8.56
N GLY C 157 -17.99 -1.77 9.46
CA GLY C 157 -18.18 -2.14 10.84
C GLY C 157 -18.02 -3.62 11.14
N ILE C 158 -17.30 -4.36 10.31
CA ILE C 158 -17.11 -5.79 10.46
C ILE C 158 -15.69 -6.04 10.96
N THR C 159 -15.58 -6.74 12.09
CA THR C 159 -14.28 -7.05 12.67
C THR C 159 -13.93 -8.54 12.62
N THR C 160 -14.87 -9.39 12.24
CA THR C 160 -14.64 -10.83 12.22
C THR C 160 -15.31 -11.43 11.00
N VAL C 161 -14.61 -12.34 10.34
CA VAL C 161 -15.13 -13.08 9.19
C VAL C 161 -14.97 -14.57 9.45
N ILE C 162 -16.01 -15.34 9.16
CA ILE C 162 -15.92 -16.78 9.02
C ILE C 162 -16.01 -17.06 7.53
N ALA C 163 -14.87 -17.31 6.91
CA ALA C 163 -14.73 -17.35 5.47
C ALA C 163 -14.29 -18.75 5.02
N GLY C 164 -14.13 -18.89 3.71
CA GLY C 164 -13.63 -20.12 3.12
C GLY C 164 -13.26 -19.90 1.66
N GLY C 165 -12.12 -20.42 1.25
CA GLY C 165 -11.70 -20.29 -0.12
C GLY C 165 -10.20 -20.36 -0.26
N THR C 166 -9.75 -20.10 -1.49
CA THR C 166 -8.34 -20.29 -1.87
C THR C 166 -7.79 -19.09 -2.64
N GLY C 167 -8.49 -17.97 -2.67
CA GLY C 167 -8.13 -16.88 -3.55
C GLY C 167 -9.04 -16.84 -4.76
N MET C 168 -8.54 -16.35 -5.89
CA MET C 168 -9.37 -16.19 -7.08
C MET C 168 -9.42 -17.48 -7.91
N ASN C 169 -9.79 -18.58 -7.27
CA ASN C 169 -10.05 -19.84 -7.95
C ASN C 169 -11.55 -20.05 -8.11
N ASP C 170 -11.93 -20.78 -9.16
CA ASP C 170 -13.34 -20.96 -9.47
C ASP C 170 -14.08 -21.67 -8.34
N GLY C 171 -13.43 -22.67 -7.72
CA GLY C 171 -14.03 -23.31 -6.57
C GLY C 171 -14.35 -22.33 -5.44
N THR C 172 -13.45 -21.37 -5.23
CA THR C 172 -13.71 -20.31 -4.24
C THR C 172 -14.75 -19.33 -4.76
N LYS C 173 -14.71 -19.03 -6.07
CA LYS C 173 -15.71 -18.14 -6.64
C LYS C 173 -17.13 -18.69 -6.45
N ALA C 174 -17.27 -20.01 -6.40
CA ALA C 174 -18.57 -20.63 -6.25
C ALA C 174 -18.92 -20.90 -4.78
N THR C 175 -17.97 -21.37 -3.98
CA THR C 175 -18.25 -21.86 -2.64
C THR C 175 -17.27 -21.28 -1.63
N THR C 176 -17.70 -21.22 -0.37
CA THR C 176 -16.83 -20.82 0.74
C THR C 176 -16.18 -22.07 1.33
N VAL C 177 -15.19 -22.60 0.62
CA VAL C 177 -14.54 -23.85 0.99
C VAL C 177 -13.04 -23.67 0.86
N SER C 178 -12.33 -23.85 1.99
CA SER C 178 -10.89 -24.01 1.97
C SER C 178 -10.60 -25.51 2.01
N PRO C 179 -10.37 -26.17 0.87
CA PRO C 179 -10.29 -27.63 0.85
C PRO C 179 -8.94 -28.12 1.37
N GLY C 180 -8.97 -28.86 2.47
CA GLY C 180 -7.82 -29.60 2.93
C GLY C 180 -6.82 -28.79 3.74
N LYS C 181 -5.80 -29.52 4.20
CA LYS C 181 -4.80 -28.95 5.08
C LYS C 181 -4.02 -27.82 4.40
N PHE C 182 -3.65 -28.01 3.14
CA PHE C 182 -2.86 -26.99 2.45
C PHE C 182 -3.61 -25.67 2.39
N TRP C 183 -4.88 -25.70 1.98
CA TRP C 183 -5.61 -24.46 1.80
C TRP C 183 -6.06 -23.85 3.12
N VAL C 184 -6.35 -24.69 4.13
CA VAL C 184 -6.63 -24.15 5.46
C VAL C 184 -5.40 -23.44 6.01
N LYS C 185 -4.23 -24.06 5.86
CA LYS C 185 -2.98 -23.45 6.32
C LYS C 185 -2.69 -22.17 5.55
N SER C 186 -2.93 -22.17 4.23
CA SER C 186 -2.71 -20.97 3.43
C SER C 186 -3.64 -19.83 3.87
N ALA C 187 -4.90 -20.16 4.14
CA ALA C 187 -5.83 -19.14 4.63
C ALA C 187 -5.38 -18.58 5.97
N LEU C 188 -4.96 -19.45 6.89
CA LEU C 188 -4.50 -18.96 8.19
C LEU C 188 -3.25 -18.10 8.05
N GLN C 189 -2.32 -18.52 7.19
CA GLN C 189 -1.09 -17.76 6.99
C GLN C 189 -1.37 -16.40 6.36
N ALA C 190 -2.30 -16.34 5.40
CA ALA C 190 -2.67 -15.06 4.81
C ALA C 190 -3.36 -14.16 5.83
N ALA C 191 -4.28 -14.72 6.62
CA ALA C 191 -4.95 -13.94 7.66
C ALA C 191 -3.99 -13.47 8.74
N ASP C 192 -2.86 -14.18 8.93
CA ASP C 192 -1.86 -13.74 9.89
C ASP C 192 -1.35 -12.35 9.59
N GLY C 193 -1.41 -11.91 8.33
CA GLY C 193 -0.99 -10.58 7.97
C GLY C 193 -2.12 -9.66 7.53
N LEU C 194 -3.30 -9.85 8.13
CA LEU C 194 -4.45 -8.98 7.88
C LEU C 194 -5.09 -8.61 9.21
N SER C 195 -5.57 -7.36 9.30
CA SER C 195 -6.13 -6.85 10.54
C SER C 195 -7.63 -7.15 10.62
N ILE C 196 -7.93 -8.42 10.90
CA ILE C 196 -9.30 -8.88 11.05
C ILE C 196 -9.26 -10.19 11.82
N ASN C 197 -10.32 -10.46 12.59
CA ASN C 197 -10.48 -11.78 13.18
C ASN C 197 -11.02 -12.72 12.11
N ALA C 198 -10.45 -13.92 12.02
CA ALA C 198 -10.79 -14.81 10.92
C ALA C 198 -10.88 -16.25 11.38
N GLY C 199 -11.93 -16.93 10.93
CA GLY C 199 -12.00 -18.37 10.97
C GLY C 199 -12.33 -18.89 9.58
N PHE C 200 -12.07 -20.18 9.37
CA PHE C 200 -12.20 -20.71 8.01
C PHE C 200 -12.90 -22.06 8.02
N LEU C 201 -13.58 -22.34 6.89
CA LEU C 201 -14.40 -23.52 6.73
C LEU C 201 -13.79 -24.44 5.67
N ALA C 202 -13.92 -25.75 5.88
CA ALA C 202 -13.38 -26.75 4.98
C ALA C 202 -14.52 -27.38 4.16
N LYS C 203 -14.17 -28.39 3.37
CA LYS C 203 -15.13 -29.04 2.47
C LYS C 203 -15.88 -30.13 3.22
N GLY C 204 -17.20 -29.95 3.36
CA GLY C 204 -18.02 -30.94 4.03
C GLY C 204 -18.60 -31.98 3.09
N GLN C 205 -17.74 -32.81 2.50
CA GLN C 205 -18.18 -33.88 1.62
C GLN C 205 -17.24 -35.07 1.77
N GLY C 206 -17.73 -36.23 1.38
CA GLY C 206 -16.94 -37.44 1.40
C GLY C 206 -17.15 -38.28 2.65
N MET C 207 -16.20 -39.19 2.87
CA MET C 207 -16.25 -40.09 4.01
C MET C 207 -15.74 -39.38 5.27
N GLU C 208 -15.70 -40.13 6.38
CA GLU C 208 -15.42 -39.51 7.67
C GLU C 208 -13.98 -39.04 7.78
N ASP C 209 -13.02 -39.88 7.38
CA ASP C 209 -11.61 -39.52 7.50
C ASP C 209 -11.22 -38.30 6.65
N PRO C 210 -11.58 -38.21 5.37
CA PRO C 210 -11.22 -37.00 4.61
C PRO C 210 -11.81 -35.73 5.17
N ILE C 211 -13.02 -35.78 5.73
CA ILE C 211 -13.59 -34.61 6.37
C ILE C 211 -12.85 -34.28 7.65
N PHE C 212 -12.56 -35.30 8.46
CA PHE C 212 -11.95 -35.08 9.77
C PHE C 212 -10.55 -34.50 9.64
N GLU C 213 -9.78 -34.97 8.66
CA GLU C 213 -8.41 -34.48 8.54
C GLU C 213 -8.35 -32.99 8.23
N GLN C 214 -9.39 -32.45 7.58
CA GLN C 214 -9.47 -31.00 7.38
C GLN C 214 -9.63 -30.27 8.70
N ILE C 215 -10.46 -30.79 9.60
CA ILE C 215 -10.66 -30.16 10.89
C ILE C 215 -9.40 -30.28 11.74
N ALA C 216 -8.71 -31.42 11.64
CA ALA C 216 -7.44 -31.58 12.33
C ALA C 216 -6.41 -30.55 11.88
N ALA C 217 -6.56 -30.00 10.68
CA ALA C 217 -5.66 -28.97 10.18
C ALA C 217 -5.98 -27.58 10.73
N GLY C 218 -7.10 -27.41 11.44
CA GLY C 218 -7.43 -26.15 12.06
C GLY C 218 -8.71 -25.49 11.56
N ALA C 219 -9.47 -26.11 10.67
CA ALA C 219 -10.71 -25.50 10.20
C ALA C 219 -11.72 -25.42 11.34
N CYS C 220 -12.37 -24.27 11.48
CA CYS C 220 -13.34 -24.05 12.55
C CYS C 220 -14.73 -24.53 12.20
N GLY C 221 -14.94 -25.06 11.01
CA GLY C 221 -16.25 -25.57 10.63
C GLY C 221 -16.23 -26.16 9.25
N LEU C 222 -17.41 -26.54 8.78
CA LEU C 222 -17.55 -27.14 7.44
C LEU C 222 -18.67 -26.48 6.65
N ILE C 224 -21.18 -27.13 3.41
CA ILE C 224 -21.73 -28.06 2.43
C ILE C 224 -22.38 -27.29 1.29
N HIS C 225 -21.70 -27.27 0.15
CA HIS C 225 -22.18 -26.56 -1.04
C HIS C 225 -22.61 -27.57 -2.09
N GLU C 226 -23.70 -27.25 -2.80
CA GLU C 226 -24.20 -28.14 -3.83
C GLU C 226 -23.24 -28.25 -5.01
N ASP C 227 -22.41 -27.22 -5.24
CA ASP C 227 -21.42 -27.30 -6.30
C ASP C 227 -20.39 -28.39 -6.03
N TRP C 228 -20.17 -28.72 -4.77
CA TRP C 228 -19.40 -29.91 -4.40
C TRP C 228 -20.27 -31.13 -4.20
N GLY C 229 -21.59 -30.96 -4.22
CA GLY C 229 -22.54 -32.04 -3.99
C GLY C 229 -23.13 -31.98 -2.60
N ALA C 230 -24.35 -31.44 -2.49
CA ALA C 230 -25.03 -31.33 -1.20
C ALA C 230 -26.04 -32.47 -1.07
N THR C 231 -25.50 -33.67 -0.89
CA THR C 231 -26.29 -34.89 -0.84
C THR C 231 -26.55 -35.31 0.59
N GLY C 232 -27.33 -36.37 0.75
CA GLY C 232 -27.63 -36.87 2.08
C GLY C 232 -26.40 -37.40 2.80
N ASN C 233 -25.55 -38.13 2.08
CA ASN C 233 -24.32 -38.65 2.68
C ASN C 233 -23.44 -37.52 3.16
N ALA C 234 -23.29 -36.46 2.35
CA ALA C 234 -22.47 -35.33 2.75
C ALA C 234 -22.98 -34.69 4.02
N ILE C 235 -24.29 -34.44 4.09
CA ILE C 235 -24.89 -33.82 5.27
C ILE C 235 -24.66 -34.71 6.50
N ASP C 236 -24.97 -36.00 6.38
CA ASP C 236 -24.87 -36.89 7.52
C ASP C 236 -23.43 -36.99 8.03
N LEU C 237 -22.47 -37.18 7.12
CA LEU C 237 -21.10 -37.40 7.55
C LEU C 237 -20.46 -36.11 8.06
N ALA C 238 -20.75 -34.98 7.41
CA ALA C 238 -20.25 -33.70 7.91
C ALA C 238 -20.78 -33.41 9.30
N LEU C 239 -22.08 -33.68 9.53
CA LEU C 239 -22.64 -33.45 10.86
C LEU C 239 -22.03 -34.40 11.88
N THR C 240 -21.79 -35.66 11.50
CA THR C 240 -21.15 -36.60 12.41
C THR C 240 -19.77 -36.12 12.83
N VAL C 241 -18.96 -35.70 11.84
CA VAL C 241 -17.61 -35.23 12.15
C VAL C 241 -17.66 -33.97 13.00
N ALA C 242 -18.58 -33.06 12.69
CA ALA C 242 -18.70 -31.83 13.46
C ALA C 242 -19.11 -32.11 14.91
N ASP C 243 -20.02 -33.06 15.12
CA ASP C 243 -20.39 -33.45 16.47
C ASP C 243 -19.20 -34.06 17.20
N LYS C 244 -18.39 -34.84 16.49
CA LYS C 244 -17.18 -35.40 17.10
C LYS C 244 -16.14 -34.33 17.41
N THR C 245 -16.15 -33.20 16.69
CA THR C 245 -15.10 -32.21 16.81
C THR C 245 -15.57 -30.86 17.35
N ASP C 246 -16.87 -30.69 17.60
CA ASP C 246 -17.42 -29.44 18.15
C ASP C 246 -17.12 -28.25 17.25
N VAL C 247 -17.50 -28.37 15.97
CA VAL C 247 -17.39 -27.28 15.00
C VAL C 247 -18.74 -27.12 14.33
N ALA C 248 -18.93 -25.95 13.71
CA ALA C 248 -20.19 -25.61 13.06
C ALA C 248 -20.25 -26.15 11.64
N VAL C 249 -21.47 -26.27 11.13
CA VAL C 249 -21.71 -26.69 9.75
C VAL C 249 -22.65 -25.69 9.08
N ALA C 250 -22.27 -25.20 7.91
CA ALA C 250 -23.11 -24.36 7.09
C ALA C 250 -23.40 -25.10 5.78
N ILE C 251 -24.58 -24.87 5.23
CA ILE C 251 -25.06 -25.63 4.09
C ILE C 251 -25.55 -24.70 2.99
N HIS C 252 -25.23 -25.04 1.75
CA HIS C 252 -25.83 -24.48 0.56
C HIS C 252 -26.56 -25.64 -0.11
N THR C 253 -27.86 -25.75 0.17
CA THR C 253 -28.59 -26.97 -0.13
C THR C 253 -28.78 -27.17 -1.63
N ASP C 254 -29.20 -28.38 -1.98
CA ASP C 254 -29.35 -28.79 -3.37
C ASP C 254 -30.47 -27.99 -4.03
N THR C 255 -30.11 -27.07 -4.92
CA THR C 255 -31.12 -26.26 -5.61
C THR C 255 -31.87 -27.10 -6.64
N LEU C 256 -31.17 -28.01 -7.32
CA LEU C 256 -31.76 -28.81 -8.38
C LEU C 256 -32.71 -29.88 -7.86
N ASN C 257 -32.78 -30.09 -6.55
CA ASN C 257 -33.56 -31.18 -5.97
C ASN C 257 -33.14 -32.54 -6.55
N GLU C 258 -31.84 -32.64 -6.87
CA GLU C 258 -31.35 -33.77 -7.66
C GLU C 258 -31.37 -35.07 -6.87
N ALA C 259 -31.01 -35.02 -5.59
CA ALA C 259 -30.99 -36.20 -4.74
C ALA C 259 -32.12 -36.23 -3.73
N GLY C 260 -33.05 -35.29 -3.84
CA GLY C 260 -34.17 -35.22 -2.90
C GLY C 260 -34.67 -33.81 -2.79
N PHE C 261 -35.83 -33.67 -2.14
CA PHE C 261 -36.41 -32.37 -1.89
C PHE C 261 -35.85 -31.80 -0.58
N VAL C 262 -36.40 -30.67 -0.13
CA VAL C 262 -35.90 -30.04 1.08
C VAL C 262 -36.15 -30.93 2.30
N GLU C 263 -37.27 -31.65 2.31
CA GLU C 263 -37.56 -32.55 3.42
C GLU C 263 -36.53 -33.66 3.52
N HIS C 264 -35.98 -34.11 2.38
CA HIS C 264 -34.91 -35.10 2.40
C HIS C 264 -33.66 -34.55 3.11
N THR C 265 -33.30 -33.30 2.81
CA THR C 265 -32.17 -32.67 3.49
C THR C 265 -32.44 -32.54 4.99
N ILE C 266 -33.64 -32.11 5.36
CA ILE C 266 -33.98 -31.96 6.77
C ILE C 266 -33.90 -33.29 7.50
N ALA C 267 -34.41 -34.36 6.87
CA ALA C 267 -34.31 -35.68 7.47
C ALA C 267 -32.86 -36.13 7.59
N ALA C 268 -32.04 -35.83 6.58
CA ALA C 268 -30.63 -36.18 6.65
C ALA C 268 -29.92 -35.43 7.76
N MET C 269 -30.42 -34.25 8.14
CA MET C 269 -29.82 -33.53 9.27
C MET C 269 -29.95 -34.32 10.57
N LYS C 270 -31.08 -34.99 10.76
CA LYS C 270 -31.33 -35.83 11.95
C LYS C 270 -31.28 -35.01 13.24
N GLY C 271 -31.80 -33.79 13.19
CA GLY C 271 -31.92 -32.96 14.37
C GLY C 271 -30.65 -32.27 14.81
N ARG C 272 -29.54 -32.48 14.11
CA ARG C 272 -28.28 -31.84 14.47
C ARG C 272 -28.26 -30.40 13.96
N THR C 273 -27.70 -29.50 14.76
CA THR C 273 -27.72 -28.09 14.43
C THR C 273 -26.94 -27.80 13.16
N ILE C 274 -27.54 -27.00 12.28
CA ILE C 274 -26.91 -26.58 11.03
C ILE C 274 -27.18 -25.09 10.83
N HIS C 275 -26.31 -24.46 10.04
CA HIS C 275 -26.41 -23.05 9.70
C HIS C 275 -26.87 -22.94 8.26
N ALA C 276 -28.10 -22.46 8.07
CA ALA C 276 -28.71 -22.41 6.74
C ALA C 276 -28.28 -21.11 6.05
N TYR C 277 -27.32 -21.23 5.13
CA TYR C 277 -26.87 -20.08 4.37
C TYR C 277 -27.95 -19.62 3.40
N HIS C 278 -28.17 -18.31 3.34
CA HIS C 278 -29.11 -17.65 2.43
C HIS C 278 -30.40 -18.45 2.28
N THR C 279 -31.10 -18.60 3.41
CA THR C 279 -32.26 -19.49 3.47
C THR C 279 -33.40 -19.04 2.57
N GLU C 280 -33.40 -17.77 2.11
CA GLU C 280 -34.43 -17.33 1.18
C GLU C 280 -34.34 -18.09 -0.14
N GLY C 281 -33.12 -18.29 -0.64
CA GLY C 281 -32.91 -19.16 -1.78
C GLY C 281 -32.67 -18.50 -3.12
N ALA C 282 -32.49 -17.17 -3.17
CA ALA C 282 -32.27 -16.50 -4.44
C ALA C 282 -31.01 -17.01 -5.13
N GLY C 283 -29.89 -17.06 -4.40
CA GLY C 283 -28.64 -17.51 -4.95
C GLY C 283 -28.41 -19.00 -4.92
N GLY C 284 -29.24 -19.76 -4.21
CA GLY C 284 -29.08 -21.20 -4.12
C GLY C 284 -29.91 -21.78 -3.01
N GLY C 285 -30.18 -23.08 -3.09
CA GLY C 285 -31.05 -23.73 -2.12
C GLY C 285 -32.23 -24.40 -2.78
N HIS C 286 -32.88 -25.33 -2.07
CA HIS C 286 -33.97 -26.12 -2.63
C HIS C 286 -35.06 -25.25 -3.23
N ALA C 287 -35.23 -25.32 -4.54
CA ALA C 287 -36.23 -24.52 -5.22
C ALA C 287 -37.59 -25.19 -5.11
N PRO C 288 -38.62 -24.46 -4.63
CA PRO C 288 -38.52 -23.08 -4.16
C PRO C 288 -38.75 -22.93 -2.66
N ASP C 289 -38.74 -24.03 -1.92
CA ASP C 289 -39.23 -24.07 -0.55
C ASP C 289 -38.10 -24.19 0.48
N ILE C 290 -36.94 -23.62 0.20
CA ILE C 290 -35.86 -23.64 1.18
C ILE C 290 -36.18 -22.73 2.37
N LEU C 291 -36.97 -21.67 2.14
CA LEU C 291 -37.30 -20.73 3.20
C LEU C 291 -37.99 -21.43 4.38
N GLU C 292 -38.62 -22.58 4.13
CA GLU C 292 -39.31 -23.31 5.18
C GLU C 292 -38.36 -23.74 6.30
N THR C 293 -37.05 -23.68 6.07
CA THR C 293 -36.10 -23.99 7.15
C THR C 293 -36.29 -23.07 8.35
N VAL C 294 -36.92 -21.91 8.17
CA VAL C 294 -37.17 -21.02 9.31
C VAL C 294 -38.16 -21.61 10.31
N LYS C 295 -38.77 -22.76 10.02
CA LYS C 295 -39.73 -23.35 10.94
C LYS C 295 -39.12 -24.44 11.85
N TYR C 296 -37.86 -24.81 11.63
CA TYR C 296 -37.26 -25.93 12.34
C TYR C 296 -36.37 -25.43 13.47
N ALA C 297 -36.44 -26.11 14.63
CA ALA C 297 -35.75 -25.68 15.82
C ALA C 297 -34.25 -25.94 15.77
N HIS C 298 -33.79 -26.89 14.97
CA HIS C 298 -32.38 -27.25 14.90
C HIS C 298 -31.64 -26.54 13.78
N ILE C 299 -32.26 -25.53 13.17
CA ILE C 299 -31.66 -24.79 12.06
C ILE C 299 -31.48 -23.34 12.50
N LEU C 300 -30.29 -22.80 12.22
CA LEU C 300 -30.06 -21.37 12.40
C LEU C 300 -30.16 -20.72 11.03
N PRO C 301 -31.24 -20.02 10.72
CA PRO C 301 -31.41 -19.50 9.35
C PRO C 301 -30.73 -18.16 9.19
N ALA C 302 -30.02 -18.01 8.07
CA ALA C 302 -29.28 -16.81 7.76
C ALA C 302 -29.68 -16.31 6.38
N SER C 303 -29.62 -15.00 6.20
CA SER C 303 -29.87 -14.37 4.92
C SER C 303 -28.62 -13.63 4.45
N THR C 304 -28.46 -13.54 3.14
CA THR C 304 -27.43 -12.72 2.53
C THR C 304 -28.02 -11.39 2.09
N ASN C 305 -27.19 -10.34 2.13
CA ASN C 305 -27.66 -8.97 1.92
C ASN C 305 -28.17 -8.59 0.53
N PRO C 306 -27.80 -9.27 -0.58
CA PRO C 306 -28.28 -8.78 -1.89
C PRO C 306 -29.79 -8.69 -2.00
N THR C 307 -30.53 -9.59 -1.35
CA THR C 307 -31.98 -9.58 -1.41
C THR C 307 -32.63 -8.94 -0.19
N ILE C 308 -31.85 -8.48 0.78
CA ILE C 308 -32.41 -8.18 2.09
C ILE C 308 -33.19 -6.88 2.03
N PRO C 309 -32.73 -5.84 1.33
CA PRO C 309 -33.69 -4.81 0.91
C PRO C 309 -34.46 -5.31 -0.30
N TYR C 310 -35.78 -5.50 -0.15
CA TYR C 310 -36.61 -5.74 -1.33
C TYR C 310 -36.90 -4.39 -1.96
N THR C 311 -36.30 -4.14 -3.12
CA THR C 311 -36.37 -2.84 -3.77
C THR C 311 -36.86 -2.99 -5.21
N VAL C 312 -37.08 -1.85 -5.86
CA VAL C 312 -37.61 -1.85 -7.21
C VAL C 312 -36.63 -2.46 -8.20
N ASN C 313 -35.33 -2.39 -7.90
CA ASN C 313 -34.29 -2.87 -8.81
C ASN C 313 -33.86 -4.31 -8.54
N THR C 314 -34.43 -4.96 -7.52
CA THR C 314 -33.92 -6.27 -7.09
C THR C 314 -34.15 -7.33 -8.16
N ILE C 315 -35.36 -7.40 -8.72
CA ILE C 315 -35.74 -8.53 -9.56
C ILE C 315 -34.91 -8.57 -10.84
N ALA C 316 -34.82 -7.44 -11.55
CA ALA C 316 -34.06 -7.41 -12.80
C ALA C 316 -32.59 -7.68 -12.55
N GLU C 317 -32.03 -7.05 -11.50
CA GLU C 317 -30.64 -7.26 -11.16
C GLU C 317 -30.35 -8.72 -10.90
N HIS C 318 -31.19 -9.39 -10.11
CA HIS C 318 -30.95 -10.78 -9.77
C HIS C 318 -31.19 -11.72 -10.94
N LEU C 319 -32.18 -11.41 -11.79
CA LEU C 319 -32.41 -12.22 -12.98
C LEU C 319 -31.18 -12.18 -13.89
N ASP C 320 -30.65 -10.98 -14.14
CA ASP C 320 -29.43 -10.89 -14.93
C ASP C 320 -28.25 -11.53 -14.22
N MET C 321 -28.21 -11.43 -12.89
CA MET C 321 -27.17 -12.10 -12.11
C MET C 321 -27.15 -13.60 -12.42
N LEU C 322 -28.32 -14.25 -12.38
CA LEU C 322 -28.39 -15.67 -12.68
C LEU C 322 -28.08 -15.97 -14.16
N MET C 323 -28.58 -15.14 -15.08
CA MET C 323 -28.25 -15.39 -16.48
C MET C 323 -26.75 -15.29 -16.73
N VAL C 324 -26.03 -14.49 -15.93
CA VAL C 324 -24.58 -14.38 -16.11
C VAL C 324 -23.85 -15.49 -15.39
N CYS C 325 -24.22 -15.77 -14.14
CA CYS C 325 -23.41 -16.60 -13.25
C CYS C 325 -23.27 -18.03 -13.78
N HIS C 326 -24.37 -18.61 -14.24
CA HIS C 326 -24.36 -20.00 -14.72
C HIS C 326 -24.44 -20.08 -16.24
N HIS C 327 -24.05 -19.01 -16.93
CA HIS C 327 -24.00 -18.98 -18.40
C HIS C 327 -25.35 -19.34 -19.01
N LEU C 328 -26.42 -18.93 -18.34
CA LEU C 328 -27.77 -19.22 -18.81
C LEU C 328 -28.05 -18.43 -20.09
N ASN C 329 -28.11 -19.12 -21.21
CA ASN C 329 -28.47 -18.48 -22.46
C ASN C 329 -29.97 -18.20 -22.47
N PRO C 330 -30.41 -16.95 -22.65
CA PRO C 330 -31.85 -16.69 -22.68
C PRO C 330 -32.49 -17.07 -24.00
N LYS C 331 -32.10 -18.24 -24.52
CA LYS C 331 -32.67 -18.81 -25.73
C LYS C 331 -33.13 -20.25 -25.56
N VAL C 332 -32.56 -21.01 -24.64
CA VAL C 332 -32.96 -22.38 -24.36
C VAL C 332 -34.01 -22.35 -23.26
N PRO C 333 -35.14 -23.03 -23.44
CA PRO C 333 -36.21 -22.95 -22.42
C PRO C 333 -35.79 -23.44 -21.04
N GLU C 334 -34.87 -24.40 -20.96
CA GLU C 334 -34.49 -24.96 -19.65
C GLU C 334 -33.83 -23.91 -18.77
N ASP C 335 -32.92 -23.12 -19.32
CA ASP C 335 -32.23 -22.10 -18.52
C ASP C 335 -33.21 -21.04 -18.03
N VAL C 336 -34.11 -20.59 -18.90
CA VAL C 336 -35.07 -19.57 -18.50
C VAL C 336 -36.03 -20.12 -17.47
N ALA C 337 -36.43 -21.39 -17.61
CA ALA C 337 -37.30 -22.01 -16.61
C ALA C 337 -36.59 -22.11 -15.26
N PHE C 338 -35.31 -22.48 -15.27
CA PHE C 338 -34.56 -22.61 -14.03
C PHE C 338 -34.32 -21.26 -13.38
N ALA C 339 -34.23 -20.18 -14.18
CA ALA C 339 -33.96 -18.87 -13.61
C ALA C 339 -35.24 -18.20 -13.11
N ASP C 340 -36.31 -18.24 -13.91
CA ASP C 340 -37.55 -17.55 -13.55
C ASP C 340 -38.19 -18.16 -12.30
N SER C 341 -38.01 -19.46 -12.08
CA SER C 341 -38.50 -20.11 -10.88
C SER C 341 -37.55 -19.96 -9.70
N ARG C 342 -36.40 -19.33 -9.90
CA ARG C 342 -35.39 -19.17 -8.86
C ARG C 342 -35.35 -17.78 -8.25
N ILE C 343 -35.74 -16.76 -9.00
CA ILE C 343 -35.88 -15.40 -8.48
C ILE C 343 -37.37 -15.14 -8.31
N ARG C 344 -37.86 -15.26 -7.08
CA ARG C 344 -39.27 -15.14 -6.75
C ARG C 344 -39.47 -13.90 -5.90
N SER C 345 -40.29 -12.97 -6.39
CA SER C 345 -40.61 -11.79 -5.60
C SER C 345 -41.35 -12.17 -4.32
N GLN C 346 -42.07 -13.29 -4.33
CA GLN C 346 -42.82 -13.72 -3.16
C GLN C 346 -41.90 -14.00 -1.97
N THR C 347 -40.88 -14.83 -2.18
CA THR C 347 -40.01 -15.20 -1.07
C THR C 347 -39.08 -14.05 -0.70
N ILE C 348 -38.64 -13.27 -1.68
CA ILE C 348 -37.79 -12.12 -1.40
C ILE C 348 -38.55 -11.11 -0.54
N ALA C 349 -39.83 -10.87 -0.85
CA ALA C 349 -40.63 -9.97 -0.04
C ALA C 349 -40.91 -10.55 1.34
N ALA C 350 -41.24 -11.84 1.41
CA ALA C 350 -41.55 -12.46 2.70
C ALA C 350 -40.33 -12.54 3.61
N GLU C 351 -39.12 -12.55 3.05
CA GLU C 351 -37.91 -12.67 3.85
C GLU C 351 -37.75 -11.47 4.80
N ASP C 352 -38.06 -10.27 4.32
CA ASP C 352 -37.96 -9.08 5.17
C ASP C 352 -38.93 -9.16 6.35
N LEU C 353 -40.17 -9.59 6.09
CA LEU C 353 -41.13 -9.73 7.17
C LEU C 353 -40.70 -10.81 8.16
N LEU C 354 -40.13 -11.90 7.66
CA LEU C 354 -39.63 -12.94 8.55
C LEU C 354 -38.50 -12.42 9.42
N HIS C 355 -37.62 -11.59 8.85
CA HIS C 355 -36.59 -10.93 9.65
C HIS C 355 -37.21 -10.04 10.71
N ASP C 356 -38.27 -9.31 10.36
CA ASP C 356 -38.92 -8.43 11.33
C ASP C 356 -39.54 -9.22 12.47
N MET C 357 -40.08 -10.40 12.17
CA MET C 357 -40.68 -11.25 13.20
C MET C 357 -39.63 -11.95 14.05
N GLY C 358 -38.39 -12.05 13.58
CA GLY C 358 -37.38 -12.83 14.25
C GLY C 358 -37.27 -14.27 13.79
N ALA C 359 -37.88 -14.61 12.66
CA ALA C 359 -37.78 -15.99 12.16
C ALA C 359 -36.41 -16.27 11.55
N ILE C 360 -35.77 -15.26 10.96
CA ILE C 360 -34.42 -15.38 10.46
C ILE C 360 -33.49 -14.63 11.41
N SER C 361 -32.45 -15.31 11.87
CA SER C 361 -31.66 -14.84 13.00
C SER C 361 -30.36 -14.15 12.62
N ILE C 362 -29.78 -14.45 11.47
CA ILE C 362 -28.42 -14.07 11.15
C ILE C 362 -28.40 -13.31 9.83
N MET C 363 -27.68 -12.18 9.81
CA MET C 363 -27.41 -11.44 8.58
C MET C 363 -25.98 -11.73 8.12
N SER C 364 -25.80 -11.86 6.82
CA SER C 364 -24.49 -12.16 6.24
C SER C 364 -24.40 -11.49 4.87
N SER C 365 -23.29 -11.75 4.17
CA SER C 365 -23.03 -11.06 2.91
C SER C 365 -22.97 -11.96 1.70
N ASP C 366 -22.34 -13.13 1.79
CA ASP C 366 -21.93 -13.91 0.63
C ASP C 366 -20.95 -13.10 -0.23
N THR C 367 -19.80 -12.81 0.36
CA THR C 367 -18.86 -11.85 -0.19
C THR C 367 -18.38 -12.25 -1.57
N LEU C 368 -18.52 -11.33 -2.52
CA LEU C 368 -17.98 -11.43 -3.87
C LEU C 368 -18.46 -12.66 -4.65
N ALA C 369 -19.50 -13.33 -4.17
CA ALA C 369 -20.17 -14.37 -4.94
C ALA C 369 -21.61 -14.00 -5.27
N MET C 370 -22.35 -13.50 -4.28
CA MET C 370 -23.66 -12.89 -4.54
C MET C 370 -23.88 -11.58 -3.81
N GLY C 371 -23.16 -11.29 -2.74
CA GLY C 371 -23.45 -10.10 -1.96
C GLY C 371 -22.26 -9.21 -1.65
N ARG C 372 -22.45 -8.26 -0.74
CA ARG C 372 -21.51 -7.17 -0.51
C ARG C 372 -21.07 -7.17 0.93
N ILE C 373 -19.74 -7.25 1.15
CA ILE C 373 -19.20 -7.39 2.49
C ILE C 373 -19.24 -6.08 3.28
N GLY C 374 -19.23 -4.95 2.59
CA GLY C 374 -19.21 -3.67 3.27
C GLY C 374 -20.57 -3.12 3.65
N GLU C 375 -21.65 -3.87 3.41
CA GLU C 375 -23.01 -3.36 3.57
C GLU C 375 -23.84 -4.17 4.55
N VAL C 376 -23.24 -5.14 5.23
CA VAL C 376 -24.00 -6.07 6.07
C VAL C 376 -24.84 -5.30 7.08
N ALA C 377 -24.23 -4.36 7.80
CA ALA C 377 -25.00 -3.52 8.71
C ALA C 377 -25.97 -2.63 7.95
N THR C 378 -25.48 -1.97 6.89
CA THR C 378 -26.26 -0.93 6.23
C THR C 378 -27.62 -1.45 5.79
N ARG C 379 -27.61 -2.44 4.90
CA ARG C 379 -28.86 -3.01 4.42
C ARG C 379 -29.71 -3.52 5.56
N THR C 380 -29.07 -4.10 6.59
CA THR C 380 -29.82 -4.56 7.75
C THR C 380 -30.69 -3.43 8.30
N TRP C 381 -30.08 -2.28 8.57
CA TRP C 381 -30.85 -1.17 9.10
C TRP C 381 -31.82 -0.65 8.06
N GLN C 382 -31.43 -0.70 6.78
CA GLN C 382 -32.37 -0.36 5.72
C GLN C 382 -33.63 -1.22 5.83
N MET C 383 -33.44 -2.53 6.04
CA MET C 383 -34.58 -3.40 6.26
C MET C 383 -35.38 -2.94 7.47
N ALA C 384 -34.68 -2.65 8.57
CA ALA C 384 -35.37 -2.16 9.76
C ALA C 384 -36.11 -0.88 9.46
N HIS C 385 -35.58 -0.04 8.57
CA HIS C 385 -36.31 1.14 8.14
C HIS C 385 -37.58 0.74 7.41
N LYS C 386 -37.45 -0.11 6.39
CA LYS C 386 -38.57 -0.41 5.51
C LYS C 386 -39.75 -0.99 6.28
N MET C 387 -39.48 -1.98 7.14
CA MET C 387 -40.53 -2.58 7.94
C MET C 387 -41.25 -1.53 8.77
N LYS C 388 -40.49 -0.64 9.42
CA LYS C 388 -41.13 0.40 10.22
C LYS C 388 -42.01 1.29 9.35
N ALA C 389 -41.55 1.59 8.14
CA ALA C 389 -42.33 2.42 7.24
C ALA C 389 -43.62 1.73 6.80
N GLN C 390 -43.64 0.39 6.80
CA GLN C 390 -44.77 -0.34 6.25
C GLN C 390 -45.64 -1.03 7.27
N PHE C 391 -45.14 -1.29 8.48
CA PHE C 391 -45.90 -1.99 9.49
C PHE C 391 -45.92 -1.28 10.85
N GLY C 392 -45.33 -0.10 10.95
CA GLY C 392 -45.37 0.64 12.19
C GLY C 392 -44.35 0.15 13.22
N SER C 393 -44.55 0.59 14.44
CA SER C 393 -43.64 0.26 15.53
C SER C 393 -43.72 -1.22 15.88
N LEU C 394 -42.56 -1.81 16.16
CA LEU C 394 -42.53 -3.18 16.66
C LEU C 394 -43.17 -3.23 18.05
N LYS C 395 -43.56 -4.44 18.45
CA LYS C 395 -44.25 -4.62 19.72
C LYS C 395 -43.42 -4.09 20.88
N GLY C 396 -44.02 -3.21 21.68
CA GLY C 396 -43.35 -2.59 22.80
C GLY C 396 -42.66 -1.28 22.49
N ASP C 397 -42.59 -0.88 21.22
CA ASP C 397 -41.93 0.35 20.82
C ASP C 397 -42.93 1.50 20.75
N SER C 398 -42.39 2.73 20.77
CA SER C 398 -43.20 3.94 20.84
C SER C 398 -42.66 4.95 19.82
N GLU C 399 -43.13 6.19 19.94
CA GLU C 399 -42.86 7.20 18.93
C GLU C 399 -41.37 7.48 18.77
N PHE C 400 -40.68 7.76 19.87
CA PHE C 400 -39.25 8.04 19.85
C PHE C 400 -38.44 6.92 20.51
N SER C 401 -38.92 5.69 20.40
CA SER C 401 -38.22 4.55 21.00
C SER C 401 -38.46 3.34 20.10
N ASP C 402 -37.48 3.01 19.26
CA ASP C 402 -37.47 1.78 18.49
C ASP C 402 -36.46 0.79 19.07
N ASN C 403 -36.33 0.78 20.40
CA ASN C 403 -35.28 0.02 21.05
C ASN C 403 -35.42 -1.47 20.83
N ASN C 404 -36.66 -1.99 20.91
CA ASN C 404 -36.87 -3.42 20.70
C ASN C 404 -36.44 -3.85 19.31
N ARG C 405 -36.90 -3.11 18.29
CA ARG C 405 -36.52 -3.43 16.91
C ARG C 405 -35.02 -3.27 16.70
N VAL C 406 -34.44 -2.22 17.28
CA VAL C 406 -33.01 -1.97 17.11
C VAL C 406 -32.20 -3.12 17.70
N LYS C 407 -32.56 -3.58 18.90
CA LYS C 407 -31.87 -4.71 19.51
C LYS C 407 -32.04 -5.97 18.68
N ARG C 408 -33.28 -6.24 18.23
CA ARG C 408 -33.53 -7.43 17.42
C ARG C 408 -32.67 -7.42 16.16
N TYR C 409 -32.58 -6.28 15.48
CA TYR C 409 -31.85 -6.24 14.22
C TYR C 409 -30.33 -6.24 14.44
N ILE C 410 -29.84 -5.54 15.47
CA ILE C 410 -28.41 -5.53 15.71
C ILE C 410 -27.92 -6.90 16.15
N SER C 411 -28.79 -7.69 16.81
CA SER C 411 -28.42 -9.05 17.16
C SER C 411 -28.11 -9.91 15.94
N LYS C 412 -28.67 -9.56 14.78
CA LYS C 412 -28.56 -10.43 13.61
C LYS C 412 -27.16 -10.48 13.03
N TYR C 413 -26.36 -9.43 13.22
CA TYR C 413 -25.01 -9.42 12.70
C TYR C 413 -23.94 -9.28 13.78
N THR C 414 -24.31 -9.28 15.06
CA THR C 414 -23.32 -9.22 16.13
C THR C 414 -23.28 -10.47 16.99
N ILE C 415 -24.37 -10.82 17.66
CA ILE C 415 -24.34 -11.86 18.68
C ILE C 415 -24.83 -13.21 18.14
N ASN C 416 -25.87 -13.20 17.31
CA ASN C 416 -26.35 -14.46 16.74
C ASN C 416 -25.33 -15.14 15.86
N PRO C 417 -24.66 -14.46 14.92
CA PRO C 417 -23.58 -15.14 14.18
C PRO C 417 -22.44 -15.62 15.08
N ALA C 418 -22.15 -14.90 16.17
CA ALA C 418 -21.13 -15.35 17.11
C ALA C 418 -21.55 -16.65 17.80
N ILE C 419 -22.80 -16.73 18.22
CA ILE C 419 -23.31 -17.93 18.88
C ILE C 419 -23.34 -19.09 17.88
N ALA C 420 -23.69 -18.81 16.64
CA ALA C 420 -23.81 -19.86 15.63
C ALA C 420 -22.47 -20.58 15.43
N HIS C 421 -21.38 -19.82 15.40
CA HIS C 421 -20.06 -20.39 15.17
C HIS C 421 -19.26 -20.58 16.45
N GLY C 422 -19.90 -20.43 17.61
CA GLY C 422 -19.25 -20.69 18.88
C GLY C 422 -18.09 -19.77 19.23
N VAL C 423 -18.27 -18.47 19.02
CA VAL C 423 -17.24 -17.49 19.38
C VAL C 423 -17.88 -16.39 20.21
N ASP C 424 -19.07 -16.65 20.73
CA ASP C 424 -19.78 -15.62 21.50
C ASP C 424 -19.10 -15.32 22.83
N SER C 425 -18.32 -16.27 23.36
CA SER C 425 -17.59 -16.00 24.59
C SER C 425 -16.42 -15.04 24.37
N TYR C 426 -15.99 -14.86 23.13
CA TYR C 426 -14.91 -13.94 22.79
C TYR C 426 -15.42 -12.62 22.25
N ILE C 427 -16.37 -12.66 21.31
CA ILE C 427 -16.82 -11.48 20.58
C ILE C 427 -18.34 -11.52 20.48
N GLY C 428 -18.89 -10.56 19.74
CA GLY C 428 -20.30 -10.53 19.42
C GLY C 428 -21.13 -9.54 20.20
N SER C 429 -20.60 -8.94 21.26
CA SER C 429 -21.34 -7.96 22.04
C SER C 429 -20.37 -7.16 22.89
N LEU C 430 -20.86 -6.05 23.43
CA LEU C 430 -20.08 -5.19 24.31
C LEU C 430 -20.38 -5.59 25.75
N GLU C 431 -19.64 -6.58 26.24
CA GLU C 431 -19.82 -7.08 27.59
C GLU C 431 -18.46 -7.35 28.21
N VAL C 432 -18.44 -7.37 29.55
CA VAL C 432 -17.19 -7.55 30.28
C VAL C 432 -16.64 -8.95 30.01
N GLY C 433 -15.35 -9.03 29.74
CA GLY C 433 -14.68 -10.28 29.45
C GLY C 433 -14.46 -10.57 27.99
N LYS C 434 -15.13 -9.84 27.10
CA LYS C 434 -15.03 -10.06 25.66
C LYS C 434 -13.89 -9.21 25.08
N LEU C 435 -13.48 -9.57 23.87
CA LEU C 435 -12.47 -8.80 23.16
C LEU C 435 -12.98 -7.39 22.88
N ALA C 436 -12.07 -6.43 22.90
CA ALA C 436 -12.41 -5.02 22.72
C ALA C 436 -12.51 -4.66 21.23
N ASP C 437 -13.44 -5.31 20.55
CA ASP C 437 -13.75 -5.03 19.15
C ASP C 437 -14.95 -4.10 19.14
N ILE C 438 -14.72 -2.81 18.91
CA ILE C 438 -15.73 -1.78 19.10
C ILE C 438 -15.78 -0.88 17.87
N VAL C 439 -16.99 -0.57 17.41
CA VAL C 439 -17.19 0.36 16.30
C VAL C 439 -17.87 1.60 16.85
N ALA C 440 -17.30 2.77 16.53
CA ALA C 440 -17.87 4.05 16.92
C ALA C 440 -18.54 4.71 15.72
N TRP C 441 -19.70 5.31 15.95
CA TRP C 441 -20.48 5.97 14.91
C TRP C 441 -20.90 7.35 15.37
N GLU C 442 -20.74 8.34 14.51
CA GLU C 442 -21.47 9.58 14.69
C GLU C 442 -22.93 9.33 14.32
N PRO C 443 -23.88 9.79 15.14
CA PRO C 443 -25.30 9.42 14.90
C PRO C 443 -25.79 9.77 13.49
N LYS C 444 -25.35 10.89 12.92
CA LYS C 444 -25.75 11.23 11.57
C LYS C 444 -25.17 10.29 10.53
N PHE C 445 -24.13 9.53 10.87
CA PHE C 445 -23.52 8.56 9.98
C PHE C 445 -23.82 7.12 10.38
N PHE C 446 -24.69 6.90 11.36
CA PHE C 446 -24.90 5.56 11.88
C PHE C 446 -25.44 4.62 10.80
N GLY C 447 -24.79 3.48 10.64
CA GLY C 447 -25.16 2.50 9.64
C GLY C 447 -24.62 2.75 8.25
N ALA C 448 -23.91 3.86 8.04
CA ALA C 448 -23.33 4.19 6.74
C ALA C 448 -21.82 4.28 6.78
N LYS C 449 -21.26 5.09 7.68
CA LYS C 449 -19.82 5.33 7.69
C LYS C 449 -19.31 5.41 9.13
N PRO C 450 -18.58 4.41 9.60
CA PRO C 450 -18.14 4.40 11.00
C PRO C 450 -17.08 5.46 11.25
N TYR C 451 -16.99 5.88 12.52
CA TYR C 451 -16.01 6.89 12.91
C TYR C 451 -14.65 6.27 13.13
N TYR C 452 -14.57 5.20 13.94
CA TYR C 452 -13.37 4.39 14.00
C TYR C 452 -13.74 2.96 14.39
N VAL C 453 -12.82 2.04 14.09
CA VAL C 453 -12.98 0.62 14.40
C VAL C 453 -11.79 0.20 15.26
N VAL C 454 -12.08 -0.34 16.44
CA VAL C 454 -11.08 -0.71 17.43
C VAL C 454 -11.01 -2.24 17.50
N LYS C 455 -9.79 -2.77 17.38
CA LYS C 455 -9.53 -4.20 17.41
C LYS C 455 -8.71 -4.51 18.65
N MET C 456 -9.36 -5.12 19.65
CA MET C 456 -8.71 -5.50 20.91
C MET C 456 -8.04 -4.30 21.58
N GLY C 457 -8.78 -3.19 21.66
CA GLY C 457 -8.32 -2.01 22.33
C GLY C 457 -7.47 -1.06 21.52
N VAL C 458 -7.15 -1.42 20.27
CA VAL C 458 -6.29 -0.60 19.42
C VAL C 458 -7.06 -0.28 18.14
N ILE C 459 -7.03 0.99 17.73
CA ILE C 459 -7.70 1.39 16.51
C ILE C 459 -6.99 0.77 15.31
N ALA C 460 -7.75 0.09 14.45
CA ALA C 460 -7.21 -0.57 13.27
C ALA C 460 -7.49 0.22 12.00
N ARG C 461 -8.66 0.85 11.90
CA ARG C 461 -9.02 1.66 10.75
C ARG C 461 -9.89 2.81 11.26
N CYS C 462 -9.72 3.98 10.66
CA CYS C 462 -10.50 5.12 11.15
C CYS C 462 -10.55 6.22 10.11
N VAL C 463 -11.55 7.09 10.27
CA VAL C 463 -11.61 8.32 9.49
C VAL C 463 -10.49 9.24 9.92
N ALA C 464 -9.69 9.70 8.96
CA ALA C 464 -8.55 10.56 9.25
C ALA C 464 -8.19 11.33 7.98
N GLY C 465 -7.47 12.43 8.18
CA GLY C 465 -7.16 13.32 7.08
C GLY C 465 -5.69 13.43 6.71
N ASP C 466 -5.33 14.56 6.10
CA ASP C 466 -3.99 14.89 5.64
C ASP C 466 -2.97 14.68 6.76
N PRO C 467 -2.05 13.72 6.61
CA PRO C 467 -1.08 13.46 7.68
C PRO C 467 -0.13 14.63 7.93
N ASN C 468 0.06 15.53 6.96
CA ASN C 468 0.88 16.71 7.17
C ASN C 468 0.13 17.83 7.87
N ALA C 469 -1.19 17.75 7.95
CA ALA C 469 -1.98 18.87 8.46
C ALA C 469 -1.72 19.10 9.94
N SER C 470 -2.09 20.31 10.39
CA SER C 470 -1.97 20.66 11.80
C SER C 470 -2.98 19.92 12.67
N ILE C 471 -4.04 19.37 12.08
CA ILE C 471 -5.07 18.64 12.81
C ILE C 471 -5.49 17.43 11.98
N PRO C 472 -6.00 16.39 12.64
CA PRO C 472 -6.32 15.14 11.92
C PRO C 472 -7.65 15.13 11.20
N THR C 473 -8.29 16.28 10.97
CA THR C 473 -9.57 16.34 10.31
C THR C 473 -9.52 17.19 9.04
N CYS C 474 -8.38 17.20 8.36
CA CYS C 474 -8.20 18.03 7.18
C CYS C 474 -8.31 17.19 5.91
N GLU C 475 -8.95 17.77 4.89
CA GLU C 475 -9.17 17.04 3.65
C GLU C 475 -7.84 16.69 2.99
N PRO C 476 -7.76 15.54 2.31
CA PRO C 476 -8.86 14.58 2.12
C PRO C 476 -9.09 13.68 3.34
N VAL C 477 -10.30 13.76 3.89
CA VAL C 477 -10.67 12.98 5.07
C VAL C 477 -11.26 11.66 4.59
N ILE C 478 -10.51 10.57 4.76
CA ILE C 478 -10.90 9.26 4.27
C ILE C 478 -10.62 8.22 5.35
N MET C 479 -11.17 7.02 5.15
CA MET C 479 -10.88 5.90 6.04
C MET C 479 -9.49 5.36 5.74
N ARG C 480 -8.64 5.33 6.76
CA ARG C 480 -7.24 4.98 6.63
C ARG C 480 -6.89 3.89 7.62
N ASP C 481 -5.96 3.03 7.20
CA ASP C 481 -5.35 2.04 8.10
C ASP C 481 -4.55 2.75 9.17
N GLN C 482 -4.63 2.23 10.39
CA GLN C 482 -4.00 2.84 11.55
C GLN C 482 -2.85 1.96 12.04
N PHE C 483 -2.29 2.32 13.21
CA PHE C 483 -1.16 1.59 13.77
C PHE C 483 -1.50 0.13 14.08
N GLY C 484 -2.77 -0.19 14.27
CA GLY C 484 -3.17 -1.56 14.54
C GLY C 484 -2.89 -2.53 13.40
N THR C 485 -2.58 -2.02 12.21
CA THR C 485 -2.27 -2.84 11.06
C THR C 485 -0.77 -2.92 10.76
N TYR C 486 0.07 -2.43 11.67
CA TYR C 486 1.51 -2.32 11.43
C TYR C 486 2.30 -3.11 12.46
N GLY C 487 3.40 -3.70 12.01
CA GLY C 487 4.35 -4.33 12.92
C GLY C 487 3.75 -5.50 13.67
N ARG C 488 4.22 -5.69 14.90
CA ARG C 488 3.67 -6.73 15.76
C ARG C 488 2.28 -6.38 16.26
N LEU C 489 1.90 -5.10 16.22
CA LEU C 489 0.56 -4.71 16.61
C LEU C 489 -0.48 -5.35 15.69
N LEU C 490 -0.12 -5.61 14.43
CA LEU C 490 -1.04 -6.29 13.53
C LEU C 490 -1.34 -7.70 14.01
N THR C 491 -0.34 -8.42 14.50
CA THR C 491 -0.52 -9.78 14.99
C THR C 491 -0.92 -9.81 16.46
N ASN C 492 -0.97 -8.67 17.14
CA ASN C 492 -1.40 -8.61 18.53
C ASN C 492 -2.85 -8.17 18.71
N THR C 493 -3.45 -7.53 17.72
CA THR C 493 -4.77 -6.92 17.87
C THR C 493 -5.87 -7.71 17.16
N SER C 494 -5.57 -8.89 16.65
CA SER C 494 -6.59 -9.76 16.07
C SER C 494 -6.20 -11.21 16.34
N VAL C 495 -7.17 -12.11 16.19
CA VAL C 495 -6.97 -13.52 16.47
C VAL C 495 -7.48 -14.34 15.28
N SER C 496 -7.05 -15.59 15.25
CA SER C 496 -7.56 -16.58 14.30
C SER C 496 -8.33 -17.65 15.08
N PHE C 497 -9.52 -17.97 14.60
CA PHE C 497 -10.37 -18.97 15.24
C PHE C 497 -10.17 -20.31 14.54
N VAL C 498 -9.89 -21.35 15.33
CA VAL C 498 -9.59 -22.68 14.82
C VAL C 498 -10.35 -23.70 15.65
N SER C 499 -10.34 -24.95 15.17
CA SER C 499 -10.94 -26.04 15.93
C SER C 499 -10.07 -26.37 17.14
N LYS C 500 -10.72 -26.97 18.14
CA LYS C 500 -10.00 -27.38 19.35
C LYS C 500 -8.95 -28.44 19.03
N ILE C 501 -9.29 -29.42 18.19
CA ILE C 501 -8.33 -30.46 17.83
C ILE C 501 -7.18 -29.88 17.02
N GLY C 502 -7.48 -28.93 16.12
CA GLY C 502 -6.42 -28.28 15.38
C GLY C 502 -5.46 -27.52 16.27
N LEU C 503 -6.00 -26.79 17.25
CA LEU C 503 -5.15 -26.08 18.20
C LEU C 503 -4.31 -27.05 19.03
N GLU C 504 -4.91 -28.15 19.48
CA GLU C 504 -4.16 -29.15 20.22
C GLU C 504 -3.12 -29.87 19.37
N ASN C 505 -3.25 -29.79 18.04
CA ASN C 505 -2.29 -30.39 17.13
C ASN C 505 -1.05 -29.53 16.92
N GLY C 506 -1.00 -28.36 17.52
CA GLY C 506 0.12 -27.45 17.35
C GLY C 506 0.23 -26.87 15.95
N ILE C 507 -0.90 -26.50 15.36
CA ILE C 507 -0.88 -25.89 14.03
C ILE C 507 -0.22 -24.52 14.06
N LYS C 508 -0.27 -23.84 15.21
CA LYS C 508 0.35 -22.52 15.32
C LYS C 508 1.85 -22.59 15.04
N GLU C 509 2.53 -23.57 15.65
CA GLU C 509 3.96 -23.72 15.42
C GLU C 509 4.22 -24.32 14.04
N GLU C 510 3.41 -25.28 13.62
CA GLU C 510 3.61 -25.92 12.32
C GLU C 510 3.43 -24.93 11.19
N TYR C 511 2.41 -24.08 11.26
CA TYR C 511 2.16 -23.09 10.23
C TYR C 511 2.93 -21.80 10.44
N LYS C 512 3.73 -21.71 11.51
CA LYS C 512 4.50 -20.52 11.84
C LYS C 512 3.60 -19.29 11.97
N LEU C 513 2.45 -19.47 12.61
CA LEU C 513 1.51 -18.38 12.78
C LEU C 513 1.91 -17.50 13.96
N GLU C 514 1.82 -16.19 13.76
CA GLU C 514 2.19 -15.22 14.79
C GLU C 514 1.00 -14.74 15.61
N LYS C 515 -0.22 -14.94 15.13
CA LYS C 515 -1.40 -14.53 15.87
C LYS C 515 -1.75 -15.57 16.94
N GLU C 516 -2.50 -15.12 17.94
CA GLU C 516 -3.09 -16.04 18.90
C GLU C 516 -4.23 -16.82 18.25
N LEU C 517 -4.30 -18.12 18.54
CA LEU C 517 -5.36 -18.97 18.02
C LEU C 517 -6.35 -19.28 19.14
N LEU C 518 -7.63 -19.04 18.88
CA LEU C 518 -8.67 -19.29 19.85
C LEU C 518 -9.61 -20.38 19.35
N PRO C 519 -9.96 -21.35 20.20
CA PRO C 519 -10.81 -22.46 19.75
C PRO C 519 -12.30 -22.16 19.86
N VAL C 520 -13.03 -22.55 18.80
CA VAL C 520 -14.48 -22.46 18.86
C VAL C 520 -15.02 -23.54 19.78
N LYS C 521 -16.17 -23.27 20.39
CA LYS C 521 -16.73 -24.20 21.37
C LYS C 521 -18.23 -23.97 21.46
N ASN C 522 -18.93 -25.00 21.97
CA ASN C 522 -20.38 -24.96 22.16
C ASN C 522 -21.13 -24.75 20.84
N CYS C 523 -20.55 -25.22 19.73
CA CYS C 523 -21.20 -25.09 18.44
C CYS C 523 -22.36 -26.06 18.27
N ARG C 524 -22.29 -27.22 18.92
CA ARG C 524 -23.30 -28.26 18.72
C ARG C 524 -24.49 -28.11 19.67
N SER C 525 -24.30 -27.48 20.82
CA SER C 525 -25.35 -27.40 21.84
C SER C 525 -26.32 -26.26 21.61
N VAL C 526 -26.08 -25.39 20.64
CA VAL C 526 -26.95 -24.24 20.39
C VAL C 526 -27.95 -24.60 19.32
N ASN C 527 -29.13 -23.96 19.37
CA ASN C 527 -30.18 -24.16 18.39
C ASN C 527 -30.88 -22.82 18.17
N LYS C 528 -32.05 -22.87 17.53
CA LYS C 528 -32.77 -21.65 17.19
C LYS C 528 -33.14 -20.85 18.43
N LYS C 529 -33.47 -21.53 19.54
CA LYS C 529 -33.82 -20.83 20.77
C LYS C 529 -32.64 -20.11 21.40
N SER C 530 -31.41 -20.41 20.97
CA SER C 530 -30.24 -19.73 21.52
C SER C 530 -30.10 -18.30 20.99
N MET C 531 -30.62 -18.04 19.78
CA MET C 531 -30.47 -16.72 19.17
C MET C 531 -31.22 -15.67 20.00
N LYS C 532 -30.57 -14.53 20.19
CA LYS C 532 -31.17 -13.43 20.94
C LYS C 532 -32.16 -12.67 20.07
N TRP C 533 -33.38 -12.50 20.57
CA TRP C 533 -34.46 -11.75 19.93
C TRP C 533 -34.88 -12.32 18.59
N ASN C 534 -34.36 -13.48 18.20
CA ASN C 534 -34.64 -14.06 16.88
C ASN C 534 -34.87 -15.56 16.99
N SER C 535 -35.68 -15.97 17.97
CA SER C 535 -35.94 -17.37 18.24
C SER C 535 -37.29 -17.86 17.73
N ALA C 536 -37.98 -17.06 16.90
CA ALA C 536 -39.30 -17.44 16.43
C ALA C 536 -39.23 -18.54 15.36
N THR C 537 -40.16 -19.48 15.43
CA THR C 537 -40.27 -20.57 14.45
C THR C 537 -41.71 -20.64 13.96
N PRO C 538 -42.12 -19.73 13.07
CA PRO C 538 -43.47 -19.78 12.53
C PRO C 538 -43.64 -20.93 11.55
N ASN C 539 -44.90 -21.29 11.32
CA ASN C 539 -45.25 -22.39 10.42
C ASN C 539 -45.27 -21.86 8.98
N LEU C 540 -44.06 -21.59 8.48
CA LEU C 540 -43.90 -21.04 7.14
C LEU C 540 -44.06 -22.15 6.10
N GLU C 541 -44.85 -21.89 5.06
CA GLU C 541 -45.03 -22.81 3.96
C GLU C 541 -44.91 -22.05 2.65
N VAL C 542 -44.17 -22.61 1.71
CA VAL C 542 -44.00 -22.04 0.37
C VAL C 542 -44.84 -22.87 -0.59
N ASP C 543 -45.75 -22.20 -1.30
CA ASP C 543 -46.62 -22.89 -2.25
C ASP C 543 -45.80 -23.38 -3.43
N PRO C 544 -45.82 -24.68 -3.75
CA PRO C 544 -45.01 -25.17 -4.87
C PRO C 544 -45.38 -24.57 -6.22
N GLN C 545 -46.60 -24.07 -6.38
CA GLN C 545 -47.07 -23.53 -7.64
C GLN C 545 -46.91 -22.01 -7.74
N THR C 546 -47.41 -21.28 -6.75
CA THR C 546 -47.41 -19.81 -6.80
C THR C 546 -46.26 -19.18 -6.03
N PHE C 547 -45.45 -19.98 -5.34
CA PHE C 547 -44.28 -19.54 -4.56
C PHE C 547 -44.67 -18.67 -3.37
N ASP C 548 -45.96 -18.51 -3.08
CA ASP C 548 -46.40 -17.69 -1.96
C ASP C 548 -45.92 -18.30 -0.64
N ALA C 549 -45.54 -17.44 0.29
CA ALA C 549 -45.09 -17.85 1.61
C ALA C 549 -46.10 -17.38 2.65
N ALA C 550 -46.66 -18.32 3.40
CA ALA C 550 -47.74 -18.03 4.33
C ALA C 550 -47.42 -18.59 5.70
N VAL C 551 -48.03 -18.00 6.72
CA VAL C 551 -47.88 -18.40 8.11
C VAL C 551 -49.26 -18.52 8.74
N ASP C 552 -49.29 -18.99 9.98
CA ASP C 552 -50.54 -19.13 10.72
C ASP C 552 -50.94 -17.80 11.35
N PHE C 553 -52.20 -17.74 11.80
CA PHE C 553 -52.70 -16.52 12.44
C PHE C 553 -51.94 -16.21 13.73
N ASN C 554 -51.65 -17.24 14.52
CA ASN C 554 -50.91 -17.04 15.77
C ASN C 554 -49.47 -16.62 15.52
N ASP C 555 -48.91 -16.94 14.35
CA ASP C 555 -47.56 -16.49 14.02
C ASP C 555 -47.47 -14.97 13.90
N LEU C 556 -48.59 -14.30 13.62
CA LEU C 556 -48.64 -12.85 13.56
C LEU C 556 -48.81 -12.20 14.92
N GLU C 557 -49.01 -12.99 15.97
CA GLU C 557 -49.19 -12.45 17.32
C GLU C 557 -47.85 -12.02 17.91
N ASN C 558 -47.91 -10.95 18.71
CA ASN C 558 -46.76 -10.40 19.44
C ASN C 558 -45.67 -9.88 18.50
N TRP C 559 -45.99 -9.68 17.22
CA TRP C 559 -45.02 -9.16 16.27
C TRP C 559 -44.92 -7.64 16.36
N LEU C 560 -46.01 -6.95 16.06
CA LEU C 560 -46.03 -5.51 15.89
C LEU C 560 -46.94 -4.86 16.93
N GLU C 561 -46.97 -3.53 16.93
CA GLU C 561 -47.88 -2.80 17.80
C GLU C 561 -49.33 -3.07 17.40
N GLN C 562 -49.60 -3.16 16.10
CA GLN C 562 -50.93 -3.53 15.63
C GLN C 562 -51.14 -5.04 15.83
N SER C 563 -52.34 -5.39 16.29
CA SER C 563 -52.64 -6.76 16.65
C SER C 563 -52.68 -7.66 15.41
N ALA C 564 -52.71 -8.97 15.65
CA ALA C 564 -52.75 -9.94 14.57
C ALA C 564 -54.05 -9.82 13.78
N SER C 565 -55.16 -9.48 14.44
CA SER C 565 -56.42 -9.32 13.73
C SER C 565 -56.35 -8.19 12.70
N GLU C 566 -55.76 -7.05 13.09
CA GLU C 566 -55.60 -5.95 12.16
C GLU C 566 -54.69 -6.33 10.99
N LEU C 567 -53.62 -7.07 11.28
CA LEU C 567 -52.73 -7.53 10.22
C LEU C 567 -53.43 -8.51 9.29
N ALA C 568 -54.39 -9.28 9.80
CA ALA C 568 -55.14 -10.22 8.99
C ALA C 568 -55.99 -9.53 7.93
N LYS C 569 -56.35 -8.28 8.14
CA LYS C 569 -57.14 -7.52 7.18
C LYS C 569 -56.29 -6.95 6.05
N LYS C 570 -54.98 -7.06 6.12
CA LYS C 570 -54.08 -6.52 5.09
C LYS C 570 -53.33 -7.60 4.33
N LEU C 571 -52.87 -8.64 5.00
CA LEU C 571 -52.23 -9.75 4.32
C LEU C 571 -53.27 -10.62 3.62
N LYS C 572 -52.92 -11.12 2.44
CA LYS C 572 -53.83 -11.97 1.69
C LYS C 572 -53.96 -13.34 2.36
N LYS C 573 -55.08 -13.99 2.14
CA LYS C 573 -55.40 -15.28 2.73
C LYS C 573 -55.35 -16.37 1.67
N THR C 574 -54.70 -17.49 1.99
CA THR C 574 -54.66 -18.63 1.10
C THR C 574 -56.00 -19.38 1.16
N SER C 575 -56.07 -20.53 0.50
CA SER C 575 -57.26 -21.38 0.62
C SER C 575 -57.47 -21.83 2.06
N SER C 576 -56.38 -22.21 2.74
CA SER C 576 -56.43 -22.54 4.15
C SER C 576 -56.47 -21.26 4.97
N GLY C 577 -56.43 -21.40 6.30
CA GLY C 577 -56.45 -20.24 7.17
C GLY C 577 -55.07 -19.63 7.38
N LYS C 578 -54.29 -19.53 6.32
CA LYS C 578 -52.96 -18.96 6.36
C LYS C 578 -52.94 -17.59 5.69
N TYR C 579 -51.94 -16.79 6.05
CA TYR C 579 -51.83 -15.42 5.57
C TYR C 579 -50.48 -15.23 4.88
N ILE C 580 -50.51 -14.63 3.70
CA ILE C 580 -49.32 -14.52 2.87
C ILE C 580 -48.49 -13.32 3.31
N LEU C 581 -47.20 -13.56 3.58
CA LEU C 581 -46.29 -12.49 3.93
C LEU C 581 -45.83 -11.79 2.65
N ASP C 582 -46.10 -10.49 2.56
CA ASP C 582 -45.74 -9.72 1.36
C ASP C 582 -45.70 -8.24 1.71
N ALA C 583 -45.02 -7.48 0.86
CA ALA C 583 -44.95 -6.03 0.98
C ALA C 583 -44.43 -5.45 -0.32
N GLU C 584 -44.77 -4.20 -0.57
CA GLU C 584 -44.31 -3.53 -1.78
C GLU C 584 -42.81 -3.27 -1.70
N PRO C 585 -42.10 -3.36 -2.83
CA PRO C 585 -40.65 -3.10 -2.80
C PRO C 585 -40.35 -1.64 -2.49
N LEU C 586 -39.23 -1.43 -1.80
CA LEU C 586 -38.80 -0.09 -1.44
C LEU C 586 -38.30 0.67 -2.67
N THR C 587 -38.64 1.96 -2.73
CA THR C 587 -38.19 2.83 -3.82
C THR C 587 -36.99 3.67 -3.43
N GLU C 588 -37.05 4.33 -2.26
CA GLU C 588 -35.94 5.12 -1.74
C GLU C 588 -35.51 4.53 -0.41
N ALA C 589 -34.21 4.31 -0.26
CA ALA C 589 -33.67 3.75 0.97
C ALA C 589 -32.83 4.78 1.71
N PRO C 590 -32.75 4.69 3.03
CA PRO C 590 -31.78 5.48 3.79
C PRO C 590 -30.43 4.81 3.72
N LEU C 591 -29.43 5.47 4.33
CA LEU C 591 -28.05 4.98 4.33
C LEU C 591 -27.60 4.68 2.90
N ALA C 592 -27.73 5.70 2.06
CA ALA C 592 -27.79 5.57 0.61
C ALA C 592 -27.19 6.81 -0.02
N GLN C 593 -27.65 7.15 -1.23
CA GLN C 593 -27.08 8.22 -2.05
C GLN C 593 -26.86 9.53 -1.30
N ARG C 594 -27.46 9.69 -0.12
CA ARG C 594 -27.15 10.84 0.73
C ARG C 594 -25.75 10.76 1.32
N TYR C 595 -25.09 9.60 1.27
CA TYR C 595 -23.81 9.39 1.92
C TYR C 595 -22.68 9.05 0.97
N PHE C 596 -22.91 8.19 -0.01
CA PHE C 596 -21.83 7.54 -0.74
C PHE C 596 -21.58 8.23 -2.08
N LEU C 597 -20.33 8.63 -2.29
CA LEU C 597 -19.87 9.00 -3.62
C LEU C 597 -19.88 7.74 -4.50
N PHE C 598 -20.60 7.82 -5.61
CA PHE C 598 -20.90 6.65 -6.46
C PHE C 598 -21.74 5.60 -5.72
N MET D 1 7.78 15.40 -11.79
CA MET D 1 6.97 16.29 -10.98
C MET D 1 7.52 16.43 -9.57
N ASN D 2 8.14 15.36 -9.08
CA ASN D 2 8.68 15.29 -7.71
C ASN D 2 7.57 15.53 -6.69
N LEU D 3 6.50 14.74 -6.80
CA LEU D 3 5.34 14.92 -5.92
C LEU D 3 5.55 14.19 -4.60
N SER D 4 5.42 14.93 -3.50
CA SER D 4 5.35 14.31 -2.19
C SER D 4 4.00 13.60 -2.02
N LEU D 5 3.90 12.81 -0.95
CA LEU D 5 2.70 12.00 -0.75
C LEU D 5 1.47 12.86 -0.53
N ARG D 6 1.59 13.97 0.21
CA ARG D 6 0.45 14.82 0.47
C ARG D 6 -0.09 15.43 -0.83
N GLU D 7 0.82 15.86 -1.72
CA GLU D 7 0.40 16.37 -3.02
C GLU D 7 -0.36 15.31 -3.80
N VAL D 8 0.14 14.08 -3.80
CA VAL D 8 -0.52 13.00 -4.54
C VAL D 8 -1.91 12.75 -3.98
N GLN D 9 -2.03 12.67 -2.66
CA GLN D 9 -3.31 12.39 -2.04
C GLN D 9 -4.31 13.53 -2.19
N LYS D 10 -3.82 14.76 -2.40
CA LYS D 10 -4.76 15.87 -2.59
C LYS D 10 -5.45 15.84 -3.96
N LEU D 11 -4.95 15.05 -4.92
CA LEU D 11 -5.64 14.92 -6.21
C LEU D 11 -6.97 14.19 -6.08
N LEU D 12 -7.15 13.41 -5.01
CA LEU D 12 -8.45 12.80 -4.75
C LEU D 12 -9.52 13.86 -4.60
N ILE D 13 -9.20 14.96 -3.91
CA ILE D 13 -10.13 16.06 -3.78
C ILE D 13 -10.48 16.62 -5.15
N THR D 14 -9.48 16.80 -6.01
CA THR D 14 -9.73 17.34 -7.35
C THR D 14 -10.70 16.45 -8.12
N VAL D 15 -10.48 15.13 -8.08
CA VAL D 15 -11.34 14.22 -8.84
C VAL D 15 -12.76 14.20 -8.27
N ALA D 16 -12.88 14.12 -6.94
CA ALA D 16 -14.20 14.08 -6.32
C ALA D 16 -14.96 15.38 -6.57
N ALA D 17 -14.26 16.51 -6.53
CA ALA D 17 -14.89 17.79 -6.82
C ALA D 17 -15.28 17.92 -8.28
N ASP D 18 -14.50 17.34 -9.19
CA ASP D 18 -14.92 17.30 -10.59
C ASP D 18 -16.21 16.52 -10.75
N VAL D 19 -16.32 15.38 -10.06
CA VAL D 19 -17.55 14.59 -10.09
C VAL D 19 -18.71 15.41 -9.54
N ALA D 20 -18.49 16.07 -8.41
CA ALA D 20 -19.55 16.87 -7.79
C ALA D 20 -19.98 18.01 -8.70
N ARG D 21 -19.03 18.70 -9.33
CA ARG D 21 -19.34 19.81 -10.22
C ARG D 21 -20.14 19.35 -11.43
N ARG D 22 -19.74 18.23 -12.03
CA ARG D 22 -20.49 17.70 -13.18
C ARG D 22 -21.90 17.31 -12.77
N ARG D 23 -22.06 16.69 -11.59
CA ARG D 23 -23.40 16.33 -11.13
C ARG D 23 -24.24 17.56 -10.81
N LEU D 24 -23.62 18.62 -10.28
CA LEU D 24 -24.34 19.86 -10.03
C LEU D 24 -24.79 20.49 -11.34
N ALA D 25 -23.97 20.39 -12.39
CA ALA D 25 -24.34 20.95 -13.67
C ALA D 25 -25.57 20.27 -14.27
N ARG D 26 -25.75 18.99 -14.00
CA ARG D 26 -26.92 18.26 -14.47
C ARG D 26 -28.18 18.58 -13.68
N GLY D 27 -28.09 19.40 -12.64
CA GLY D 27 -29.25 19.75 -11.84
C GLY D 27 -29.52 18.81 -10.69
N LEU D 28 -28.54 18.02 -10.27
CA LEU D 28 -28.70 17.09 -9.16
C LEU D 28 -28.43 17.80 -7.83
N LYS D 29 -29.17 17.40 -6.81
CA LYS D 29 -28.92 17.89 -5.46
C LYS D 29 -27.77 17.11 -4.84
N LEU D 30 -26.73 17.82 -4.42
CA LEU D 30 -25.50 17.17 -3.98
C LEU D 30 -25.68 16.51 -2.63
N ASN D 31 -24.94 15.41 -2.42
CA ASN D 31 -24.95 14.72 -1.14
C ASN D 31 -23.83 15.28 -0.25
N TYR D 32 -23.55 14.59 0.87
CA TYR D 32 -22.58 15.09 1.83
C TYR D 32 -21.18 15.15 1.23
N SER D 33 -20.72 14.03 0.65
CA SER D 33 -19.35 13.96 0.15
C SER D 33 -19.14 14.89 -1.03
N GLU D 34 -20.11 14.97 -1.95
CA GLU D 34 -19.97 15.87 -3.08
C GLU D 34 -19.88 17.32 -2.65
N ALA D 35 -20.73 17.72 -1.70
CA ALA D 35 -20.70 19.10 -1.21
C ALA D 35 -19.38 19.42 -0.52
N VAL D 36 -18.91 18.49 0.32
CA VAL D 36 -17.63 18.72 1.01
C VAL D 36 -16.49 18.84 0.00
N ALA D 37 -16.47 17.95 -1.00
CA ALA D 37 -15.40 17.99 -2.00
C ALA D 37 -15.44 19.29 -2.80
N LEU D 38 -16.64 19.73 -3.19
CA LEU D 38 -16.73 20.97 -3.97
C LEU D 38 -16.27 22.18 -3.17
N ILE D 39 -16.68 22.27 -1.90
CA ILE D 39 -16.27 23.40 -1.07
C ILE D 39 -14.75 23.36 -0.85
N THR D 40 -14.21 22.17 -0.58
CA THR D 40 -12.76 22.04 -0.39
C THR D 40 -11.99 22.45 -1.63
N ASP D 41 -12.47 22.05 -2.81
CA ASP D 41 -11.80 22.41 -4.05
C ASP D 41 -11.85 23.91 -4.28
N HIS D 42 -12.99 24.55 -3.96
CA HIS D 42 -13.05 26.01 -4.03
C HIS D 42 -11.98 26.63 -3.14
N VAL D 43 -11.87 26.15 -1.90
CA VAL D 43 -10.88 26.70 -0.98
C VAL D 43 -9.47 26.50 -1.52
N MET D 44 -9.18 25.31 -2.04
CA MET D 44 -7.84 25.01 -2.53
C MET D 44 -7.46 25.89 -3.72
N GLU D 45 -8.39 26.05 -4.67
CA GLU D 45 -8.10 26.87 -5.84
C GLU D 45 -7.99 28.35 -5.46
N GLY D 46 -8.80 28.80 -4.50
CA GLY D 46 -8.67 30.17 -4.04
C GLY D 46 -7.35 30.43 -3.34
N ALA D 47 -6.88 29.46 -2.55
CA ALA D 47 -5.56 29.58 -1.92
C ALA D 47 -4.46 29.61 -2.96
N ARG D 48 -4.58 28.78 -4.00
CA ARG D 48 -3.61 28.85 -5.10
C ARG D 48 -3.66 30.21 -5.80
N ASP D 49 -4.84 30.82 -5.89
CA ASP D 49 -4.94 32.14 -6.51
C ASP D 49 -4.23 33.21 -5.71
N GLY D 50 -4.12 33.04 -4.39
CA GLY D 50 -3.49 34.01 -3.54
C GLY D 50 -4.41 34.77 -2.60
N LYS D 51 -5.63 34.28 -2.35
CA LYS D 51 -6.54 34.93 -1.42
C LYS D 51 -6.06 34.78 0.01
N LEU D 52 -6.52 35.69 0.87
CA LEU D 52 -6.24 35.58 2.30
C LEU D 52 -7.08 34.45 2.92
N VAL D 53 -6.60 33.95 4.05
CA VAL D 53 -7.28 32.85 4.73
C VAL D 53 -8.69 33.27 5.14
N ALA D 54 -8.82 34.46 5.72
CA ALA D 54 -10.14 34.94 6.15
C ALA D 54 -11.08 35.09 4.96
N ASP D 55 -10.57 35.58 3.83
CA ASP D 55 -11.39 35.70 2.64
C ASP D 55 -11.95 34.35 2.21
N LEU D 56 -11.12 33.30 2.28
CA LEU D 56 -11.60 31.97 1.91
C LEU D 56 -12.59 31.42 2.93
N MET D 57 -12.34 31.65 4.22
CA MET D 57 -13.29 31.22 5.24
C MET D 57 -14.66 31.86 5.03
N GLN D 58 -14.68 33.08 4.52
CA GLN D 58 -15.96 33.73 4.25
C GLN D 58 -16.57 33.34 2.90
N SER D 59 -15.74 33.11 1.88
CA SER D 59 -16.24 32.87 0.54
C SER D 59 -16.57 31.41 0.26
N ALA D 60 -16.04 30.47 1.05
CA ALA D 60 -16.44 29.08 0.91
C ALA D 60 -17.87 28.83 1.37
N ARG D 61 -18.49 29.80 2.04
CA ARG D 61 -19.86 29.68 2.51
C ARG D 61 -20.88 30.08 1.44
N GLU D 62 -20.41 30.51 0.26
CA GLU D 62 -21.29 30.87 -0.85
C GLU D 62 -21.15 29.91 -2.03
N VAL D 63 -20.45 28.80 -1.85
CA VAL D 63 -20.30 27.84 -2.94
C VAL D 63 -21.61 27.11 -3.20
N LEU D 64 -22.30 26.70 -2.14
CA LEU D 64 -23.51 25.90 -2.26
C LEU D 64 -24.60 26.47 -1.36
N ARG D 65 -25.83 26.51 -1.90
CA ARG D 65 -26.99 26.91 -1.13
C ARG D 65 -27.69 25.68 -0.54
N VAL D 66 -28.64 25.92 0.35
CA VAL D 66 -29.38 24.83 0.97
C VAL D 66 -30.18 24.06 -0.07
N ASP D 67 -30.77 24.78 -1.03
CA ASP D 67 -31.59 24.15 -2.07
C ASP D 67 -30.78 23.33 -3.06
N GLN D 68 -29.45 23.46 -3.07
CA GLN D 68 -28.62 22.73 -4.01
C GLN D 68 -28.12 21.40 -3.46
N VAL D 69 -28.50 21.03 -2.25
CA VAL D 69 -28.06 19.79 -1.64
C VAL D 69 -29.27 19.02 -1.15
N MET D 70 -29.08 17.72 -0.92
N MET D 70 -29.08 17.72 -0.92
CA MET D 70 -30.14 16.86 -0.42
CA MET D 70 -30.14 16.87 -0.42
C MET D 70 -30.54 17.29 0.99
C MET D 70 -30.54 17.28 0.99
N GLU D 71 -31.77 16.95 1.36
CA GLU D 71 -32.30 17.31 2.67
C GLU D 71 -31.42 16.77 3.78
N GLY D 72 -31.10 17.63 4.76
CA GLY D 72 -30.29 17.26 5.89
C GLY D 72 -28.79 17.41 5.68
N VAL D 73 -28.34 17.57 4.43
CA VAL D 73 -26.90 17.68 4.16
C VAL D 73 -26.35 18.97 4.75
N ASP D 74 -27.14 20.05 4.70
CA ASP D 74 -26.66 21.33 5.23
C ASP D 74 -26.38 21.24 6.73
N THR D 75 -27.22 20.52 7.48
CA THR D 75 -26.95 20.29 8.88
C THR D 75 -25.84 19.27 9.11
N MET D 76 -25.55 18.43 8.10
CA MET D 76 -24.50 17.43 8.22
C MET D 76 -23.11 18.04 8.09
N VAL D 77 -22.96 19.08 7.27
CA VAL D 77 -21.64 19.69 7.03
C VAL D 77 -21.50 20.80 8.06
N SER D 78 -21.04 20.40 9.25
CA SER D 78 -20.82 21.39 10.31
C SER D 78 -19.56 22.21 10.08
N ILE D 79 -18.49 21.58 9.59
CA ILE D 79 -17.22 22.27 9.41
C ILE D 79 -16.43 21.54 8.33
N ILE D 80 -15.66 22.29 7.55
CA ILE D 80 -14.74 21.74 6.56
C ILE D 80 -13.38 22.37 6.76
N GLN D 81 -12.35 21.54 6.91
CA GLN D 81 -11.00 22.04 7.18
C GLN D 81 -10.03 21.47 6.16
N VAL D 82 -9.14 22.33 5.65
CA VAL D 82 -8.17 21.89 4.65
C VAL D 82 -6.97 22.84 4.71
N GLU D 83 -5.78 22.28 4.48
CA GLU D 83 -4.54 23.03 4.49
C GLU D 83 -3.99 23.14 3.08
N VAL D 84 -3.65 24.37 2.67
CA VAL D 84 -3.19 24.64 1.32
C VAL D 84 -1.95 25.52 1.36
N THR D 85 -1.22 25.51 0.24
CA THR D 85 0.01 26.31 0.11
C THR D 85 -0.36 27.70 -0.38
N PHE D 86 -0.49 28.64 0.54
CA PHE D 86 -0.65 30.05 0.24
C PHE D 86 0.70 30.63 -0.17
N PRO D 87 0.72 31.84 -0.74
CA PRO D 87 2.01 32.46 -1.11
C PRO D 87 3.01 32.52 0.04
N ASP D 88 2.52 32.51 1.28
CA ASP D 88 3.37 32.62 2.46
C ASP D 88 3.62 31.27 3.13
N GLY D 89 3.29 30.16 2.49
CA GLY D 89 3.49 28.85 3.06
C GLY D 89 2.17 28.13 3.30
N THR D 90 2.26 26.97 3.95
CA THR D 90 1.08 26.17 4.21
C THR D 90 0.24 26.80 5.32
N LYS D 91 -1.06 26.95 5.06
CA LYS D 91 -1.99 27.49 6.05
C LYS D 91 -3.25 26.66 6.07
N LEU D 92 -3.92 26.66 7.22
CA LEU D 92 -5.16 25.95 7.43
C LEU D 92 -6.36 26.89 7.24
N VAL D 93 -7.36 26.41 6.52
CA VAL D 93 -8.62 27.11 6.31
C VAL D 93 -9.74 26.26 6.88
N SER D 94 -10.54 26.85 7.76
CA SER D 94 -11.70 26.19 8.36
C SER D 94 -12.95 26.97 8.00
N VAL D 95 -13.94 26.26 7.45
CA VAL D 95 -15.22 26.83 7.05
C VAL D 95 -16.28 26.29 7.99
N HIS D 96 -16.99 27.20 8.67
CA HIS D 96 -18.02 26.84 9.64
C HIS D 96 -19.39 27.01 9.01
N ASP D 97 -20.20 25.95 9.07
CA ASP D 97 -21.53 25.94 8.48
C ASP D 97 -21.54 26.49 7.04
N PRO D 98 -20.79 25.87 6.13
CA PRO D 98 -20.67 26.43 4.78
C PRO D 98 -21.99 26.47 4.01
N ILE D 99 -22.90 25.55 4.27
CA ILE D 99 -24.14 25.43 3.51
C ILE D 99 -25.25 26.07 4.36
N TYR D 100 -25.51 27.34 4.09
CA TYR D 100 -26.57 28.08 4.76
C TYR D 100 -27.31 28.90 3.72
N LYS D 101 -28.45 29.46 4.14
CA LYS D 101 -29.33 30.31 3.31
C LYS D 101 -29.67 29.74 1.93
N GLY E 11 -41.51 17.13 9.75
CA GLY E 11 -40.70 18.31 9.48
C GLY E 11 -39.45 17.99 8.67
N LYS E 12 -38.48 18.90 8.75
CA LYS E 12 -37.22 18.70 8.03
C LYS E 12 -36.49 17.47 8.57
N LEU E 13 -36.01 16.64 7.65
CA LEU E 13 -35.27 15.43 8.03
C LEU E 13 -33.85 15.82 8.39
N VAL E 14 -33.50 15.71 9.67
CA VAL E 14 -32.16 16.00 10.16
C VAL E 14 -31.52 14.67 10.56
N PRO E 15 -30.53 14.17 9.81
CA PRO E 15 -29.86 12.93 10.20
C PRO E 15 -29.20 13.07 11.56
N GLY E 16 -29.33 12.02 12.37
CA GLY E 16 -28.78 12.05 13.71
C GLY E 16 -29.41 13.10 14.61
N ALA E 17 -30.70 13.38 14.43
CA ALA E 17 -31.37 14.37 15.24
C ALA E 17 -31.54 13.86 16.67
N ILE E 18 -31.67 14.80 17.61
CA ILE E 18 -31.82 14.50 19.02
C ILE E 18 -33.19 14.96 19.48
N ASN E 19 -33.91 14.08 20.19
CA ASN E 19 -35.17 14.41 20.83
C ASN E 19 -34.95 14.38 22.34
N PHE E 20 -35.28 15.48 23.00
CA PHE E 20 -35.03 15.63 24.43
C PHE E 20 -36.26 15.25 25.24
N ALA E 21 -36.02 14.71 26.43
CA ALA E 21 -37.08 14.42 27.38
C ALA E 21 -37.52 15.69 28.10
N SER E 22 -38.59 15.59 28.86
CA SER E 22 -39.12 16.72 29.61
C SER E 22 -38.51 16.76 31.01
N GLY E 23 -38.04 17.93 31.42
CA GLY E 23 -37.49 18.11 32.75
C GLY E 23 -36.02 18.52 32.75
N GLU E 24 -35.56 19.02 33.88
CA GLU E 24 -34.17 19.43 34.04
C GLU E 24 -33.38 18.35 34.77
N ILE E 25 -32.06 18.50 34.75
CA ILE E 25 -31.13 17.55 35.36
C ILE E 25 -30.50 18.21 36.58
N VAL E 26 -30.56 17.51 37.71
CA VAL E 26 -30.00 18.00 38.96
C VAL E 26 -28.59 17.43 39.09
N MET E 27 -27.59 18.30 39.05
CA MET E 27 -26.20 17.88 39.19
C MET E 27 -25.74 18.01 40.64
N ASN E 28 -24.89 17.08 41.07
CA ASN E 28 -24.37 17.04 42.43
C ASN E 28 -25.51 17.08 43.45
N GLU E 29 -26.51 16.21 43.23
CA GLU E 29 -27.65 16.13 44.13
C GLU E 29 -27.19 15.62 45.50
N GLY E 30 -27.67 16.27 46.56
CA GLY E 30 -27.31 15.91 47.90
C GLY E 30 -26.05 16.56 48.42
N ARG E 31 -25.25 17.18 47.56
CA ARG E 31 -24.02 17.86 47.97
C ARG E 31 -24.38 19.31 48.27
N GLU E 32 -24.59 19.62 49.54
CA GLU E 32 -24.95 20.98 49.92
C GLU E 32 -23.80 21.93 49.61
N ALA E 33 -24.14 23.06 48.98
CA ALA E 33 -23.14 24.00 48.48
C ALA E 33 -23.02 25.21 49.41
N LYS E 34 -21.82 25.78 49.45
CA LYS E 34 -21.54 26.99 50.21
C LYS E 34 -21.11 28.09 49.26
N VAL E 35 -21.60 29.30 49.50
CA VAL E 35 -21.33 30.45 48.65
C VAL E 35 -20.19 31.25 49.25
N ILE E 36 -19.10 31.40 48.50
CA ILE E 36 -17.91 32.13 48.94
C ILE E 36 -17.51 33.09 47.83
N SER E 37 -16.38 33.78 48.02
CA SER E 37 -15.87 34.71 47.03
C SER E 37 -14.40 34.42 46.77
N ILE E 38 -13.97 34.67 45.52
CA ILE E 38 -12.58 34.50 45.13
C ILE E 38 -12.15 35.73 44.34
N LYS E 39 -10.98 36.26 44.67
CA LYS E 39 -10.43 37.44 44.02
C LYS E 39 -9.05 37.14 43.45
N ASN E 40 -8.82 37.62 42.23
CA ASN E 40 -7.50 37.51 41.60
C ASN E 40 -6.71 38.78 41.89
N THR E 41 -5.58 38.63 42.57
CA THR E 41 -4.72 39.76 42.90
C THR E 41 -3.50 39.87 42.01
N GLY E 42 -3.22 38.87 41.18
CA GLY E 42 -2.12 38.93 40.24
C GLY E 42 -2.44 39.77 39.04
N ASP E 43 -1.44 39.90 38.17
CA ASP E 43 -1.57 40.69 36.94
C ASP E 43 -1.77 39.82 35.70
N ARG E 44 -2.09 38.55 35.88
CA ARG E 44 -2.33 37.63 34.77
C ARG E 44 -3.59 36.81 35.08
N PRO E 45 -4.35 36.43 34.06
CA PRO E 45 -5.61 35.73 34.30
C PRO E 45 -5.40 34.33 34.86
N ILE E 46 -6.38 33.90 35.66
CA ILE E 46 -6.37 32.57 36.26
C ILE E 46 -7.67 31.88 35.87
N GLN E 47 -7.64 30.55 35.74
CA GLN E 47 -8.84 29.80 35.43
C GLN E 47 -8.76 28.45 36.13
N VAL E 48 -9.80 28.12 36.90
CA VAL E 48 -9.78 26.95 37.78
C VAL E 48 -10.89 26.00 37.36
N GLY E 49 -10.55 24.72 37.22
CA GLY E 49 -11.49 23.70 36.79
C GLY E 49 -12.43 23.26 37.89
N SER E 50 -13.34 22.36 37.50
CA SER E 50 -14.41 21.93 38.40
C SER E 50 -13.90 21.06 39.55
N HIS E 51 -12.88 20.24 39.29
CA HIS E 51 -12.42 19.27 40.28
C HIS E 51 -11.04 19.59 40.84
N PHE E 52 -10.52 20.78 40.58
CA PHE E 52 -9.25 21.19 41.18
C PHE E 52 -9.44 21.48 42.66
N HIS E 53 -8.56 20.90 43.48
CA HIS E 53 -8.60 21.15 44.92
C HIS E 53 -8.37 22.63 45.19
N LEU E 54 -9.42 23.33 45.63
CA LEU E 54 -9.36 24.79 45.74
C LEU E 54 -8.34 25.25 46.78
N PHE E 55 -7.97 24.40 47.72
CA PHE E 55 -6.95 24.72 48.71
C PHE E 55 -5.58 24.92 48.08
N GLU E 56 -5.37 24.41 46.86
CA GLU E 56 -4.05 24.38 46.24
C GLU E 56 -3.97 25.24 44.97
N VAL E 57 -4.91 26.18 44.79
CA VAL E 57 -4.92 27.02 43.60
C VAL E 57 -3.80 28.04 43.68
N ASN E 58 -3.56 28.76 42.58
CA ASN E 58 -2.57 29.83 42.50
C ASN E 58 -2.65 30.73 43.73
N SER E 59 -1.48 30.99 44.32
CA SER E 59 -1.42 31.77 45.56
C SER E 59 -1.95 33.19 45.37
N ALA E 60 -2.01 33.69 44.13
CA ALA E 60 -2.56 35.02 43.89
C ALA E 60 -4.06 35.07 44.12
N LEU E 61 -4.73 33.92 44.20
CA LEU E 61 -6.15 33.89 44.50
C LEU E 61 -6.37 34.09 46.00
N VAL E 62 -7.30 34.97 46.35
CA VAL E 62 -7.63 35.28 47.73
C VAL E 62 -9.08 34.88 47.97
N PHE E 63 -9.30 34.10 49.02
CA PHE E 63 -10.62 33.56 49.33
C PHE E 63 -11.32 34.42 50.38
N PHE E 64 -12.65 34.45 50.28
CA PHE E 64 -13.51 35.15 51.23
C PHE E 64 -14.62 34.20 51.63
N ASP E 65 -14.79 34.03 52.94
CA ASP E 65 -15.70 33.02 53.46
C ASP E 65 -17.16 33.40 53.21
N GLU E 66 -18.08 32.58 53.72
CA GLU E 66 -19.50 32.79 53.49
C GLU E 66 -20.00 34.09 54.11
N LYS E 67 -19.26 34.66 55.06
CA LYS E 67 -19.62 35.93 55.66
C LYS E 67 -18.91 37.12 54.98
N GLY E 68 -18.10 36.86 53.97
CA GLY E 68 -17.42 37.92 53.23
C GLY E 68 -16.06 38.30 53.76
N ASN E 69 -15.63 37.74 54.89
CA ASN E 69 -14.33 38.07 55.46
C ASN E 69 -13.23 37.26 54.80
N GLU E 70 -12.08 37.90 54.60
CA GLU E 70 -10.96 37.24 53.93
C GLU E 70 -10.42 36.09 54.77
N ASP E 71 -10.08 35.00 54.08
CA ASP E 71 -9.58 33.77 54.70
C ASP E 71 -8.15 33.56 54.22
N LYS E 72 -7.18 33.98 55.04
CA LYS E 72 -5.78 33.93 54.62
C LYS E 72 -5.25 32.50 54.57
N GLU E 73 -5.74 31.62 55.43
CA GLU E 73 -5.27 30.24 55.47
C GLU E 73 -6.15 29.30 54.64
N ARG E 74 -7.14 29.83 53.94
CA ARG E 74 -7.99 29.03 53.03
C ARG E 74 -8.69 27.89 53.76
N LYS E 75 -9.18 28.15 54.97
CA LYS E 75 -9.92 27.14 55.71
C LYS E 75 -11.19 26.73 54.98
N VAL E 76 -11.89 27.69 54.36
CA VAL E 76 -13.11 27.37 53.63
C VAL E 76 -12.84 26.54 52.38
N ALA E 77 -11.64 26.63 51.82
CA ALA E 77 -11.31 25.93 50.58
C ALA E 77 -10.72 24.54 50.79
N TYR E 78 -10.48 24.15 52.04
CA TYR E 78 -9.84 22.87 52.30
C TYR E 78 -10.81 21.72 52.04
N GLY E 79 -10.42 20.78 51.18
CA GLY E 79 -11.25 19.64 50.88
C GLY E 79 -12.50 19.95 50.09
N ARG E 80 -12.47 21.01 49.27
CA ARG E 80 -13.64 21.44 48.52
C ARG E 80 -13.27 21.71 47.07
N ARG E 81 -14.28 21.67 46.22
CA ARG E 81 -14.15 21.94 44.79
C ARG E 81 -15.33 22.80 44.34
N PHE E 82 -15.26 23.28 43.10
CA PHE E 82 -16.32 24.10 42.56
C PHE E 82 -17.58 23.26 42.32
N ASP E 83 -18.73 23.90 42.53
CA ASP E 83 -20.03 23.29 42.27
C ASP E 83 -20.51 23.72 40.88
N ILE E 84 -19.76 23.26 39.87
CA ILE E 84 -20.03 23.61 38.48
C ILE E 84 -20.01 22.32 37.67
N PRO E 85 -20.57 22.34 36.45
CA PRO E 85 -20.59 21.12 35.64
C PRO E 85 -19.19 20.57 35.44
N SER E 86 -19.09 19.24 35.52
CA SER E 86 -17.79 18.57 35.41
C SER E 86 -17.13 18.89 34.08
N GLY E 87 -15.86 19.25 34.14
CA GLY E 87 -15.10 19.61 32.96
C GLY E 87 -15.13 21.09 32.60
N THR E 88 -15.97 21.89 33.25
CA THR E 88 -16.00 23.31 33.02
C THR E 88 -14.99 24.01 33.94
N ALA E 89 -14.97 25.34 33.90
CA ALA E 89 -14.02 26.11 34.66
C ALA E 89 -14.57 27.50 34.93
N ILE E 90 -13.97 28.17 35.90
CA ILE E 90 -14.30 29.54 36.26
C ILE E 90 -13.06 30.40 36.06
N ARG E 91 -13.23 31.52 35.37
CA ARG E 91 -12.13 32.41 35.01
C ARG E 91 -12.16 33.67 35.86
N PHE E 92 -10.97 34.08 36.32
CA PHE E 92 -10.78 35.30 37.10
C PHE E 92 -9.73 36.14 36.38
N GLU E 93 -10.16 37.29 35.87
CA GLU E 93 -9.24 38.27 35.31
C GLU E 93 -8.50 39.00 36.43
N PRO E 94 -7.37 39.62 36.13
CA PRO E 94 -6.65 40.39 37.17
C PRO E 94 -7.55 41.45 37.81
N GLY E 95 -7.56 41.48 39.14
CA GLY E 95 -8.35 42.43 39.87
C GLY E 95 -9.83 42.12 39.97
N ASP E 96 -10.24 40.92 39.57
CA ASP E 96 -11.65 40.55 39.54
C ASP E 96 -12.02 39.72 40.76
N LYS E 97 -13.24 39.93 41.26
CA LYS E 97 -13.73 39.25 42.46
C LYS E 97 -15.10 38.67 42.15
N LYS E 98 -15.22 37.35 42.22
CA LYS E 98 -16.43 36.64 41.86
C LYS E 98 -16.99 35.86 43.03
N GLU E 99 -18.32 35.81 43.10
CA GLU E 99 -18.99 34.86 43.98
C GLU E 99 -19.04 33.49 43.32
N VAL E 100 -18.73 32.45 44.09
CA VAL E 100 -18.68 31.09 43.59
C VAL E 100 -19.36 30.16 44.59
N SER E 101 -19.72 28.98 44.11
CA SER E 101 -20.35 27.94 44.90
C SER E 101 -19.42 26.74 44.98
N ILE E 102 -19.24 26.20 46.19
CA ILE E 102 -18.28 25.13 46.44
C ILE E 102 -18.97 24.00 47.18
N ILE E 103 -18.45 22.79 46.99
CA ILE E 103 -18.96 21.58 47.64
C ILE E 103 -17.79 20.72 48.09
N ASP E 104 -18.05 19.90 49.11
CA ASP E 104 -17.03 19.02 49.66
C ASP E 104 -16.66 17.91 48.66
N LEU E 105 -15.41 17.48 48.72
CA LEU E 105 -14.97 16.34 47.95
C LEU E 105 -15.57 15.05 48.53
N ALA E 106 -15.65 14.04 47.68
CA ALA E 106 -16.30 12.77 48.00
C ALA E 106 -15.28 11.64 47.95
N GLY E 107 -15.78 10.40 48.05
CA GLY E 107 -14.91 9.25 47.98
C GLY E 107 -14.22 8.97 49.30
N THR E 108 -12.99 8.46 49.21
CA THR E 108 -12.16 8.27 50.40
C THR E 108 -11.59 9.58 50.91
N ARG E 109 -11.82 10.69 50.20
CA ARG E 109 -11.40 12.02 50.61
C ARG E 109 -9.89 12.08 50.84
N GLU E 110 -9.14 11.68 49.82
CA GLU E 110 -7.69 11.83 49.80
C GLU E 110 -7.29 12.60 48.55
N VAL E 111 -6.36 13.54 48.72
CA VAL E 111 -5.83 14.31 47.60
C VAL E 111 -4.36 13.99 47.46
N TRP E 112 -3.98 13.47 46.29
CA TRP E 112 -2.61 13.12 45.98
C TRP E 112 -2.19 13.86 44.70
N GLY E 113 -1.06 14.52 44.75
CA GLY E 113 -0.60 15.30 43.62
C GLY E 113 -1.03 16.75 43.74
N VAL E 114 -1.61 17.28 42.66
CA VAL E 114 -1.97 18.69 42.55
C VAL E 114 -0.71 19.51 42.85
N ASN E 115 -0.72 20.28 43.93
CA ASN E 115 0.44 21.07 44.33
C ASN E 115 1.24 20.41 45.44
N GLY E 116 0.92 19.16 45.78
CA GLY E 116 1.66 18.47 46.83
C GLY E 116 1.38 18.99 48.22
N LEU E 117 0.33 19.79 48.40
CA LEU E 117 0.06 20.40 49.69
C LEU E 117 -0.55 19.41 50.68
N VAL E 118 -1.31 18.45 50.21
CA VAL E 118 -1.93 17.42 51.06
C VAL E 118 -1.19 16.08 50.91
N ASN E 119 -1.24 15.49 49.71
CA ASN E 119 -0.60 14.21 49.41
C ASN E 119 -0.99 13.15 50.45
N GLY E 120 -2.29 13.02 50.67
CA GLY E 120 -2.79 12.06 51.65
C GLY E 120 -4.24 12.34 51.99
N LYS E 121 -4.68 11.73 53.08
CA LYS E 121 -6.04 11.92 53.55
C LYS E 121 -6.25 13.34 54.07
N LEU E 122 -7.40 13.92 53.71
CA LEU E 122 -7.77 15.22 54.24
C LEU E 122 -8.05 15.11 55.74
N LYS E 123 -7.60 16.12 56.50
CA LYS E 123 -7.78 16.10 57.94
C LYS E 123 -9.26 16.25 58.30
N LYS E 124 -9.74 15.39 59.18
CA LYS E 124 -11.14 15.40 59.59
C LYS E 124 -11.36 16.31 60.78
N MET F 1 50.42 18.06 -15.09
CA MET F 1 49.82 19.24 -14.47
C MET F 1 49.16 20.07 -15.56
N PHE F 2 47.95 20.55 -15.27
CA PHE F 2 47.21 21.41 -16.20
C PHE F 2 46.26 22.29 -15.39
N LYS F 3 45.48 23.10 -16.10
CA LYS F 3 44.58 24.06 -15.48
C LYS F 3 43.17 23.86 -16.01
N ILE F 4 42.19 24.13 -15.16
CA ILE F 4 40.78 24.00 -15.50
C ILE F 4 40.01 25.17 -14.90
N SER F 5 38.99 25.62 -15.63
CA SER F 5 38.12 26.66 -15.11
C SER F 5 37.19 26.10 -14.05
N ARG F 6 36.71 26.99 -13.18
CA ARG F 6 35.80 26.57 -12.12
C ARG F 6 34.47 26.09 -12.67
N LYS F 7 34.04 26.63 -13.82
CA LYS F 7 32.80 26.17 -14.43
C LYS F 7 32.90 24.72 -14.90
N ASN F 8 33.97 24.40 -15.63
CA ASN F 8 34.15 23.02 -16.08
C ASN F 8 34.40 22.08 -14.91
N TYR F 9 35.15 22.53 -13.91
CA TYR F 9 35.37 21.70 -12.73
C TYR F 9 34.05 21.40 -12.02
N SER F 10 33.19 22.42 -11.87
CA SER F 10 31.89 22.20 -11.24
C SER F 10 31.00 21.31 -12.11
N ASP F 11 31.13 21.40 -13.43
CA ASP F 11 30.41 20.48 -14.30
C ASP F 11 30.84 19.04 -14.06
N LEU F 12 32.15 18.82 -13.90
CA LEU F 12 32.65 17.46 -13.73
C LEU F 12 32.36 16.90 -12.33
N TYR F 13 32.59 17.70 -11.28
CA TYR F 13 32.57 17.16 -9.92
C TYR F 13 31.80 18.02 -8.93
N GLY F 14 31.10 19.06 -9.37
CA GLY F 14 30.47 19.99 -8.45
C GLY F 14 31.42 21.09 -8.00
N ILE F 15 30.84 22.08 -7.31
CA ILE F 15 31.59 23.27 -6.95
C ILE F 15 32.63 22.93 -5.86
N THR F 16 33.67 23.76 -5.80
CA THR F 16 34.77 23.56 -4.87
C THR F 16 35.01 24.79 -4.00
N THR F 17 36.14 24.81 -3.30
CA THR F 17 36.43 25.85 -2.32
C THR F 17 36.33 27.24 -2.92
N GLY F 18 35.62 28.14 -2.23
CA GLY F 18 35.41 29.49 -2.68
C GLY F 18 34.14 29.72 -3.47
N ASP F 19 33.59 28.67 -4.08
CA ASP F 19 32.33 28.79 -4.80
C ASP F 19 31.15 28.79 -3.83
N SER F 20 30.05 29.39 -4.27
CA SER F 20 28.84 29.50 -3.46
C SER F 20 27.64 29.01 -4.26
N VAL F 21 26.71 28.40 -3.56
CA VAL F 21 25.48 27.91 -4.16
C VAL F 21 24.29 28.40 -3.34
N ARG F 22 23.19 28.70 -4.02
CA ARG F 22 21.98 29.23 -3.40
C ARG F 22 21.08 28.10 -2.93
N LEU F 23 20.57 28.22 -1.70
CA LEU F 23 19.68 27.21 -1.14
C LEU F 23 18.28 27.42 -1.67
N GLY F 24 17.85 26.52 -2.57
CA GLY F 24 16.51 26.59 -3.13
C GLY F 24 16.25 27.92 -3.81
N ASP F 25 15.08 28.49 -3.56
CA ASP F 25 14.71 29.81 -4.05
C ASP F 25 14.76 30.86 -2.96
N THR F 26 15.52 30.62 -1.90
CA THR F 26 15.67 31.57 -0.80
C THR F 26 16.76 32.59 -1.13
N ASN F 27 16.98 33.52 -0.19
CA ASN F 27 18.02 34.52 -0.30
C ASN F 27 19.34 34.09 0.32
N LEU F 28 19.48 32.81 0.66
CA LEU F 28 20.64 32.31 1.39
C LEU F 28 21.64 31.65 0.45
N TRP F 29 22.92 31.88 0.70
CA TRP F 29 24.02 31.29 -0.04
C TRP F 29 24.92 30.53 0.92
N VAL F 30 25.46 29.41 0.46
CA VAL F 30 26.46 28.66 1.22
C VAL F 30 27.73 28.58 0.38
N LYS F 31 28.87 28.88 1.02
CA LYS F 31 30.18 28.89 0.36
C LYS F 31 31.00 27.71 0.86
N VAL F 32 31.69 27.06 -0.08
CA VAL F 32 32.50 25.89 0.25
C VAL F 32 33.69 26.35 1.09
N GLU F 33 33.73 25.93 2.36
CA GLU F 33 34.80 26.34 3.25
C GLU F 33 36.10 25.60 2.97
N LYS F 34 36.03 24.33 2.57
CA LYS F 34 37.23 23.56 2.29
C LYS F 34 36.85 22.38 1.39
N ASP F 35 37.86 21.80 0.76
CA ASP F 35 37.69 20.62 -0.08
C ASP F 35 38.70 19.57 0.37
N LEU F 36 38.22 18.37 0.66
CA LEU F 36 39.06 17.30 1.18
C LEU F 36 39.65 16.42 0.08
N THR F 37 39.38 16.72 -1.19
CA THR F 37 39.92 15.96 -2.30
C THR F 37 41.27 16.52 -2.73
N THR F 38 41.96 15.76 -3.56
CA THR F 38 43.17 16.21 -4.24
C THR F 38 42.82 16.48 -5.70
N TYR F 39 43.16 17.68 -6.18
CA TYR F 39 42.77 18.08 -7.53
C TYR F 39 43.46 17.20 -8.57
N GLY F 40 42.66 16.57 -9.42
CA GLY F 40 43.15 15.64 -10.41
C GLY F 40 42.96 14.17 -10.05
N GLU F 41 42.58 13.87 -8.81
CA GLU F 41 42.38 12.50 -8.36
C GLU F 41 40.95 12.25 -7.90
N GLU F 42 40.00 13.06 -8.36
CA GLU F 42 38.62 12.95 -7.90
C GLU F 42 38.04 11.57 -8.24
N SER F 43 37.19 11.06 -7.34
CA SER F 43 36.58 9.76 -7.50
C SER F 43 35.25 9.93 -8.23
N VAL F 44 35.17 9.40 -9.45
CA VAL F 44 33.96 9.47 -10.27
C VAL F 44 33.68 8.07 -10.81
N PHE F 45 32.40 7.69 -10.83
CA PHE F 45 31.97 6.39 -11.30
C PHE F 45 31.25 6.51 -12.63
N GLY F 46 31.55 5.61 -13.55
CA GLY F 46 30.87 5.58 -14.83
C GLY F 46 31.69 4.82 -15.85
N GLY F 47 31.15 4.78 -17.07
CA GLY F 47 31.83 4.13 -18.17
C GLY F 47 33.15 4.80 -18.51
N GLY F 48 34.24 4.04 -18.42
CA GLY F 48 35.55 4.59 -18.68
C GLY F 48 35.99 5.65 -17.69
N LYS F 49 35.45 5.63 -16.47
CA LYS F 49 35.75 6.63 -15.47
C LYS F 49 36.74 6.08 -14.43
N THR F 50 36.98 6.86 -13.38
CA THR F 50 38.07 6.56 -12.45
C THR F 50 37.84 5.27 -11.68
N LEU F 51 36.63 5.03 -11.19
CA LEU F 51 36.38 3.95 -10.24
C LEU F 51 36.15 2.64 -11.00
N ARG F 52 37.26 2.04 -11.41
CA ARG F 52 37.25 0.76 -12.11
C ARG F 52 38.39 -0.10 -11.59
N GLU F 53 38.29 -1.40 -11.87
CA GLU F 53 39.20 -2.39 -11.28
C GLU F 53 40.65 -2.04 -11.56
N GLY F 54 41.40 -1.74 -10.49
CA GLY F 54 42.81 -1.48 -10.57
C GLY F 54 43.19 -0.05 -10.79
N MET F 55 42.27 0.80 -11.24
CA MET F 55 42.55 2.22 -11.47
C MET F 55 42.15 3.09 -10.30
N GLY F 56 40.86 3.11 -9.95
CA GLY F 56 40.39 3.86 -8.81
C GLY F 56 39.82 2.94 -7.76
N MET F 57 39.36 1.77 -8.22
CA MET F 57 38.84 0.74 -7.34
C MET F 57 39.97 -0.24 -7.01
N ASN F 58 40.26 -0.39 -5.73
CA ASN F 58 41.23 -1.40 -5.31
C ASN F 58 40.70 -2.79 -5.61
N SER F 59 41.60 -3.68 -6.02
CA SER F 59 41.20 -5.01 -6.50
C SER F 59 41.72 -6.16 -5.65
N THR F 60 42.49 -5.88 -4.60
CA THR F 60 43.09 -6.94 -3.79
C THR F 60 42.47 -7.09 -2.41
N MET F 61 42.13 -5.98 -1.75
CA MET F 61 41.69 -6.05 -0.36
C MET F 61 40.25 -6.56 -0.27
N LYS F 62 40.03 -7.47 0.68
CA LYS F 62 38.70 -7.97 0.97
C LYS F 62 37.93 -6.93 1.79
N LEU F 63 36.64 -7.20 1.98
CA LEU F 63 35.77 -6.23 2.66
C LEU F 63 36.26 -5.92 4.07
N ASP F 64 36.86 -6.91 4.76
CA ASP F 64 37.35 -6.72 6.12
C ASP F 64 38.83 -6.39 6.19
N ASP F 65 39.50 -6.23 5.05
CA ASP F 65 40.92 -5.91 5.06
C ASP F 65 41.15 -4.44 5.42
N LYS F 66 42.36 -4.16 5.89
CA LYS F 66 42.75 -2.81 6.27
C LYS F 66 44.14 -2.51 5.74
N LEU F 67 44.34 -1.23 5.39
CA LEU F 67 45.65 -0.72 4.99
C LEU F 67 45.86 0.59 5.75
N GLY F 68 46.71 0.55 6.77
CA GLY F 68 46.77 1.68 7.68
C GLY F 68 45.47 1.81 8.43
N ASN F 69 44.93 3.03 8.49
CA ASN F 69 43.63 3.27 9.10
C ASN F 69 42.48 3.16 8.11
N ALA F 70 42.76 3.01 6.82
CA ALA F 70 41.71 2.98 5.81
C ALA F 70 41.08 1.60 5.71
N GLU F 71 39.78 1.59 5.41
CA GLU F 71 39.00 0.36 5.29
C GLU F 71 38.22 0.38 3.98
N VAL F 72 37.77 -0.80 3.59
CA VAL F 72 36.90 -0.93 2.42
C VAL F 72 35.47 -0.63 2.84
N MET F 73 34.84 0.32 2.15
CA MET F 73 33.51 0.79 2.52
C MET F 73 32.43 -0.07 1.88
N ASP F 74 31.27 -0.13 2.53
CA ASP F 74 30.10 -0.68 1.89
C ASP F 74 29.53 0.29 0.85
N LEU F 75 29.54 1.58 1.16
CA LEU F 75 29.02 2.59 0.24
C LEU F 75 29.90 3.83 0.31
N VAL F 76 30.11 4.47 -0.84
CA VAL F 76 30.85 5.73 -0.89
C VAL F 76 30.02 6.74 -1.68
N ILE F 77 29.68 7.86 -1.04
CA ILE F 77 29.07 8.99 -1.71
C ILE F 77 30.19 9.94 -2.12
N THR F 78 30.37 10.10 -3.42
CA THR F 78 31.50 10.87 -3.96
C THR F 78 31.10 12.32 -4.20
N ASN F 79 32.05 13.22 -3.93
CA ASN F 79 31.90 14.65 -4.22
C ASN F 79 30.66 15.24 -3.56
N ALA F 80 30.42 14.85 -2.30
CA ALA F 80 29.28 15.37 -1.56
C ALA F 80 29.59 16.76 -1.00
N LEU F 81 28.59 17.64 -1.08
CA LEU F 81 28.66 18.95 -0.44
C LEU F 81 27.92 18.84 0.90
N ILE F 82 28.69 18.62 1.95
CA ILE F 82 28.13 18.45 3.29
C ILE F 82 27.82 19.82 3.87
N VAL F 83 26.58 19.99 4.32
CA VAL F 83 26.15 21.15 5.07
C VAL F 83 25.74 20.65 6.46
N ASP F 84 26.51 21.03 7.47
CA ASP F 84 26.36 20.50 8.81
C ASP F 84 26.77 21.57 9.81
N TYR F 85 26.42 21.36 11.08
CA TYR F 85 26.87 22.28 12.11
C TYR F 85 28.39 22.25 12.27
N THR F 86 29.04 21.15 11.87
CA THR F 86 30.49 21.11 11.90
C THR F 86 31.11 21.97 10.81
N GLY F 87 30.47 22.05 9.65
CA GLY F 87 30.99 22.89 8.58
C GLY F 87 30.23 22.66 7.30
N ILE F 88 30.55 23.50 6.32
CA ILE F 88 30.03 23.39 4.95
C ILE F 88 31.23 23.15 4.05
N TYR F 89 31.32 21.95 3.49
CA TYR F 89 32.55 21.58 2.80
C TYR F 89 32.31 20.42 1.84
N LYS F 90 33.24 20.24 0.92
CA LYS F 90 33.18 19.19 -0.08
C LYS F 90 34.03 18.01 0.38
N ALA F 91 33.46 16.81 0.35
CA ALA F 91 34.18 15.61 0.76
C ALA F 91 33.46 14.37 0.26
N ASP F 92 34.17 13.25 0.29
CA ASP F 92 33.58 11.94 0.08
C ASP F 92 33.13 11.37 1.43
N ILE F 93 32.01 10.66 1.43
CA ILE F 93 31.45 10.06 2.64
C ILE F 93 31.51 8.55 2.48
N GLY F 94 32.14 7.87 3.43
CA GLY F 94 32.22 6.42 3.39
C GLY F 94 31.44 5.76 4.51
N ILE F 95 30.52 4.88 4.13
CA ILE F 95 29.59 4.22 5.04
C ILE F 95 29.92 2.74 5.09
N LYS F 96 30.01 2.20 6.29
CA LYS F 96 30.32 0.80 6.54
C LYS F 96 29.47 0.31 7.70
N ASN F 97 28.82 -0.84 7.52
CA ASN F 97 27.99 -1.46 8.55
C ASN F 97 26.88 -0.52 9.03
N GLY F 98 26.33 0.26 8.11
CA GLY F 98 25.25 1.17 8.43
C GLY F 98 25.63 2.43 9.16
N LYS F 99 26.92 2.70 9.32
CA LYS F 99 27.40 3.89 10.02
C LYS F 99 28.35 4.67 9.13
N ILE F 100 28.46 5.97 9.40
CA ILE F 100 29.42 6.81 8.69
C ILE F 100 30.82 6.42 9.18
N ALA F 101 31.56 5.71 8.33
CA ALA F 101 32.88 5.24 8.71
C ALA F 101 33.99 6.25 8.44
N ALA F 102 33.84 7.08 7.41
CA ALA F 102 34.90 8.03 7.08
C ALA F 102 34.34 9.24 6.35
N ILE F 103 35.04 10.36 6.47
CA ILE F 103 34.76 11.57 5.71
C ILE F 103 36.10 12.10 5.20
N GLY F 104 36.28 12.05 3.88
CA GLY F 104 37.56 12.45 3.31
C GLY F 104 37.71 12.11 1.84
N LYS F 105 38.83 11.49 1.49
CA LYS F 105 39.17 11.19 0.11
C LYS F 105 39.08 9.68 -0.12
N SER F 106 38.31 9.29 -1.12
CA SER F 106 38.16 7.89 -1.51
C SER F 106 39.00 7.59 -2.73
N GLY F 107 39.28 6.31 -2.92
CA GLY F 107 40.00 5.85 -4.10
C GLY F 107 40.78 4.60 -3.81
N ASN F 108 41.81 4.38 -4.63
CA ASN F 108 42.68 3.21 -4.52
C ASN F 108 44.04 3.67 -3.99
N PRO F 109 44.45 3.23 -2.80
CA PRO F 109 45.78 3.63 -2.30
C PRO F 109 46.92 3.12 -3.16
N HIS F 110 46.70 2.09 -3.98
CA HIS F 110 47.75 1.58 -4.85
C HIS F 110 48.17 2.60 -5.90
N LEU F 111 47.26 3.50 -6.28
CA LEU F 111 47.53 4.47 -7.34
C LEU F 111 47.45 5.92 -6.89
N THR F 112 46.86 6.22 -5.74
CA THR F 112 46.61 7.60 -5.33
C THR F 112 47.14 7.82 -3.92
N ASP F 113 47.66 9.03 -3.69
CA ASP F 113 48.17 9.40 -2.38
C ASP F 113 47.03 9.83 -1.45
N ASN F 114 47.23 9.60 -0.16
CA ASN F 114 46.36 10.12 0.90
C ASN F 114 44.91 9.62 0.72
N VAL F 115 44.75 8.31 0.69
CA VAL F 115 43.43 7.70 0.59
C VAL F 115 42.96 7.34 1.99
N ASP F 116 41.84 7.92 2.41
CA ASP F 116 41.29 7.67 3.74
C ASP F 116 40.28 6.53 3.76
N MET F 117 39.55 6.34 2.69
CA MET F 117 38.60 5.24 2.54
C MET F 117 38.82 4.60 1.19
N ILE F 118 38.69 3.27 1.14
CA ILE F 118 39.07 2.49 -0.04
C ILE F 118 37.81 2.03 -0.76
N VAL F 119 37.71 2.38 -2.03
CA VAL F 119 36.68 1.82 -2.91
C VAL F 119 37.15 0.45 -3.35
N GLY F 120 36.48 -0.59 -2.87
CA GLY F 120 36.88 -1.95 -3.19
C GLY F 120 35.85 -2.72 -3.98
N ILE F 121 36.09 -4.02 -4.16
CA ILE F 121 35.18 -4.86 -4.93
C ILE F 121 33.81 -4.93 -4.26
N SER F 122 33.77 -4.87 -2.94
CA SER F 122 32.54 -4.95 -2.17
C SER F 122 31.91 -3.58 -1.91
N THR F 123 32.22 -2.57 -2.71
CA THR F 123 31.79 -1.20 -2.47
C THR F 123 30.79 -0.75 -3.51
N GLU F 124 29.71 -0.13 -3.05
CA GLU F 124 28.75 0.55 -3.90
C GLU F 124 29.07 2.05 -3.93
N ILE F 125 28.74 2.69 -5.05
CA ILE F 125 29.08 4.10 -5.27
C ILE F 125 27.80 4.88 -5.52
N SER F 126 27.66 6.03 -4.86
CA SER F 126 26.62 7.00 -5.13
C SER F 126 27.28 8.32 -5.48
N ALA F 127 26.94 8.86 -6.65
CA ALA F 127 27.56 10.09 -7.12
C ALA F 127 26.83 11.29 -6.51
N GLY F 128 27.49 11.98 -5.59
CA GLY F 128 26.93 13.14 -4.94
C GLY F 128 27.36 14.47 -5.53
N GLU F 129 28.02 14.47 -6.69
CA GLU F 129 28.48 15.72 -7.29
C GLU F 129 27.29 16.60 -7.64
N GLY F 130 27.38 17.88 -7.27
CA GLY F 130 26.33 18.83 -7.54
C GLY F 130 25.16 18.81 -6.58
N LYS F 131 25.20 17.98 -5.55
CA LYS F 131 24.12 17.87 -4.58
C LYS F 131 24.61 18.19 -3.18
N ILE F 132 23.68 18.63 -2.33
CA ILE F 132 23.96 18.96 -0.94
C ILE F 132 23.52 17.78 -0.07
N TYR F 133 24.35 17.44 0.92
CA TYR F 133 24.07 16.32 1.81
C TYR F 133 23.98 16.81 3.24
N THR F 134 22.89 16.46 3.92
CA THR F 134 22.69 16.85 5.31
C THR F 134 22.37 15.62 6.14
N ALA F 135 22.55 15.75 7.45
CA ALA F 135 22.07 14.73 8.37
C ALA F 135 20.55 14.70 8.37
N GLY F 136 20.00 13.53 8.66
CA GLY F 136 18.55 13.42 8.76
C GLY F 136 18.02 14.25 9.92
N GLY F 137 16.85 14.84 9.71
CA GLY F 137 16.26 15.68 10.73
C GLY F 137 15.62 14.88 11.85
N LEU F 138 15.49 15.55 13.00
CA LEU F 138 14.83 14.98 14.17
C LEU F 138 13.61 15.83 14.50
N ASP F 139 12.47 15.17 14.68
CA ASP F 139 11.23 15.82 15.08
C ASP F 139 10.89 15.31 16.47
N THR F 140 11.04 16.16 17.48
CA THR F 140 10.91 15.76 18.88
C THR F 140 9.56 16.08 19.47
N HIS F 141 8.62 16.63 18.70
CA HIS F 141 7.26 16.91 19.15
C HIS F 141 6.31 16.32 18.11
N VAL F 142 5.99 15.04 18.26
CA VAL F 142 5.14 14.33 17.32
C VAL F 142 4.02 13.64 18.10
N HIS F 143 2.78 13.89 17.71
CA HIS F 143 1.66 13.12 18.23
C HIS F 143 1.52 11.85 17.41
N TRP F 144 1.49 10.70 18.09
CA TRP F 144 1.47 9.39 17.45
C TRP F 144 0.03 9.06 17.08
N LEU F 145 -0.43 9.66 15.98
CA LEU F 145 -1.83 9.63 15.60
C LEU F 145 -2.15 8.70 14.43
N GLU F 146 -1.43 8.81 13.31
CA GLU F 146 -1.65 7.92 12.19
C GLU F 146 -0.32 7.54 11.55
N PRO F 147 -0.23 6.32 10.99
CA PRO F 147 1.06 5.86 10.45
C PRO F 147 1.59 6.67 9.28
N GLU F 148 0.71 7.24 8.44
CA GLU F 148 1.18 7.93 7.24
C GLU F 148 1.98 9.19 7.56
N ILE F 149 2.17 9.55 8.83
CA ILE F 149 3.11 10.60 9.16
C ILE F 149 4.54 10.19 8.85
N VAL F 150 4.84 8.89 8.84
CA VAL F 150 6.20 8.42 8.58
C VAL F 150 6.60 8.76 7.14
N PRO F 151 5.83 8.38 6.10
CA PRO F 151 6.22 8.82 4.75
C PRO F 151 6.26 10.32 4.56
N VAL F 152 5.38 11.06 5.24
CA VAL F 152 5.41 12.51 5.14
C VAL F 152 6.68 13.06 5.77
N ALA F 153 7.03 12.58 6.96
CA ALA F 153 8.23 13.06 7.64
C ALA F 153 9.48 12.80 6.79
N LEU F 154 9.58 11.61 6.20
CA LEU F 154 10.69 11.33 5.30
C LEU F 154 10.66 12.25 4.09
N ASP F 155 9.46 12.60 3.62
CA ASP F 155 9.36 13.57 2.53
C ASP F 155 9.81 14.97 2.95
N GLY F 156 9.90 15.22 4.25
CA GLY F 156 10.44 16.46 4.77
C GLY F 156 11.87 16.39 5.25
N GLY F 157 12.56 15.27 5.02
CA GLY F 157 13.92 15.12 5.48
C GLY F 157 14.07 14.70 6.92
N ILE F 158 13.03 14.12 7.52
CA ILE F 158 13.04 13.71 8.92
C ILE F 158 13.24 12.21 8.98
N THR F 159 14.25 11.76 9.71
CA THR F 159 14.54 10.34 9.86
C THR F 159 14.28 9.80 11.26
N THR F 160 14.03 10.67 12.23
CA THR F 160 13.81 10.25 13.60
C THR F 160 12.70 11.09 14.23
N VAL F 161 11.82 10.41 14.97
CA VAL F 161 10.75 11.06 15.71
C VAL F 161 10.85 10.66 17.17
N ILE F 162 10.66 11.63 18.06
CA ILE F 162 10.41 11.38 19.47
C ILE F 162 8.96 11.75 19.72
N ALA F 163 8.10 10.73 19.73
CA ALA F 163 6.66 10.90 19.68
C ALA F 163 6.03 10.38 20.97
N GLY F 164 4.70 10.44 21.01
CA GLY F 164 3.93 9.91 22.11
C GLY F 164 2.46 9.87 21.77
N GLY F 165 1.81 8.74 22.03
CA GLY F 165 0.39 8.63 21.72
C GLY F 165 -0.05 7.20 21.59
N THR F 166 -1.32 7.06 21.22
CA THR F 166 -2.00 5.77 21.17
C THR F 166 -2.75 5.55 19.85
N GLY F 167 -2.56 6.42 18.87
CA GLY F 167 -3.40 6.38 17.68
C GLY F 167 -4.38 7.52 17.69
N MET F 168 -5.54 7.33 17.05
CA MET F 168 -6.54 8.41 16.95
C MET F 168 -7.46 8.43 18.17
N ASN F 169 -6.87 8.49 19.35
CA ASN F 169 -7.60 8.72 20.59
C ASN F 169 -7.46 10.18 20.99
N ASP F 170 -8.47 10.68 21.72
CA ASP F 170 -8.49 12.10 22.08
C ASP F 170 -7.31 12.49 22.95
N GLY F 171 -6.89 11.59 23.85
CA GLY F 171 -5.70 11.85 24.63
C GLY F 171 -4.46 12.06 23.77
N THR F 172 -4.34 11.28 22.69
CA THR F 172 -3.24 11.49 21.75
C THR F 172 -3.49 12.71 20.88
N LYS F 173 -4.75 13.00 20.54
CA LYS F 173 -5.06 14.20 19.78
C LYS F 173 -4.66 15.46 20.53
N ALA F 174 -4.68 15.41 21.86
CA ALA F 174 -4.33 16.56 22.69
C ALA F 174 -2.87 16.56 23.13
N THR F 175 -2.31 15.41 23.49
CA THR F 175 -1.00 15.34 24.13
C THR F 175 -0.15 14.27 23.46
N THR F 176 1.18 14.43 23.58
CA THR F 176 2.13 13.43 23.11
C THR F 176 2.48 12.49 24.27
N VAL F 177 1.51 11.65 24.63
CA VAL F 177 1.62 10.78 25.79
C VAL F 177 1.25 9.35 25.37
N SER F 178 2.19 8.43 25.55
CA SER F 178 1.89 7.01 25.46
C SER F 178 1.75 6.47 26.87
N PRO F 179 0.54 6.43 27.42
CA PRO F 179 0.37 6.14 28.85
C PRO F 179 0.55 4.67 29.15
N GLY F 180 1.56 4.35 29.95
CA GLY F 180 1.70 3.04 30.54
C GLY F 180 2.38 2.01 29.67
N LYS F 181 2.58 0.84 30.27
CA LYS F 181 3.30 -0.25 29.61
C LYS F 181 2.59 -0.70 28.34
N PHE F 182 1.26 -0.84 28.39
CA PHE F 182 0.53 -1.32 27.22
C PHE F 182 0.74 -0.41 26.02
N TRP F 183 0.58 0.90 26.22
CA TRP F 183 0.66 1.81 25.09
C TRP F 183 2.09 2.06 24.64
N VAL F 184 3.06 2.04 25.57
CA VAL F 184 4.46 2.11 25.15
C VAL F 184 4.82 0.89 24.31
N LYS F 185 4.39 -0.30 24.74
CA LYS F 185 4.63 -1.52 23.98
C LYS F 185 3.95 -1.47 22.62
N SER F 186 2.71 -0.97 22.58
CA SER F 186 1.99 -0.87 21.31
C SER F 186 2.70 0.09 20.37
N ALA F 187 3.18 1.22 20.88
CA ALA F 187 3.92 2.17 20.04
C ALA F 187 5.19 1.54 19.49
N LEU F 188 5.94 0.83 20.34
CA LEU F 188 7.17 0.19 19.88
C LEU F 188 6.87 -0.89 18.84
N GLN F 189 5.81 -1.67 19.06
CA GLN F 189 5.45 -2.72 18.11
C GLN F 189 5.00 -2.15 16.78
N ALA F 190 4.25 -1.04 16.81
CA ALA F 190 3.86 -0.38 15.56
C ALA F 190 5.07 0.19 14.83
N ALA F 191 5.97 0.86 15.56
CA ALA F 191 7.18 1.38 14.95
C ALA F 191 8.09 0.28 14.40
N ASP F 192 8.00 -0.93 14.96
CA ASP F 192 8.79 -2.04 14.46
C ASP F 192 8.53 -2.31 12.98
N GLY F 193 7.36 -1.93 12.48
CA GLY F 193 7.03 -2.11 11.07
C GLY F 193 6.93 -0.81 10.30
N LEU F 194 7.74 0.18 10.66
CA LEU F 194 7.80 1.45 9.95
C LEU F 194 9.27 1.84 9.76
N SER F 195 9.54 2.53 8.64
CA SER F 195 10.91 2.89 8.28
C SER F 195 11.23 4.29 8.81
N ILE F 196 11.46 4.34 10.12
CA ILE F 196 11.83 5.58 10.80
C ILE F 196 12.42 5.22 12.15
N ASN F 197 13.37 6.04 12.61
CA ASN F 197 13.84 5.90 13.98
C ASN F 197 12.82 6.52 14.93
N ALA F 198 12.55 5.84 16.03
CA ALA F 198 11.47 6.27 16.90
C ALA F 198 11.82 6.10 18.36
N GLY F 199 11.45 7.11 19.15
CA GLY F 199 11.39 6.98 20.60
C GLY F 199 10.06 7.50 21.07
N PHE F 200 9.68 7.10 22.29
CA PHE F 200 8.33 7.41 22.74
C PHE F 200 8.34 7.91 24.18
N LEU F 201 7.37 8.77 24.49
CA LEU F 201 7.26 9.44 25.77
C LEU F 201 6.02 8.96 26.52
N ALA F 202 6.14 8.84 27.83
CA ALA F 202 5.05 8.38 28.69
C ALA F 202 4.41 9.57 29.40
N LYS F 203 3.51 9.28 30.34
CA LYS F 203 2.76 10.31 31.04
C LYS F 203 3.53 10.75 32.28
N GLY F 204 3.93 12.02 32.31
CA GLY F 204 4.63 12.57 33.44
C GLY F 204 3.74 13.17 34.50
N GLN F 205 2.92 12.34 35.15
CA GLN F 205 2.05 12.80 36.22
C GLN F 205 1.93 11.69 37.26
N GLY F 206 1.54 12.07 38.47
CA GLY F 206 1.31 11.13 39.54
C GLY F 206 2.51 10.98 40.46
N MET F 207 2.46 9.92 41.26
CA MET F 207 3.51 9.63 42.22
C MET F 207 4.69 8.95 41.53
N GLU F 208 5.70 8.58 42.33
CA GLU F 208 6.96 8.11 41.77
C GLU F 208 6.82 6.75 41.08
N ASP F 209 6.17 5.80 41.75
CA ASP F 209 6.05 4.45 41.19
C ASP F 209 5.26 4.41 39.88
N PRO F 210 4.07 5.03 39.77
CA PRO F 210 3.37 4.99 38.48
C PRO F 210 4.14 5.62 37.34
N ILE F 211 4.93 6.67 37.61
CA ILE F 211 5.76 7.25 36.57
C ILE F 211 6.90 6.33 36.21
N PHE F 212 7.56 5.75 37.22
CA PHE F 212 8.74 4.92 36.99
C PHE F 212 8.40 3.67 36.21
N GLU F 213 7.24 3.05 36.49
CA GLU F 213 6.90 1.81 35.81
C GLU F 213 6.69 2.02 34.31
N GLN F 214 6.35 3.25 33.89
CA GLN F 214 6.28 3.53 32.46
C GLN F 214 7.67 3.53 31.83
N ILE F 215 8.66 4.09 32.53
CA ILE F 215 10.02 4.11 32.02
C ILE F 215 10.60 2.71 31.99
N ALA F 216 10.26 1.89 33.01
CA ALA F 216 10.69 0.50 33.00
C ALA F 216 10.12 -0.28 31.83
N ALA F 217 9.01 0.18 31.26
CA ALA F 217 8.42 -0.45 30.08
C ALA F 217 9.12 -0.08 28.79
N GLY F 218 10.05 0.88 28.81
CA GLY F 218 10.83 1.24 27.65
C GLY F 218 10.65 2.66 27.15
N ALA F 219 9.86 3.50 27.82
CA ALA F 219 9.70 4.88 27.38
C ALA F 219 11.02 5.64 27.55
N CYS F 220 11.38 6.41 26.52
CA CYS F 220 12.64 7.15 26.51
C CYS F 220 12.54 8.51 27.19
N GLY F 221 11.35 8.89 27.64
CA GLY F 221 11.22 10.16 28.32
C GLY F 221 9.81 10.36 28.84
N LEU F 222 9.56 11.56 29.35
CA LEU F 222 8.24 11.90 29.88
C LEU F 222 7.74 13.25 29.34
N ILE F 224 5.02 16.26 30.15
CA ILE F 224 4.08 16.86 31.10
C ILE F 224 3.16 17.81 30.35
N HIS F 225 1.93 17.39 30.15
CA HIS F 225 0.93 18.19 29.45
C HIS F 225 -0.13 18.68 30.42
N GLU F 226 -0.55 19.93 30.25
CA GLU F 226 -1.54 20.51 31.14
C GLU F 226 -2.89 19.79 31.05
N ASP F 227 -3.19 19.19 29.90
CA ASP F 227 -4.42 18.42 29.77
C ASP F 227 -4.44 17.21 30.69
N TRP F 228 -3.27 16.73 31.11
CA TRP F 228 -3.18 15.75 32.19
C TRP F 228 -2.91 16.39 33.54
N GLY F 229 -2.68 17.71 33.57
CA GLY F 229 -2.35 18.41 34.78
C GLY F 229 -0.87 18.72 34.88
N ALA F 230 -0.47 19.94 34.54
CA ALA F 230 0.92 20.37 34.58
C ALA F 230 1.19 21.17 35.86
N THR F 231 1.03 20.48 36.99
CA THR F 231 1.14 21.11 38.29
C THR F 231 2.56 20.95 38.84
N GLY F 232 2.81 21.55 40.01
CA GLY F 232 4.13 21.47 40.61
C GLY F 232 4.53 20.05 40.98
N ASN F 233 3.58 19.29 41.53
CA ASN F 233 3.87 17.91 41.90
C ASN F 233 4.28 17.08 40.68
N ALA F 234 3.57 17.24 39.57
CA ALA F 234 3.90 16.50 38.35
C ALA F 234 5.31 16.83 37.89
N ILE F 235 5.63 18.14 37.83
CA ILE F 235 6.96 18.55 37.40
C ILE F 235 8.04 17.97 38.30
N ASP F 236 7.86 18.11 39.62
CA ASP F 236 8.88 17.66 40.56
C ASP F 236 9.09 16.15 40.47
N LEU F 237 8.00 15.39 40.46
CA LEU F 237 8.13 13.93 40.50
C LEU F 237 8.61 13.38 39.17
N ALA F 238 8.14 13.94 38.05
CA ALA F 238 8.65 13.53 36.75
C ALA F 238 10.14 13.81 36.63
N LEU F 239 10.59 14.98 37.10
CA LEU F 239 12.01 15.28 37.04
C LEU F 239 12.82 14.35 37.94
N THR F 240 12.28 14.02 39.12
CA THR F 240 12.97 13.10 40.02
C THR F 240 13.14 11.72 39.36
N VAL F 241 12.06 11.20 38.77
CA VAL F 241 12.14 9.89 38.13
C VAL F 241 13.09 9.94 36.94
N ALA F 242 13.06 11.04 36.16
CA ALA F 242 13.95 11.16 35.01
C ALA F 242 15.40 11.21 35.43
N ASP F 243 15.70 11.91 36.54
CA ASP F 243 17.06 11.92 37.06
C ASP F 243 17.48 10.54 37.53
N LYS F 244 16.55 9.78 38.11
CA LYS F 244 16.85 8.42 38.51
C LYS F 244 17.03 7.48 37.32
N THR F 245 16.45 7.81 36.17
CA THR F 245 16.46 6.91 35.02
C THR F 245 17.21 7.44 33.81
N ASP F 246 17.73 8.67 33.87
CA ASP F 246 18.48 9.27 32.76
C ASP F 246 17.64 9.34 31.48
N VAL F 247 16.46 9.95 31.60
CA VAL F 247 15.59 10.19 30.45
C VAL F 247 15.21 11.66 30.42
N ALA F 248 14.81 12.12 29.24
CA ALA F 248 14.45 13.52 29.04
C ALA F 248 13.02 13.78 29.52
N VAL F 249 12.73 15.06 29.76
CA VAL F 249 11.40 15.50 30.15
C VAL F 249 11.01 16.69 29.30
N ALA F 250 9.85 16.61 28.66
CA ALA F 250 9.26 17.72 27.91
C ALA F 250 7.99 18.17 28.62
N ILE F 251 7.68 19.45 28.50
CA ILE F 251 6.58 20.05 29.26
C ILE F 251 5.71 20.88 28.34
N HIS F 252 4.39 20.78 28.54
CA HIS F 252 3.40 21.69 27.99
C HIS F 252 2.78 22.37 29.21
N THR F 253 3.25 23.57 29.51
CA THR F 253 3.00 24.17 30.82
C THR F 253 1.55 24.61 30.97
N ASP F 254 1.19 24.95 32.20
CA ASP F 254 -0.18 25.33 32.56
C ASP F 254 -0.55 26.65 31.91
N THR F 255 -1.40 26.60 30.89
CA THR F 255 -1.82 27.82 30.21
C THR F 255 -2.77 28.63 31.07
N LEU F 256 -3.62 27.96 31.85
CA LEU F 256 -4.63 28.65 32.66
C LEU F 256 -4.05 29.36 33.87
N ASN F 257 -2.77 29.16 34.18
CA ASN F 257 -2.17 29.66 35.43
C ASN F 257 -2.93 29.15 36.64
N GLU F 258 -3.49 27.95 36.52
CA GLU F 258 -4.46 27.46 37.50
C GLU F 258 -3.80 27.13 38.83
N ALA F 259 -2.59 26.55 38.80
CA ALA F 259 -1.87 26.20 40.02
C ALA F 259 -0.66 27.09 40.26
N GLY F 260 -0.54 28.18 39.53
CA GLY F 260 0.60 29.06 39.67
C GLY F 260 0.96 29.69 38.34
N PHE F 261 1.80 30.73 38.42
CA PHE F 261 2.30 31.40 37.23
C PHE F 261 3.53 30.67 36.71
N VAL F 262 4.16 31.24 35.67
CA VAL F 262 5.32 30.59 35.07
C VAL F 262 6.47 30.49 36.06
N GLU F 263 6.63 31.49 36.94
CA GLU F 263 7.69 31.42 37.94
C GLU F 263 7.49 30.25 38.89
N HIS F 264 6.23 29.90 39.19
CA HIS F 264 5.97 28.72 40.01
C HIS F 264 6.45 27.45 39.32
N THR F 265 6.21 27.33 38.02
CA THR F 265 6.71 26.18 37.26
C THR F 265 8.24 26.14 37.25
N ILE F 266 8.87 27.28 37.03
CA ILE F 266 10.33 27.33 37.02
C ILE F 266 10.90 26.94 38.37
N ALA F 267 10.27 27.41 39.46
CA ALA F 267 10.70 27.01 40.79
C ALA F 267 10.50 25.51 41.01
N ALA F 268 9.41 24.96 40.46
CA ALA F 268 9.19 23.52 40.56
C ALA F 268 10.25 22.74 39.80
N MET F 269 10.84 23.32 38.76
CA MET F 269 11.94 22.64 38.06
C MET F 269 13.12 22.38 38.99
N LYS F 270 13.45 23.35 39.86
CA LYS F 270 14.57 23.24 40.79
C LYS F 270 15.90 23.03 40.06
N GLY F 271 16.07 23.69 38.93
CA GLY F 271 17.32 23.67 38.20
C GLY F 271 17.56 22.45 37.35
N ARG F 272 16.63 21.51 37.31
CA ARG F 272 16.78 20.30 36.52
C ARG F 272 16.41 20.56 35.06
N THR F 273 17.12 19.92 34.15
CA THR F 273 16.94 20.18 32.72
C THR F 273 15.56 19.74 32.26
N ILE F 274 14.90 20.59 31.48
CA ILE F 274 13.59 20.30 30.92
C ILE F 274 13.55 20.82 29.48
N HIS F 275 12.70 20.21 28.67
CA HIS F 275 12.54 20.55 27.27
C HIS F 275 11.22 21.32 27.12
N ALA F 276 11.33 22.62 26.82
CA ALA F 276 10.16 23.49 26.76
C ALA F 276 9.53 23.37 25.38
N TYR F 277 8.44 22.61 25.30
CA TYR F 277 7.71 22.46 24.04
C TYR F 277 7.01 23.77 23.69
N HIS F 278 7.15 24.18 22.43
CA HIS F 278 6.50 25.36 21.86
C HIS F 278 6.48 26.53 22.84
N THR F 279 7.69 26.97 23.19
CA THR F 279 7.85 27.97 24.25
C THR F 279 7.25 29.33 23.91
N GLU F 280 6.92 29.58 22.64
CA GLU F 280 6.24 30.83 22.30
C GLU F 280 4.86 30.90 22.93
N GLY F 281 4.13 29.78 22.94
CA GLY F 281 2.90 29.68 23.68
C GLY F 281 1.60 29.91 22.92
N ALA F 282 1.64 29.95 21.58
CA ALA F 282 0.41 30.15 20.83
C ALA F 282 -0.61 29.05 21.11
N GLY F 283 -0.17 27.79 21.03
CA GLY F 283 -1.04 26.65 21.25
C GLY F 283 -1.00 26.06 22.63
N GLY F 284 -0.32 26.68 23.58
CA GLY F 284 -0.25 26.17 24.92
C GLY F 284 0.95 26.70 25.69
N GLY F 285 0.80 26.88 27.00
CA GLY F 285 1.85 27.44 27.80
C GLY F 285 1.35 28.61 28.65
N HIS F 286 2.09 28.96 29.69
CA HIS F 286 1.68 30.00 30.63
C HIS F 286 1.37 31.30 29.90
N ALA F 287 0.11 31.71 29.92
CA ALA F 287 -0.30 32.94 29.27
C ALA F 287 0.05 34.14 30.14
N PRO F 288 0.78 35.13 29.61
CA PRO F 288 1.34 35.13 28.26
C PRO F 288 2.86 35.07 28.23
N ASP F 289 3.50 34.76 29.35
CA ASP F 289 4.93 34.94 29.53
C ASP F 289 5.71 33.63 29.53
N ILE F 290 5.26 32.64 28.77
CA ILE F 290 5.99 31.38 28.68
C ILE F 290 7.30 31.57 27.91
N LEU F 291 7.33 32.51 26.96
CA LEU F 291 8.53 32.74 26.16
C LEU F 291 9.74 33.07 27.03
N GLU F 292 9.51 33.61 28.23
CA GLU F 292 10.60 33.96 29.12
C GLU F 292 11.46 32.76 29.48
N THR F 293 11.00 31.54 29.21
CA THR F 293 11.85 30.37 29.45
C THR F 293 13.14 30.42 28.66
N VAL F 294 13.21 31.23 27.61
CA VAL F 294 14.44 31.34 26.82
C VAL F 294 15.56 32.00 27.62
N LYS F 295 15.25 32.50 28.82
CA LYS F 295 16.27 33.16 29.63
C LYS F 295 16.93 32.26 30.67
N TYR F 296 16.45 31.03 30.84
CA TYR F 296 16.94 30.15 31.90
C TYR F 296 17.91 29.12 31.33
N ALA F 297 18.97 28.84 32.09
CA ALA F 297 20.04 27.97 31.62
C ALA F 297 19.66 26.50 31.65
N HIS F 298 18.74 26.09 32.52
CA HIS F 298 18.37 24.69 32.65
C HIS F 298 17.21 24.31 31.74
N ILE F 299 16.86 25.15 30.79
CA ILE F 299 15.72 24.91 29.90
C ILE F 299 16.24 24.82 28.47
N LEU F 300 15.80 23.80 27.74
CA LEU F 300 16.06 23.72 26.31
C LEU F 300 14.80 24.19 25.59
N PRO F 301 14.77 25.40 25.05
CA PRO F 301 13.54 25.92 24.46
C PRO F 301 13.35 25.45 23.03
N ALA F 302 12.12 25.04 22.73
CA ALA F 302 11.75 24.55 21.41
C ALA F 302 10.53 25.31 20.91
N SER F 303 10.46 25.45 19.59
CA SER F 303 9.31 26.06 18.93
C SER F 303 8.67 25.07 17.97
N THR F 304 7.37 25.18 17.80
CA THR F 304 6.63 24.42 16.81
C THR F 304 6.45 25.25 15.55
N ASN F 305 6.43 24.58 14.40
CA ASN F 305 6.46 25.25 13.10
C ASN F 305 5.24 26.08 12.70
N PRO F 306 4.01 25.87 13.24
CA PRO F 306 2.88 26.68 12.75
C PRO F 306 3.11 28.18 12.86
N THR F 307 3.71 28.64 13.96
CA THR F 307 3.96 30.06 14.17
C THR F 307 5.34 30.51 13.72
N ILE F 308 6.17 29.60 13.22
CA ILE F 308 7.60 29.88 13.09
C ILE F 308 7.85 30.88 11.97
N PRO F 309 7.21 30.78 10.81
CA PRO F 309 7.19 31.94 9.91
C PRO F 309 6.04 32.87 10.27
N TYR F 310 6.34 34.07 10.76
CA TYR F 310 5.29 35.05 11.03
C TYR F 310 4.86 35.62 9.68
N THR F 311 3.63 35.31 9.28
CA THR F 311 3.13 35.68 7.96
C THR F 311 1.80 36.41 8.10
N VAL F 312 1.32 36.93 6.97
CA VAL F 312 0.09 37.72 6.97
C VAL F 312 -1.12 36.86 7.35
N ASN F 313 -1.08 35.55 7.08
CA ASN F 313 -2.20 34.68 7.35
C ASN F 313 -2.15 34.03 8.73
N THR F 314 -1.08 34.24 9.49
CA THR F 314 -0.88 33.49 10.72
C THR F 314 -1.96 33.80 11.75
N ILE F 315 -2.30 35.08 11.94
CA ILE F 315 -3.13 35.49 13.07
C ILE F 315 -4.55 34.94 12.92
N ALA F 316 -5.17 35.14 11.76
CA ALA F 316 -6.54 34.67 11.57
C ALA F 316 -6.60 33.15 11.61
N GLU F 317 -5.65 32.48 10.97
CA GLU F 317 -5.59 31.03 10.98
C GLU F 317 -5.51 30.51 12.41
N HIS F 318 -4.63 31.08 13.22
CA HIS F 318 -4.44 30.59 14.58
C HIS F 318 -5.63 30.95 15.48
N LEU F 319 -6.24 32.11 15.27
CA LEU F 319 -7.42 32.46 16.06
C LEU F 319 -8.55 31.48 15.79
N ASP F 320 -8.81 31.18 14.51
CA ASP F 320 -9.84 30.19 14.19
C ASP F 320 -9.45 28.80 14.68
N MET F 321 -8.15 28.47 14.63
CA MET F 321 -7.68 27.21 15.19
C MET F 321 -8.03 27.09 16.66
N LEU F 322 -7.79 28.16 17.42
CA LEU F 322 -8.11 28.13 18.85
C LEU F 322 -9.60 28.06 19.09
N MET F 323 -10.41 28.77 18.29
CA MET F 323 -11.86 28.68 18.46
C MET F 323 -12.37 27.28 18.16
N VAL F 324 -11.74 26.57 17.21
CA VAL F 324 -12.19 25.22 16.88
C VAL F 324 -11.71 24.20 17.90
N CYS F 325 -10.44 24.29 18.31
CA CYS F 325 -9.82 23.22 19.09
C CYS F 325 -10.50 23.02 20.43
N HIS F 326 -10.85 24.10 21.12
CA HIS F 326 -11.46 24.01 22.44
C HIS F 326 -12.94 24.40 22.42
N HIS F 327 -13.59 24.28 21.26
CA HIS F 327 -15.01 24.57 21.12
C HIS F 327 -15.37 25.97 21.61
N LEU F 328 -14.45 26.92 21.44
CA LEU F 328 -14.66 28.28 21.91
C LEU F 328 -15.77 28.94 21.09
N ASN F 329 -16.91 29.17 21.73
CA ASN F 329 -18.01 29.86 21.07
C ASN F 329 -17.68 31.35 21.00
N PRO F 330 -17.67 31.97 19.81
CA PRO F 330 -17.40 33.41 19.74
C PRO F 330 -18.60 34.24 20.13
N LYS F 331 -19.26 33.85 21.22
CA LYS F 331 -20.38 34.59 21.78
C LYS F 331 -20.28 34.78 23.29
N VAL F 332 -19.55 33.93 24.00
CA VAL F 332 -19.33 34.06 25.44
C VAL F 332 -18.05 34.85 25.66
N PRO F 333 -18.06 35.88 26.50
CA PRO F 333 -16.86 36.70 26.68
C PRO F 333 -15.65 35.93 27.17
N GLU F 334 -15.86 34.88 27.98
CA GLU F 334 -14.72 34.14 28.53
C GLU F 334 -13.90 33.48 27.44
N ASP F 335 -14.56 32.84 26.46
CA ASP F 335 -13.82 32.17 25.40
C ASP F 335 -13.04 33.17 24.54
N VAL F 336 -13.67 34.30 24.21
CA VAL F 336 -13.00 35.30 23.39
C VAL F 336 -11.82 35.91 24.13
N ALA F 337 -11.99 36.16 25.44
CA ALA F 337 -10.89 36.67 26.25
C ALA F 337 -9.75 35.66 26.32
N PHE F 338 -10.09 34.37 26.48
CA PHE F 338 -9.07 33.33 26.55
C PHE F 338 -8.33 33.17 25.23
N ALA F 339 -9.01 33.44 24.11
CA ALA F 339 -8.37 33.26 22.81
C ALA F 339 -7.56 34.48 22.39
N ASP F 340 -8.14 35.69 22.53
CA ASP F 340 -7.47 36.89 22.06
C ASP F 340 -6.20 37.19 22.84
N SER F 341 -6.15 36.79 24.11
CA SER F 341 -4.95 36.93 24.93
C SER F 341 -3.99 35.76 24.75
N ARG F 342 -4.34 34.79 23.91
CA ARG F 342 -3.53 33.61 23.66
C ARG F 342 -2.81 33.64 22.31
N ILE F 343 -3.41 34.25 21.30
CA ILE F 343 -2.80 34.40 19.99
C ILE F 343 -2.28 35.83 19.92
N ARG F 344 -0.99 36.01 20.20
CA ARG F 344 -0.38 37.32 20.34
C ARG F 344 0.62 37.53 19.21
N SER F 345 0.38 38.55 18.38
CA SER F 345 1.32 38.86 17.31
C SER F 345 2.68 39.29 17.86
N GLN F 346 2.70 39.86 19.07
CA GLN F 346 3.97 40.32 19.64
C GLN F 346 4.92 39.16 19.88
N THR F 347 4.47 38.12 20.59
CA THR F 347 5.34 37.00 20.89
C THR F 347 5.64 36.17 19.65
N ILE F 348 4.66 36.03 18.75
CA ILE F 348 4.87 35.30 17.52
C ILE F 348 5.95 35.98 16.68
N ALA F 349 5.92 37.31 16.59
CA ALA F 349 6.95 38.03 15.85
C ALA F 349 8.29 37.96 16.56
N ALA F 350 8.32 38.10 17.88
CA ALA F 350 9.58 38.06 18.61
C ALA F 350 10.23 36.69 18.59
N GLU F 351 9.45 35.63 18.38
CA GLU F 351 9.99 34.28 18.36
C GLU F 351 10.99 34.09 17.22
N ASP F 352 10.68 34.65 16.04
CA ASP F 352 11.59 34.53 14.91
C ASP F 352 12.93 35.22 15.20
N LEU F 353 12.88 36.41 15.79
CA LEU F 353 14.11 37.12 16.13
C LEU F 353 14.89 36.34 17.18
N LEU F 354 14.19 35.77 18.17
CA LEU F 354 14.88 34.97 19.18
C LEU F 354 15.56 33.76 18.57
N HIS F 355 14.90 33.12 17.59
CA HIS F 355 15.54 32.05 16.84
C HIS F 355 16.79 32.55 16.12
N ASP F 356 16.71 33.73 15.52
CA ASP F 356 17.85 34.26 14.77
C ASP F 356 19.03 34.55 15.69
N MET F 357 18.76 35.00 16.93
CA MET F 357 19.83 35.25 17.89
C MET F 357 20.37 33.96 18.49
N GLY F 358 19.64 32.86 18.40
CA GLY F 358 20.04 31.63 19.06
C GLY F 358 19.46 31.45 20.45
N ALA F 359 18.42 32.20 20.81
CA ALA F 359 17.79 32.03 22.11
C ALA F 359 16.91 30.79 22.16
N ILE F 360 16.28 30.43 21.04
CA ILE F 360 15.51 29.20 20.92
C ILE F 360 16.34 28.20 20.12
N SER F 361 16.50 26.99 20.67
CA SER F 361 17.49 26.05 20.16
C SER F 361 16.93 24.96 19.27
N ILE F 362 15.66 24.58 19.43
CA ILE F 362 15.13 23.39 18.81
C ILE F 362 13.90 23.73 17.98
N MET F 363 13.84 23.17 16.77
CA MET F 363 12.68 23.24 15.91
C MET F 363 11.93 21.91 15.93
N SER F 364 10.61 21.98 15.95
CA SER F 364 9.76 20.80 16.01
C SER F 364 8.47 21.08 15.25
N SER F 365 7.54 20.13 15.29
CA SER F 365 6.32 20.22 14.48
C SER F 365 5.04 20.31 15.29
N ASP F 366 4.90 19.53 16.36
CA ASP F 366 3.60 19.28 17.01
C ASP F 366 2.65 18.62 16.01
N THR F 367 3.04 17.41 15.59
CA THR F 367 2.41 16.74 14.46
C THR F 367 0.92 16.52 14.70
N LEU F 368 0.10 17.01 13.76
CA LEU F 368 -1.33 16.73 13.69
C LEU F 368 -2.09 17.17 14.95
N ALA F 369 -1.49 18.01 15.77
CA ALA F 369 -2.20 18.66 16.86
C ALA F 369 -2.20 20.18 16.72
N MET F 370 -1.04 20.77 16.40
CA MET F 370 -0.98 22.17 15.99
C MET F 370 -0.12 22.42 14.77
N GLY F 371 0.81 21.53 14.41
CA GLY F 371 1.73 21.80 13.33
C GLY F 371 1.89 20.69 12.31
N ARG F 372 2.92 20.80 11.48
CA ARG F 372 3.05 20.02 10.27
C ARG F 372 4.39 19.28 10.28
N ILE F 373 4.34 17.95 10.17
CA ILE F 373 5.54 17.14 10.29
C ILE F 373 6.41 17.19 9.04
N GLY F 374 5.82 17.45 7.88
CA GLY F 374 6.58 17.48 6.65
C GLY F 374 7.28 18.79 6.33
N GLU F 375 7.18 19.78 7.22
CA GLU F 375 7.64 21.13 6.93
C GLU F 375 8.68 21.63 7.93
N VAL F 376 9.15 20.77 8.84
CA VAL F 376 10.03 21.21 9.92
C VAL F 376 11.25 21.92 9.36
N ALA F 377 11.92 21.31 8.39
CA ALA F 377 13.03 21.98 7.74
C ALA F 377 12.55 23.20 6.95
N THR F 378 11.49 23.03 6.16
CA THR F 378 11.08 24.04 5.20
C THR F 378 10.86 25.39 5.91
N ARG F 379 9.90 25.42 6.83
CA ARG F 379 9.61 26.65 7.55
C ARG F 379 10.85 27.18 8.24
N THR F 380 11.70 26.28 8.78
CA THR F 380 12.93 26.72 9.41
C THR F 380 13.74 27.60 8.46
N TRP F 381 13.99 27.10 7.25
CA TRP F 381 14.75 27.90 6.30
C TRP F 381 13.96 29.13 5.86
N GLN F 382 12.63 29.01 5.78
CA GLN F 382 11.82 30.20 5.52
C GLN F 382 12.11 31.26 6.57
N MET F 383 12.16 30.86 7.84
CA MET F 383 12.55 31.78 8.89
C MET F 383 13.91 32.37 8.61
N ALA F 384 14.89 31.51 8.29
CA ALA F 384 16.23 31.98 7.99
C ALA F 384 16.21 32.94 6.80
N HIS F 385 15.29 32.73 5.86
CA HIS F 385 15.14 33.67 4.76
C HIS F 385 14.61 35.00 5.28
N LYS F 386 13.51 34.96 6.04
CA LYS F 386 12.84 36.19 6.44
C LYS F 386 13.78 37.08 7.24
N MET F 387 14.47 36.51 8.22
CA MET F 387 15.40 37.28 9.03
C MET F 387 16.44 37.96 8.15
N LYS F 388 17.00 37.22 7.19
CA LYS F 388 18.00 37.82 6.31
C LYS F 388 17.38 38.97 5.52
N ALA F 389 16.14 38.81 5.07
CA ALA F 389 15.48 39.87 4.33
C ALA F 389 15.27 41.11 5.18
N GLN F 390 15.14 40.95 6.51
CA GLN F 390 14.73 42.05 7.36
C GLN F 390 15.85 42.60 8.24
N PHE F 391 16.92 41.83 8.47
CA PHE F 391 18.00 42.28 9.34
C PHE F 391 19.38 42.11 8.73
N GLY F 392 19.48 41.65 7.48
CA GLY F 392 20.77 41.54 6.84
C GLY F 392 21.53 40.29 7.25
N SER F 393 22.82 40.29 6.91
CA SER F 393 23.67 39.15 7.18
C SER F 393 23.91 38.98 8.67
N LEU F 394 23.90 37.72 9.12
CA LEU F 394 24.26 37.42 10.49
C LEU F 394 25.74 37.74 10.72
N LYS F 395 26.10 37.89 11.99
CA LYS F 395 27.47 38.28 12.34
C LYS F 395 28.48 37.28 11.76
N GLY F 396 29.45 37.80 11.03
CA GLY F 396 30.45 36.98 10.37
C GLY F 396 30.12 36.56 8.96
N ASP F 397 28.90 36.82 8.49
CA ASP F 397 28.48 36.42 7.16
C ASP F 397 28.71 37.55 6.16
N SER F 398 28.73 37.19 4.88
CA SER F 398 29.06 38.13 3.80
C SER F 398 28.05 37.94 2.67
N GLU F 399 28.36 38.54 1.52
CA GLU F 399 27.41 38.62 0.42
C GLU F 399 27.01 37.24 -0.10
N PHE F 400 27.99 36.40 -0.42
CA PHE F 400 27.75 35.05 -0.92
C PHE F 400 28.15 33.99 0.12
N SER F 401 27.97 34.31 1.40
CA SER F 401 28.32 33.38 2.46
C SER F 401 27.39 33.65 3.64
N ASP F 402 26.36 32.81 3.78
CA ASP F 402 25.50 32.79 4.95
C ASP F 402 25.77 31.57 5.80
N ASN F 403 27.04 31.16 5.87
CA ASN F 403 27.40 29.90 6.50
C ASN F 403 27.07 29.89 7.99
N ASN F 404 27.34 30.99 8.69
CA ASN F 404 27.05 31.05 10.12
C ASN F 404 25.57 30.86 10.40
N ARG F 405 24.72 31.61 9.68
CA ARG F 405 23.28 31.48 9.85
C ARG F 405 22.80 30.09 9.45
N VAL F 406 23.36 29.55 8.37
CA VAL F 406 22.93 28.23 7.88
C VAL F 406 23.24 27.17 8.94
N LYS F 407 24.44 27.21 9.52
CA LYS F 407 24.79 26.26 10.57
C LYS F 407 23.89 26.44 11.79
N ARG F 408 23.68 27.69 12.20
CA ARG F 408 22.84 27.95 13.37
C ARG F 408 21.44 27.39 13.18
N TYR F 409 20.87 27.56 11.98
CA TYR F 409 19.50 27.11 11.75
C TYR F 409 19.42 25.60 11.53
N ILE F 410 20.40 25.01 10.85
CA ILE F 410 20.36 23.57 10.64
C ILE F 410 20.57 22.83 11.96
N SER F 411 21.30 23.43 12.90
CA SER F 411 21.46 22.81 14.20
C SER F 411 20.12 22.66 14.93
N LYS F 412 19.13 23.48 14.59
CA LYS F 412 17.89 23.51 15.35
C LYS F 412 17.06 22.24 15.16
N TYR F 413 17.17 21.58 14.01
CA TYR F 413 16.40 20.37 13.77
C TYR F 413 17.27 19.14 13.56
N THR F 414 18.60 19.25 13.70
CA THR F 414 19.45 18.08 13.55
C THR F 414 20.19 17.71 14.82
N ILE F 415 21.03 18.58 15.37
CA ILE F 415 21.94 18.21 16.45
C ILE F 415 21.39 18.61 17.82
N ASN F 416 20.77 19.79 17.92
CA ASN F 416 20.20 20.21 19.20
C ASN F 416 19.06 19.31 19.67
N PRO F 417 18.09 18.92 18.83
CA PRO F 417 17.10 17.93 19.30
C PRO F 417 17.72 16.59 19.67
N ALA F 418 18.79 16.18 18.97
CA ALA F 418 19.47 14.93 19.32
C ALA F 418 20.12 15.04 20.70
N ILE F 419 20.77 16.16 20.99
CA ILE F 419 21.39 16.36 22.29
C ILE F 419 20.34 16.44 23.38
N ALA F 420 19.20 17.06 23.08
CA ALA F 420 18.16 17.25 24.09
C ALA F 420 17.61 15.92 24.59
N HIS F 421 17.40 14.96 23.69
CA HIS F 421 16.84 13.67 24.05
C HIS F 421 17.91 12.59 24.21
N GLY F 422 19.18 12.96 24.19
CA GLY F 422 20.26 12.02 24.43
C GLY F 422 20.44 10.95 23.38
N VAL F 423 20.37 11.32 22.10
CA VAL F 423 20.61 10.38 21.02
C VAL F 423 21.65 10.98 20.08
N ASP F 424 22.37 12.00 20.54
CA ASP F 424 23.36 12.67 19.72
C ASP F 424 24.57 11.79 19.42
N SER F 425 24.83 10.78 20.26
CA SER F 425 25.92 9.86 19.98
C SER F 425 25.62 8.94 18.80
N TYR F 426 24.35 8.78 18.44
CA TYR F 426 23.93 7.93 17.34
C TYR F 426 23.61 8.72 16.08
N ILE F 427 22.85 9.81 16.21
CA ILE F 427 22.33 10.58 15.08
C ILE F 427 22.51 12.05 15.36
N GLY F 428 21.99 12.88 14.45
CA GLY F 428 21.95 14.32 14.62
C GLY F 428 22.96 15.11 13.82
N SER F 429 23.96 14.45 13.24
CA SER F 429 24.96 15.16 12.44
C SER F 429 25.67 14.15 11.54
N LEU F 430 26.38 14.68 10.55
CA LEU F 430 27.18 13.88 9.63
C LEU F 430 28.61 13.81 10.16
N GLU F 431 28.83 12.87 11.07
CA GLU F 431 30.14 12.68 11.69
C GLU F 431 30.46 11.20 11.77
N VAL F 432 31.75 10.89 11.85
CA VAL F 432 32.20 9.50 11.87
C VAL F 432 31.72 8.83 13.14
N GLY F 433 31.19 7.61 13.01
CA GLY F 433 30.69 6.83 14.11
C GLY F 433 29.18 6.89 14.29
N LYS F 434 28.51 7.83 13.64
CA LYS F 434 27.07 7.97 13.74
C LYS F 434 26.37 7.12 12.69
N LEU F 435 25.06 6.93 12.89
CA LEU F 435 24.27 6.19 11.92
C LEU F 435 24.24 6.93 10.58
N ALA F 436 24.13 6.15 9.50
CA ALA F 436 24.17 6.72 8.15
C ALA F 436 22.78 7.17 7.70
N ASP F 437 22.21 8.08 8.48
CA ASP F 437 20.94 8.71 8.14
C ASP F 437 21.26 10.01 7.41
N ILE F 438 21.10 10.00 6.09
CA ILE F 438 21.58 11.10 5.24
C ILE F 438 20.48 11.49 4.26
N VAL F 439 20.25 12.79 4.12
CA VAL F 439 19.29 13.34 3.17
C VAL F 439 20.06 14.05 2.08
N ALA F 440 19.76 13.71 0.82
CA ALA F 440 20.35 14.37 -0.34
C ALA F 440 19.36 15.39 -0.90
N TRP F 441 19.89 16.52 -1.36
CA TRP F 441 19.09 17.60 -1.91
C TRP F 441 19.73 18.09 -3.20
N GLU F 442 18.93 18.26 -4.23
CA GLU F 442 19.34 19.09 -5.35
C GLU F 442 19.25 20.55 -4.92
N PRO F 443 20.28 21.37 -5.19
CA PRO F 443 20.28 22.74 -4.64
C PRO F 443 19.05 23.56 -4.99
N LYS F 444 18.51 23.40 -6.19
CA LYS F 444 17.29 24.10 -6.56
C LYS F 444 16.08 23.64 -5.75
N PHE F 445 16.15 22.45 -5.15
CA PHE F 445 15.07 21.92 -4.34
C PHE F 445 15.38 21.91 -2.85
N PHE F 446 16.50 22.52 -2.44
CA PHE F 446 16.93 22.43 -1.05
C PHE F 446 15.90 23.03 -0.11
N GLY F 447 15.53 22.28 0.93
CA GLY F 447 14.56 22.72 1.89
C GLY F 447 13.12 22.55 1.47
N ALA F 448 12.86 22.06 0.27
CA ALA F 448 11.50 21.83 -0.21
C ALA F 448 11.24 20.37 -0.53
N LYS F 449 12.08 19.74 -1.35
CA LYS F 449 11.85 18.38 -1.79
C LYS F 449 13.17 17.61 -1.84
N PRO F 450 13.38 16.65 -0.94
CA PRO F 450 14.65 15.92 -0.93
C PRO F 450 14.78 14.99 -2.12
N TYR F 451 16.04 14.70 -2.48
CA TYR F 451 16.31 13.82 -3.60
C TYR F 451 16.21 12.35 -3.18
N TYR F 452 16.88 11.98 -2.10
CA TYR F 452 16.64 10.67 -1.48
C TYR F 452 16.96 10.76 0.02
N VAL F 453 16.42 9.80 0.76
CA VAL F 453 16.62 9.69 2.20
C VAL F 453 17.20 8.31 2.49
N VAL F 454 18.33 8.28 3.19
CA VAL F 454 19.09 7.07 3.45
C VAL F 454 19.04 6.77 4.94
N LYS F 455 18.63 5.54 5.28
CA LYS F 455 18.50 5.09 6.66
C LYS F 455 19.51 3.98 6.89
N MET F 456 20.56 4.29 7.65
CA MET F 456 21.63 3.35 7.97
C MET F 456 22.25 2.74 6.70
N GLY F 457 22.57 3.62 5.75
CA GLY F 457 23.24 3.24 4.53
C GLY F 457 22.35 2.69 3.43
N VAL F 458 21.05 2.59 3.66
CA VAL F 458 20.11 2.04 2.69
C VAL F 458 19.03 3.09 2.42
N ILE F 459 18.70 3.27 1.15
CA ILE F 459 17.68 4.24 0.77
C ILE F 459 16.31 3.72 1.19
N ALA F 460 15.58 4.53 1.96
CA ALA F 460 14.26 4.17 2.45
C ALA F 460 13.14 4.82 1.64
N ARG F 461 13.36 6.04 1.16
CA ARG F 461 12.39 6.75 0.34
C ARG F 461 13.16 7.64 -0.63
N CYS F 462 12.66 7.75 -1.85
CA CYS F 462 13.40 8.56 -2.81
C CYS F 462 12.49 8.99 -3.96
N VAL F 463 12.96 10.01 -4.68
CA VAL F 463 12.31 10.43 -5.91
C VAL F 463 12.57 9.37 -6.98
N ALA F 464 11.50 8.85 -7.57
CA ALA F 464 11.61 7.79 -8.57
C ALA F 464 10.36 7.80 -9.42
N GLY F 465 10.48 7.24 -10.63
CA GLY F 465 9.39 7.28 -11.58
C GLY F 465 8.79 5.95 -11.95
N ASP F 466 8.27 5.86 -13.17
CA ASP F 466 7.61 4.69 -13.74
C ASP F 466 8.50 3.46 -13.60
N PRO F 467 8.09 2.46 -12.81
CA PRO F 467 8.93 1.26 -12.66
C PRO F 467 9.09 0.47 -13.94
N ASN F 468 8.14 0.59 -14.89
CA ASN F 468 8.27 -0.08 -16.17
C ASN F 468 9.22 0.64 -17.12
N ALA F 469 9.57 1.89 -16.83
CA ALA F 469 10.31 2.70 -17.78
C ALA F 469 11.72 2.14 -17.99
N SER F 470 12.32 2.54 -19.10
CA SER F 470 13.69 2.14 -19.40
C SER F 470 14.71 2.84 -18.52
N ILE F 471 14.35 3.98 -17.93
CA ILE F 471 15.23 4.72 -17.02
C ILE F 471 14.41 5.18 -15.82
N PRO F 472 15.08 5.42 -14.67
CA PRO F 472 14.32 5.66 -13.43
C PRO F 472 13.86 7.09 -13.22
N THR F 473 13.82 7.90 -14.27
CA THR F 473 13.44 9.30 -14.17
C THR F 473 12.27 9.63 -15.08
N CYS F 474 11.33 8.69 -15.24
CA CYS F 474 10.21 8.87 -16.15
C CYS F 474 8.93 9.14 -15.38
N GLU F 475 8.09 10.00 -15.93
CA GLU F 475 6.86 10.39 -15.26
C GLU F 475 5.93 9.19 -15.12
N PRO F 476 5.17 9.09 -14.03
CA PRO F 476 5.12 10.06 -12.93
C PRO F 476 6.27 9.92 -11.93
N VAL F 477 7.06 10.97 -11.81
CA VAL F 477 8.22 10.99 -10.91
C VAL F 477 7.73 11.51 -9.56
N ILE F 478 7.63 10.61 -8.59
CA ILE F 478 7.10 10.94 -7.26
C ILE F 478 8.00 10.32 -6.20
N MET F 479 7.76 10.71 -4.95
CA MET F 479 8.46 10.13 -3.81
C MET F 479 7.87 8.76 -3.52
N ARG F 480 8.72 7.73 -3.56
CA ARG F 480 8.30 6.35 -3.42
C ARG F 480 9.11 5.65 -2.35
N ASP F 481 8.46 4.68 -1.70
CA ASP F 481 9.14 3.78 -0.78
C ASP F 481 10.13 2.91 -1.53
N GLN F 482 11.27 2.64 -0.91
CA GLN F 482 12.34 1.87 -1.52
C GLN F 482 12.52 0.54 -0.77
N PHE F 483 13.57 -0.19 -1.13
CA PHE F 483 13.80 -1.52 -0.55
C PHE F 483 14.03 -1.45 0.95
N GLY F 484 14.44 -0.30 1.48
CA GLY F 484 14.63 -0.15 2.91
C GLY F 484 13.37 -0.30 3.73
N THR F 485 12.20 -0.32 3.10
CA THR F 485 10.93 -0.49 3.78
C THR F 485 10.35 -1.88 3.61
N TYR F 486 11.12 -2.84 3.09
CA TYR F 486 10.62 -4.17 2.78
C TYR F 486 11.43 -5.25 3.50
N GLY F 487 10.73 -6.32 3.85
CA GLY F 487 11.39 -7.51 4.39
C GLY F 487 12.10 -7.23 5.70
N ARG F 488 13.23 -7.92 5.89
CA ARG F 488 14.07 -7.70 7.05
C ARG F 488 14.89 -6.42 6.94
N LEU F 489 15.04 -5.88 5.73
CA LEU F 489 15.71 -4.60 5.57
C LEU F 489 14.96 -3.49 6.29
N LEU F 490 13.63 -3.62 6.43
CA LEU F 490 12.86 -2.64 7.17
C LEU F 490 13.28 -2.59 8.63
N THR F 491 13.49 -3.76 9.25
CA THR F 491 13.89 -3.83 10.64
C THR F 491 15.40 -3.74 10.83
N ASN F 492 16.19 -3.75 9.75
CA ASN F 492 17.63 -3.59 9.84
C ASN F 492 18.10 -2.16 9.65
N THR F 493 17.31 -1.30 9.01
CA THR F 493 17.75 0.03 8.62
C THR F 493 17.21 1.13 9.52
N SER F 494 16.55 0.78 10.62
CA SER F 494 16.12 1.78 11.59
C SER F 494 16.13 1.15 12.97
N VAL F 495 16.10 2.00 13.99
CA VAL F 495 16.21 1.57 15.38
C VAL F 495 15.06 2.16 16.18
N SER F 496 14.90 1.65 17.40
CA SER F 496 13.97 2.20 18.37
C SER F 496 14.76 2.65 19.60
N PHE F 497 14.52 3.87 20.04
CA PHE F 497 15.21 4.42 21.19
C PHE F 497 14.38 4.20 22.45
N VAL F 498 14.99 3.59 23.46
CA VAL F 498 14.31 3.25 24.71
C VAL F 498 15.20 3.66 25.86
N SER F 499 14.61 3.64 27.06
CA SER F 499 15.37 3.92 28.28
C SER F 499 16.34 2.78 28.57
N LYS F 500 17.39 3.12 29.33
CA LYS F 500 18.38 2.11 29.70
C LYS F 500 17.77 1.01 30.56
N ILE F 501 16.92 1.38 31.52
CA ILE F 501 16.31 0.39 32.40
C ILE F 501 15.33 -0.48 31.62
N GLY F 502 14.60 0.11 30.68
CA GLY F 502 13.71 -0.68 29.84
C GLY F 502 14.46 -1.68 28.99
N LEU F 503 15.59 -1.26 28.41
CA LEU F 503 16.42 -2.19 27.63
C LEU F 503 16.97 -3.30 28.51
N GLU F 504 17.43 -2.95 29.72
CA GLU F 504 17.93 -3.98 30.63
C GLU F 504 16.82 -4.90 31.13
N ASN F 505 15.57 -4.48 31.02
CA ASN F 505 14.43 -5.31 31.41
C ASN F 505 14.09 -6.35 30.35
N GLY F 506 14.78 -6.35 29.21
CA GLY F 506 14.48 -7.29 28.14
C GLY F 506 13.15 -7.04 27.46
N ILE F 507 12.80 -5.77 27.23
CA ILE F 507 11.55 -5.46 26.54
C ILE F 507 11.60 -5.93 25.10
N LYS F 508 12.78 -6.01 24.49
CA LYS F 508 12.89 -6.44 23.10
C LYS F 508 12.35 -7.86 22.93
N GLU F 509 12.72 -8.77 23.83
CA GLU F 509 12.21 -10.13 23.75
C GLU F 509 10.76 -10.21 24.21
N GLU F 510 10.41 -9.46 25.26
CA GLU F 510 9.04 -9.50 25.77
C GLU F 510 8.05 -8.95 24.75
N TYR F 511 8.40 -7.88 24.06
CA TYR F 511 7.52 -7.27 23.07
C TYR F 511 7.67 -7.91 21.69
N LYS F 512 8.56 -8.89 21.56
CA LYS F 512 8.81 -9.57 20.29
C LYS F 512 9.24 -8.57 19.20
N LEU F 513 10.08 -7.63 19.59
CA LEU F 513 10.54 -6.61 18.65
C LEU F 513 11.67 -7.14 17.78
N GLU F 514 11.70 -6.70 16.53
CA GLU F 514 12.73 -7.12 15.58
C GLU F 514 13.81 -6.07 15.37
N LYS F 515 13.53 -4.81 15.69
CA LYS F 515 14.53 -3.76 15.52
C LYS F 515 15.54 -3.78 16.67
N GLU F 516 16.71 -3.21 16.41
CA GLU F 516 17.68 -2.97 17.47
C GLU F 516 17.20 -1.84 18.35
N LEU F 517 17.36 -2.01 19.66
CA LEU F 517 16.98 -1.00 20.64
C LEU F 517 18.23 -0.32 21.17
N LEU F 518 18.26 1.01 21.07
CA LEU F 518 19.39 1.80 21.51
C LEU F 518 19.01 2.65 22.70
N PRO F 519 19.80 2.66 23.78
CA PRO F 519 19.42 3.42 24.97
C PRO F 519 19.81 4.89 24.85
N VAL F 520 18.91 5.76 25.31
CA VAL F 520 19.23 7.17 25.43
C VAL F 520 20.13 7.37 26.65
N LYS F 521 20.97 8.41 26.59
CA LYS F 521 21.92 8.63 27.65
C LYS F 521 22.33 10.09 27.66
N ASN F 522 22.88 10.53 28.79
CA ASN F 522 23.35 11.90 29.00
C ASN F 522 22.22 12.92 28.81
N CYS F 523 21.00 12.52 29.17
CA CYS F 523 19.87 13.44 29.06
C CYS F 523 19.83 14.47 30.20
N ARG F 524 20.37 14.12 31.36
CA ARG F 524 20.29 14.99 32.52
C ARG F 524 21.46 15.98 32.60
N SER F 525 22.60 15.65 32.02
CA SER F 525 23.80 16.47 32.15
C SER F 525 23.86 17.61 31.14
N VAL F 526 22.93 17.70 30.21
CA VAL F 526 22.94 18.73 29.19
C VAL F 526 22.05 19.88 29.63
N ASN F 527 22.40 21.09 29.18
CA ASN F 527 21.64 22.29 29.47
C ASN F 527 21.69 23.19 28.25
N LYS F 528 21.29 24.46 28.43
CA LYS F 528 21.22 25.39 27.32
C LYS F 528 22.58 25.60 26.65
N LYS F 529 23.65 25.58 27.44
CA LYS F 529 24.99 25.78 26.88
C LYS F 529 25.45 24.59 26.03
N SER F 530 24.75 23.45 26.08
CA SER F 530 25.12 22.31 25.27
C SER F 530 24.71 22.48 23.81
N MET F 531 23.64 23.23 23.55
CA MET F 531 23.14 23.39 22.19
C MET F 531 24.17 24.09 21.31
N LYS F 532 24.37 23.56 20.11
CA LYS F 532 25.30 24.14 19.16
C LYS F 532 24.70 25.38 18.51
N TRP F 533 25.44 26.48 18.56
CA TRP F 533 25.11 27.76 17.94
C TRP F 533 23.83 28.38 18.48
N ASN F 534 23.20 27.79 19.50
CA ASN F 534 21.92 28.25 20.01
C ASN F 534 21.91 28.24 21.53
N SER F 535 22.96 28.81 22.14
CA SER F 535 23.11 28.81 23.60
C SER F 535 22.88 30.18 24.21
N ALA F 536 22.24 31.10 23.50
CA ALA F 536 22.03 32.45 24.03
C ALA F 536 20.91 32.46 25.06
N THR F 537 21.09 33.25 26.11
CA THR F 537 20.09 33.42 27.18
C THR F 537 19.88 34.90 27.43
N PRO F 538 19.14 35.58 26.55
CA PRO F 538 18.85 37.00 26.78
C PRO F 538 17.84 37.22 27.89
N ASN F 539 17.83 38.44 28.41
CA ASN F 539 16.91 38.82 29.49
C ASN F 539 15.56 39.18 28.88
N LEU F 540 14.87 38.15 28.37
CA LEU F 540 13.58 38.34 27.72
C LEU F 540 12.49 38.53 28.76
N GLU F 541 11.67 39.56 28.57
CA GLU F 541 10.54 39.84 29.44
C GLU F 541 9.31 40.11 28.59
N VAL F 542 8.20 39.48 28.95
CA VAL F 542 6.92 39.66 28.27
C VAL F 542 6.05 40.54 29.15
N ASP F 543 5.59 41.66 28.60
CA ASP F 543 4.77 42.59 29.37
C ASP F 543 3.41 41.97 29.66
N PRO F 544 2.98 41.89 30.92
CA PRO F 544 1.69 41.26 31.22
C PRO F 544 0.50 41.99 30.62
N GLN F 545 0.63 43.27 30.28
CA GLN F 545 -0.47 44.06 29.76
C GLN F 545 -0.47 44.15 28.23
N THR F 546 0.67 44.44 27.62
CA THR F 546 0.75 44.66 26.18
C THR F 546 1.35 43.48 25.44
N PHE F 547 1.80 42.44 26.13
CA PHE F 547 2.38 41.23 25.56
C PHE F 547 3.69 41.48 24.81
N ASP F 548 4.23 42.69 24.89
CA ASP F 548 5.49 43.00 24.22
C ASP F 548 6.63 42.19 24.83
N ALA F 549 7.53 41.72 23.98
CA ALA F 549 8.71 40.97 24.39
C ALA F 549 9.94 41.82 24.15
N ALA F 550 10.70 42.08 25.21
CA ALA F 550 11.83 42.99 25.15
C ALA F 550 13.06 42.35 25.78
N VAL F 551 14.23 42.72 25.26
CA VAL F 551 15.51 42.24 25.74
C VAL F 551 16.36 43.45 26.13
N ASP F 552 17.56 43.17 26.64
CA ASP F 552 18.49 44.22 27.03
C ASP F 552 19.34 44.65 25.83
N PHE F 553 20.03 45.79 26.00
CA PHE F 553 20.85 46.31 24.91
C PHE F 553 22.01 45.39 24.59
N ASN F 554 22.62 44.77 25.61
CA ASN F 554 23.73 43.85 25.35
C ASN F 554 23.25 42.55 24.72
N ASP F 555 21.97 42.19 24.89
CA ASP F 555 21.43 41.02 24.22
C ASP F 555 21.42 41.16 22.70
N LEU F 556 21.43 42.39 22.19
CA LEU F 556 21.49 42.63 20.76
C LEU F 556 22.92 42.66 20.24
N GLU F 557 23.91 42.49 21.10
CA GLU F 557 25.31 42.50 20.68
C GLU F 557 25.69 41.15 20.08
N ASN F 558 26.57 41.20 19.08
CA ASN F 558 27.13 40.03 18.41
C ASN F 558 26.06 39.22 17.66
N TRP F 559 24.89 39.81 17.44
CA TRP F 559 23.83 39.11 16.73
C TRP F 559 24.01 39.19 15.21
N LEU F 560 24.00 40.40 14.68
CA LEU F 560 23.98 40.64 13.24
C LEU F 560 25.24 41.39 12.82
N GLU F 561 25.36 41.62 11.51
CA GLU F 561 26.45 42.45 10.98
C GLU F 561 26.30 43.88 11.45
N GLN F 562 25.08 44.40 11.50
CA GLN F 562 24.83 45.73 12.03
C GLN F 562 24.92 45.70 13.56
N SER F 563 25.61 46.70 14.11
CA SER F 563 25.90 46.73 15.53
C SER F 563 24.61 46.92 16.34
N ALA F 564 24.73 46.71 17.65
CA ALA F 564 23.59 46.87 18.54
C ALA F 564 23.10 48.31 18.58
N SER F 565 24.00 49.28 18.42
CA SER F 565 23.58 50.68 18.40
C SER F 565 22.67 50.98 17.21
N GLU F 566 23.01 50.46 16.03
CA GLU F 566 22.15 50.64 14.86
C GLU F 566 20.80 49.95 15.05
N LEU F 567 20.80 48.76 15.66
CA LEU F 567 19.55 48.05 15.91
C LEU F 567 18.69 48.80 16.92
N ALA F 568 19.31 49.50 17.87
CA ALA F 568 18.56 50.27 18.85
C ALA F 568 17.79 51.42 18.22
N LYS F 569 18.21 51.88 17.05
CA LYS F 569 17.52 52.95 16.34
C LYS F 569 16.27 52.47 15.62
N LYS F 570 16.04 51.16 15.54
CA LYS F 570 14.91 50.60 14.83
C LYS F 570 13.90 49.90 15.73
N LEU F 571 14.38 49.14 16.71
CA LEU F 571 13.48 48.47 17.65
C LEU F 571 12.89 49.49 18.62
N LYS F 572 11.61 49.32 18.94
CA LYS F 572 10.95 50.21 19.88
C LYS F 572 11.51 50.02 21.28
N LYS F 573 11.52 51.10 22.05
CA LYS F 573 12.09 51.12 23.39
C LYS F 573 10.96 51.19 24.42
N THR F 574 11.06 50.34 25.44
CA THR F 574 10.08 50.34 26.53
C THR F 574 10.37 51.52 27.45
N SER F 575 9.61 51.64 28.55
CA SER F 575 9.89 52.64 29.55
C SER F 575 11.27 52.44 30.16
N SER F 576 11.62 51.19 30.44
CA SER F 576 12.97 50.83 30.89
C SER F 576 13.91 50.87 29.68
N GLY F 577 15.16 50.51 29.90
CA GLY F 577 16.14 50.51 28.83
C GLY F 577 16.13 49.25 28.00
N LYS F 578 14.95 48.68 27.79
CA LYS F 578 14.78 47.46 27.01
C LYS F 578 14.29 47.80 25.61
N TYR F 579 14.49 46.85 24.69
CA TYR F 579 14.13 47.03 23.29
C TYR F 579 13.22 45.90 22.85
N ILE F 580 12.11 46.26 22.20
CA ILE F 580 11.07 45.29 21.84
C ILE F 580 11.45 44.57 20.56
N LEU F 581 11.45 43.24 20.61
CA LEU F 581 11.71 42.43 19.43
C LEU F 581 10.46 42.37 18.57
N ASP F 582 10.55 42.83 17.33
CA ASP F 582 9.40 42.85 16.44
C ASP F 582 9.87 42.91 15.00
N ALA F 583 8.97 42.54 14.10
CA ALA F 583 9.20 42.61 12.66
C ALA F 583 7.86 42.43 11.95
N GLU F 584 7.76 42.98 10.75
CA GLU F 584 6.53 42.88 9.98
C GLU F 584 6.32 41.44 9.50
N PRO F 585 5.08 40.99 9.45
CA PRO F 585 4.82 39.63 8.96
C PRO F 585 5.19 39.47 7.50
N LEU F 586 5.67 38.27 7.17
CA LEU F 586 6.06 37.96 5.80
C LEU F 586 4.83 37.82 4.91
N THR F 587 4.94 38.30 3.67
CA THR F 587 3.85 38.20 2.71
C THR F 587 4.08 37.11 1.67
N GLU F 588 5.31 36.93 1.21
CA GLU F 588 5.66 35.86 0.28
C GLU F 588 6.86 35.10 0.84
N ALA F 589 6.75 33.77 0.87
CA ALA F 589 7.82 32.94 1.39
C ALA F 589 8.48 32.14 0.27
N PRO F 590 9.74 31.78 0.43
CA PRO F 590 10.37 30.81 -0.46
C PRO F 590 9.98 29.40 -0.04
N LEU F 591 10.47 28.41 -0.79
CA LEU F 591 10.17 27.00 -0.53
C LEU F 591 8.65 26.81 -0.40
N ALA F 592 7.94 27.26 -1.43
CA ALA F 592 6.53 27.60 -1.36
C ALA F 592 5.87 27.31 -2.70
N GLN F 593 4.81 28.06 -3.02
CA GLN F 593 3.98 27.79 -4.20
C GLN F 593 4.79 27.59 -5.48
N ARG F 594 6.07 27.96 -5.51
CA ARG F 594 6.93 27.62 -6.64
C ARG F 594 7.23 26.12 -6.70
N TYR F 595 6.94 25.36 -5.66
CA TYR F 595 7.33 23.96 -5.57
C TYR F 595 6.17 23.00 -5.46
N PHE F 596 5.16 23.30 -4.65
CA PHE F 596 4.17 22.32 -4.24
C PHE F 596 2.89 22.45 -5.05
N LEU F 597 2.47 21.34 -5.66
CA LEU F 597 1.11 21.23 -6.16
C LEU F 597 0.16 21.26 -4.98
N PHE F 598 -0.80 22.18 -5.01
CA PHE F 598 -1.67 22.49 -3.86
C PHE F 598 -0.86 22.99 -2.66
N MET G 1 -11.72 -3.13 -17.17
CA MET G 1 -10.67 -2.33 -17.80
C MET G 1 -9.37 -3.12 -17.92
N ASN G 2 -9.11 -3.98 -16.92
CA ASN G 2 -7.89 -4.78 -16.85
C ASN G 2 -6.66 -3.88 -16.83
N LEU G 3 -6.63 -2.94 -15.89
CA LEU G 3 -5.55 -1.97 -15.81
C LEU G 3 -4.37 -2.54 -15.03
N SER G 4 -3.21 -2.59 -15.68
CA SER G 4 -1.98 -2.90 -14.98
C SER G 4 -1.59 -1.73 -14.08
N LEU G 5 -0.58 -1.97 -13.24
CA LEU G 5 -0.16 -0.94 -12.29
C LEU G 5 0.42 0.27 -13.00
N ARG G 6 1.19 0.05 -14.07
CA ARG G 6 1.82 1.17 -14.76
C ARG G 6 0.77 2.06 -15.44
N GLU G 7 -0.35 1.47 -15.87
CA GLU G 7 -1.44 2.28 -16.40
C GLU G 7 -2.12 3.09 -15.31
N VAL G 8 -2.34 2.49 -14.15
CA VAL G 8 -3.07 3.16 -13.07
C VAL G 8 -2.30 4.38 -12.60
N GLN G 9 -1.00 4.23 -12.38
CA GLN G 9 -0.19 5.33 -11.84
C GLN G 9 -0.02 6.46 -12.83
N LYS G 10 -0.23 6.21 -14.13
CA LYS G 10 -0.15 7.30 -15.10
C LYS G 10 -1.37 8.20 -15.07
N LEU G 11 -2.48 7.74 -14.48
CA LEU G 11 -3.62 8.61 -14.27
C LEU G 11 -3.30 9.76 -13.33
N LEU G 12 -2.22 9.65 -12.54
CA LEU G 12 -1.78 10.77 -11.71
C LEU G 12 -1.39 11.96 -12.58
N ILE G 13 -0.70 11.70 -13.69
CA ILE G 13 -0.31 12.77 -14.61
C ILE G 13 -1.54 13.48 -15.16
N THR G 14 -2.57 12.71 -15.53
CA THR G 14 -3.77 13.29 -16.12
C THR G 14 -4.45 14.27 -15.15
N VAL G 15 -4.56 13.88 -13.89
CA VAL G 15 -5.20 14.76 -12.91
C VAL G 15 -4.34 15.99 -12.63
N ALA G 16 -3.03 15.79 -12.45
CA ALA G 16 -2.14 16.90 -12.18
C ALA G 16 -2.09 17.88 -13.34
N ALA G 17 -2.05 17.38 -14.58
CA ALA G 17 -2.10 18.25 -15.74
C ALA G 17 -3.44 18.95 -15.86
N ASP G 18 -4.53 18.30 -15.45
CA ASP G 18 -5.83 18.95 -15.43
C ASP G 18 -5.84 20.12 -14.45
N VAL G 19 -5.20 19.96 -13.30
CA VAL G 19 -5.08 21.05 -12.35
C VAL G 19 -4.28 22.19 -12.95
N ALA G 20 -3.16 21.86 -13.59
CA ALA G 20 -2.32 22.89 -14.20
C ALA G 20 -3.05 23.60 -15.34
N ARG G 21 -3.81 22.86 -16.15
CA ARG G 21 -4.50 23.44 -17.28
C ARG G 21 -5.55 24.46 -16.83
N ARG G 22 -6.32 24.13 -15.79
CA ARG G 22 -7.31 25.08 -15.27
C ARG G 22 -6.64 26.33 -14.71
N ARG G 23 -5.54 26.16 -13.98
CA ARG G 23 -4.85 27.30 -13.39
C ARG G 23 -4.26 28.21 -14.46
N LEU G 24 -3.74 27.62 -15.53
CA LEU G 24 -3.24 28.43 -16.64
C LEU G 24 -4.37 29.23 -17.28
N ALA G 25 -5.57 28.65 -17.35
CA ALA G 25 -6.71 29.35 -17.95
C ALA G 25 -7.15 30.53 -17.09
N ARG G 26 -6.87 30.49 -15.79
CA ARG G 26 -7.18 31.61 -14.90
C ARG G 26 -6.14 32.71 -14.96
N GLY G 27 -5.09 32.56 -15.77
CA GLY G 27 -4.03 33.54 -15.84
C GLY G 27 -2.95 33.37 -14.80
N LEU G 28 -2.87 32.23 -14.15
CA LEU G 28 -1.83 31.98 -13.15
C LEU G 28 -0.53 31.53 -13.81
N LYS G 29 0.59 31.97 -13.26
CA LYS G 29 1.88 31.50 -13.70
C LYS G 29 2.19 30.16 -13.05
N LEU G 30 2.50 29.16 -13.87
CA LEU G 30 2.64 27.80 -13.40
C LEU G 30 3.95 27.59 -12.63
N ASN G 31 3.88 26.76 -11.61
CA ASN G 31 5.06 26.43 -10.81
C ASN G 31 5.79 25.25 -11.44
N TYR G 32 6.75 24.67 -10.71
CA TYR G 32 7.56 23.59 -11.26
C TYR G 32 6.71 22.36 -11.55
N SER G 33 5.90 21.92 -10.57
CA SER G 33 5.15 20.67 -10.74
C SER G 33 4.04 20.82 -11.75
N GLU G 34 3.36 21.97 -11.77
CA GLU G 34 2.30 22.20 -12.74
C GLU G 34 2.86 22.20 -14.16
N ALA G 35 4.01 22.85 -14.37
CA ALA G 35 4.61 22.92 -15.69
C ALA G 35 5.02 21.53 -16.19
N VAL G 36 5.65 20.74 -15.32
CA VAL G 36 6.10 19.41 -15.72
C VAL G 36 4.91 18.52 -16.08
N ALA G 37 3.85 18.58 -15.27
CA ALA G 37 2.66 17.76 -15.55
C ALA G 37 2.01 18.16 -16.88
N LEU G 38 1.89 19.47 -17.13
CA LEU G 38 1.23 19.92 -18.35
C LEU G 38 2.00 19.50 -19.59
N ILE G 39 3.33 19.62 -19.56
CA ILE G 39 4.14 19.22 -20.71
C ILE G 39 4.09 17.71 -20.91
N THR G 40 4.09 16.95 -19.81
CA THR G 40 4.02 15.50 -19.92
C THR G 40 2.73 15.04 -20.57
N ASP G 41 1.61 15.67 -20.21
CA ASP G 41 0.32 15.27 -20.75
C ASP G 41 0.25 15.52 -22.25
N HIS G 42 0.90 16.59 -22.73
CA HIS G 42 0.96 16.84 -24.16
C HIS G 42 1.68 15.70 -24.89
N VAL G 43 2.79 15.23 -24.30
CA VAL G 43 3.54 14.12 -24.90
C VAL G 43 2.70 12.85 -24.89
N MET G 44 2.04 12.57 -23.77
CA MET G 44 1.26 11.34 -23.65
C MET G 44 0.11 11.31 -24.64
N GLU G 45 -0.65 12.40 -24.72
CA GLU G 45 -1.76 12.45 -25.67
C GLU G 45 -1.27 12.50 -27.10
N GLY G 46 -0.11 13.13 -27.34
CA GLY G 46 0.46 13.13 -28.68
C GLY G 46 0.87 11.75 -29.15
N ALA G 47 1.44 10.95 -28.25
CA ALA G 47 1.81 9.58 -28.60
C ALA G 47 0.58 8.74 -28.90
N ARG G 48 -0.50 8.96 -28.14
CA ARG G 48 -1.76 8.27 -28.42
C ARG G 48 -2.30 8.65 -29.80
N ASP G 49 -2.09 9.90 -30.21
CA ASP G 49 -2.54 10.34 -31.53
C ASP G 49 -1.79 9.64 -32.65
N GLY G 50 -0.59 9.16 -32.38
CA GLY G 50 0.24 8.53 -33.38
C GLY G 50 1.40 9.36 -33.90
N LYS G 51 1.77 10.44 -33.21
CA LYS G 51 2.92 11.24 -33.63
C LYS G 51 4.20 10.46 -33.43
N LEU G 52 5.22 10.82 -34.21
CA LEU G 52 6.54 10.22 -34.06
C LEU G 52 7.22 10.74 -32.80
N VAL G 53 8.14 9.92 -32.27
CA VAL G 53 8.90 10.33 -31.09
C VAL G 53 9.67 11.62 -31.36
N ALA G 54 10.28 11.72 -32.55
CA ALA G 54 11.05 12.91 -32.90
C ALA G 54 10.18 14.16 -32.91
N ASP G 55 8.93 14.03 -33.39
CA ASP G 55 8.02 15.17 -33.40
C ASP G 55 7.72 15.65 -31.99
N LEU G 56 7.52 14.73 -31.05
CA LEU G 56 7.11 15.12 -29.71
C LEU G 56 8.26 15.76 -28.94
N MET G 57 9.51 15.36 -29.21
CA MET G 57 10.65 16.00 -28.55
C MET G 57 10.74 17.48 -28.91
N GLN G 58 10.20 17.87 -30.06
CA GLN G 58 10.23 19.26 -30.49
C GLN G 58 8.95 20.01 -30.15
N SER G 59 7.79 19.36 -30.29
CA SER G 59 6.51 20.02 -30.04
C SER G 59 6.21 20.21 -28.55
N ALA G 60 6.81 19.40 -27.68
CA ALA G 60 6.65 19.61 -26.25
C ALA G 60 7.37 20.85 -25.75
N ARG G 61 8.23 21.45 -26.57
CA ARG G 61 8.94 22.67 -26.21
C ARG G 61 8.13 23.92 -26.51
N GLU G 62 6.94 23.79 -27.08
CA GLU G 62 6.08 24.92 -27.38
C GLU G 62 4.83 24.95 -26.51
N VAL G 63 4.75 24.07 -25.50
CA VAL G 63 3.57 24.04 -24.63
C VAL G 63 3.53 25.26 -23.73
N LEU G 64 4.68 25.64 -23.16
CA LEU G 64 4.74 26.73 -22.20
C LEU G 64 5.87 27.68 -22.54
N ARG G 65 5.59 28.98 -22.43
CA ARG G 65 6.60 30.02 -22.60
C ARG G 65 7.15 30.41 -21.23
N VAL G 66 8.25 31.18 -21.27
CA VAL G 66 8.88 31.63 -20.03
C VAL G 66 7.93 32.51 -19.23
N ASP G 67 7.17 33.37 -19.91
CA ASP G 67 6.26 34.29 -19.23
C ASP G 67 5.03 33.60 -18.65
N GLN G 68 4.81 32.32 -18.96
CA GLN G 68 3.66 31.59 -18.43
C GLN G 68 3.98 30.81 -17.15
N VAL G 69 5.21 30.92 -16.64
CA VAL G 69 5.61 30.20 -15.44
C VAL G 69 6.25 31.17 -14.47
N MET G 70 6.35 30.75 -13.22
N MET G 70 6.35 30.75 -13.21
CA MET G 70 6.97 31.56 -12.19
CA MET G 70 6.97 31.58 -12.19
C MET G 70 8.46 31.73 -12.47
C MET G 70 8.46 31.72 -12.45
N GLU G 71 9.03 32.80 -11.91
CA GLU G 71 10.45 33.08 -12.10
C GLU G 71 11.31 31.91 -11.63
N GLY G 72 12.25 31.50 -12.49
CA GLY G 72 13.16 30.43 -12.17
C GLY G 72 12.66 29.04 -12.53
N VAL G 73 11.37 28.87 -12.82
CA VAL G 73 10.85 27.56 -13.17
C VAL G 73 11.44 27.07 -14.49
N ASP G 74 11.63 27.99 -15.44
CA ASP G 74 12.19 27.60 -16.74
C ASP G 74 13.60 27.04 -16.60
N THR G 75 14.39 27.58 -15.67
CA THR G 75 15.71 27.01 -15.42
C THR G 75 15.66 25.73 -14.59
N MET G 76 14.56 25.49 -13.87
CA MET G 76 14.44 24.28 -13.08
C MET G 76 14.07 23.07 -13.93
N VAL G 77 13.30 23.26 -14.99
CA VAL G 77 12.84 22.15 -15.82
C VAL G 77 13.91 21.94 -16.89
N SER G 78 14.96 21.20 -16.52
CA SER G 78 16.03 20.90 -17.46
C SER G 78 15.62 19.83 -18.45
N ILE G 79 14.89 18.82 -18.00
CA ILE G 79 14.52 17.70 -18.85
C ILE G 79 13.24 17.08 -18.31
N ILE G 80 12.39 16.60 -19.21
CA ILE G 80 11.19 15.84 -18.87
C ILE G 80 11.21 14.57 -19.70
N GLN G 81 10.98 13.43 -19.05
CA GLN G 81 11.03 12.14 -19.71
C GLN G 81 9.81 11.31 -19.31
N VAL G 82 9.21 10.65 -20.30
CA VAL G 82 8.02 9.84 -20.07
C VAL G 82 7.94 8.81 -21.19
N GLU G 83 7.43 7.63 -20.86
CA GLU G 83 7.27 6.54 -21.82
C GLU G 83 5.79 6.29 -22.07
N VAL G 84 5.40 6.30 -23.34
CA VAL G 84 4.01 6.13 -23.73
C VAL G 84 3.92 5.02 -24.77
N THR G 85 2.71 4.49 -24.94
CA THR G 85 2.46 3.42 -25.90
C THR G 85 2.20 4.04 -27.26
N PHE G 86 3.20 4.01 -28.13
CA PHE G 86 3.07 4.47 -29.50
C PHE G 86 2.39 3.38 -30.32
N PRO G 87 2.02 3.66 -31.59
CA PRO G 87 1.46 2.60 -32.43
C PRO G 87 2.40 1.41 -32.59
N ASP G 88 3.71 1.66 -32.51
CA ASP G 88 4.71 0.63 -32.63
C ASP G 88 5.15 0.07 -31.28
N GLY G 89 4.50 0.46 -30.20
CA GLY G 89 4.84 -0.01 -28.87
C GLY G 89 5.33 1.11 -27.98
N THR G 90 5.71 0.74 -26.76
CA THR G 90 6.17 1.70 -25.77
C THR G 90 7.51 2.30 -26.19
N LYS G 91 7.58 3.62 -26.16
CA LYS G 91 8.80 4.34 -26.49
C LYS G 91 9.04 5.45 -25.47
N LEU G 92 10.31 5.83 -25.34
CA LEU G 92 10.71 6.90 -24.43
C LEU G 92 10.81 8.23 -25.17
N VAL G 93 10.24 9.27 -24.58
CA VAL G 93 10.31 10.62 -25.11
C VAL G 93 11.01 11.50 -24.08
N SER G 94 12.10 12.14 -24.50
CA SER G 94 12.86 13.04 -23.65
C SER G 94 12.78 14.45 -24.22
N VAL G 95 12.38 15.40 -23.37
CA VAL G 95 12.23 16.79 -23.76
C VAL G 95 13.32 17.60 -23.07
N HIS G 96 14.16 18.26 -23.86
CA HIS G 96 15.28 19.03 -23.34
C HIS G 96 14.93 20.51 -23.32
N ASP G 97 15.05 21.13 -22.15
CA ASP G 97 14.74 22.54 -21.96
C ASP G 97 13.40 22.94 -22.58
N PRO G 98 12.30 22.33 -22.14
CA PRO G 98 11.00 22.59 -22.78
C PRO G 98 10.52 24.02 -22.66
N ILE G 99 10.89 24.72 -21.58
CA ILE G 99 10.38 26.07 -21.31
C ILE G 99 11.49 27.04 -21.71
N TYR G 100 11.41 27.54 -22.93
CA TYR G 100 12.35 28.51 -23.45
C TYR G 100 11.56 29.56 -24.23
N LYS G 101 12.24 30.68 -24.52
CA LYS G 101 11.70 31.81 -25.30
C LYS G 101 10.35 32.34 -24.80
N GLY H 11 19.11 40.45 -10.22
CA GLY H 11 18.78 39.91 -11.52
C GLY H 11 17.74 38.82 -11.47
N LYS H 12 17.75 37.94 -12.47
CA LYS H 12 16.80 36.83 -12.52
C LYS H 12 17.05 35.87 -11.38
N LEU H 13 15.99 35.49 -10.67
CA LEU H 13 16.10 34.57 -9.55
C LEU H 13 16.20 33.15 -10.09
N VAL H 14 17.37 32.55 -9.97
CA VAL H 14 17.63 31.20 -10.43
C VAL H 14 17.76 30.30 -9.20
N PRO H 15 16.80 29.42 -8.92
CA PRO H 15 16.94 28.50 -7.79
C PRO H 15 18.18 27.63 -7.94
N GLY H 16 18.91 27.47 -6.84
CA GLY H 16 20.13 26.68 -6.86
C GLY H 16 21.21 27.27 -7.74
N ALA H 17 21.30 28.59 -7.83
CA ALA H 17 22.33 29.23 -8.64
C ALA H 17 23.70 29.03 -8.00
N ILE H 18 24.74 29.15 -8.84
CA ILE H 18 26.11 28.96 -8.42
C ILE H 18 26.88 30.26 -8.63
N ASN H 19 27.59 30.70 -7.60
CA ASN H 19 28.52 31.81 -7.69
C ASN H 19 29.94 31.28 -7.63
N PHE H 20 30.76 31.62 -8.61
CA PHE H 20 32.10 31.10 -8.73
C PHE H 20 33.13 32.06 -8.15
N ALA H 21 34.18 31.50 -7.57
CA ALA H 21 35.30 32.28 -7.08
C ALA H 21 36.19 32.71 -8.23
N SER H 22 37.16 33.57 -7.91
CA SER H 22 38.10 34.08 -8.91
C SER H 22 39.33 33.19 -8.97
N GLY H 23 39.74 32.85 -10.20
CA GLY H 23 40.94 32.05 -10.39
C GLY H 23 40.69 30.68 -10.99
N GLU H 24 41.73 30.08 -11.55
CA GLU H 24 41.63 28.74 -12.11
C GLU H 24 42.06 27.70 -11.08
N ILE H 25 41.78 26.43 -11.41
CA ILE H 25 42.11 25.30 -10.54
C ILE H 25 43.24 24.52 -11.18
N VAL H 26 44.30 24.27 -10.40
CA VAL H 26 45.46 23.55 -10.89
C VAL H 26 45.29 22.08 -10.51
N MET H 27 45.19 21.22 -11.51
CA MET H 27 45.02 19.78 -11.31
C MET H 27 46.37 19.07 -11.42
N ASN H 28 46.55 18.05 -10.58
CA ASN H 28 47.79 17.27 -10.54
C ASN H 28 49.00 18.18 -10.35
N GLU H 29 48.91 19.08 -9.36
CA GLU H 29 50.01 19.97 -9.05
C GLU H 29 51.21 19.17 -8.56
N GLY H 30 52.39 19.52 -9.07
CA GLY H 30 53.61 18.84 -8.71
C GLY H 30 53.91 17.57 -9.49
N ARG H 31 52.97 17.11 -10.32
CA ARG H 31 53.17 15.92 -11.14
C ARG H 31 53.63 16.38 -12.52
N GLU H 32 54.95 16.37 -12.73
CA GLU H 32 55.50 16.78 -14.02
C GLU H 32 55.04 15.84 -15.12
N ALA H 33 54.62 16.42 -16.24
CA ALA H 33 54.03 15.67 -17.34
C ALA H 33 55.00 15.51 -18.49
N LYS H 34 54.85 14.41 -19.23
CA LYS H 34 55.66 14.12 -20.40
C LYS H 34 54.75 14.06 -21.62
N VAL H 35 55.19 14.70 -22.70
CA VAL H 35 54.41 14.80 -23.93
C VAL H 35 54.83 13.67 -24.86
N ILE H 36 53.89 12.79 -25.19
CA ILE H 36 54.12 11.66 -26.07
C ILE H 36 53.00 11.61 -27.10
N SER H 37 53.08 10.63 -28.01
CA SER H 37 52.09 10.44 -29.06
C SER H 37 51.60 9.00 -29.06
N ILE H 38 50.32 8.82 -29.32
CA ILE H 38 49.69 7.52 -29.41
C ILE H 38 48.95 7.41 -30.74
N LYS H 39 49.12 6.30 -31.43
CA LYS H 39 48.49 6.08 -32.73
C LYS H 39 47.66 4.80 -32.70
N ASN H 40 46.43 4.90 -33.17
CA ASN H 40 45.54 3.74 -33.28
C ASN H 40 45.76 3.09 -34.65
N THR H 41 46.18 1.82 -34.64
CA THR H 41 46.43 1.08 -35.87
C THR H 41 45.31 0.11 -36.22
N GLY H 42 44.35 -0.11 -35.32
CA GLY H 42 43.24 -0.97 -35.61
C GLY H 42 42.19 -0.31 -36.49
N ASP H 43 41.17 -1.09 -36.84
CA ASP H 43 40.08 -0.61 -37.66
C ASP H 43 38.83 -0.26 -36.86
N ARG H 44 38.94 -0.19 -35.53
CA ARG H 44 37.83 0.14 -34.66
C ARG H 44 38.28 1.19 -33.65
N PRO H 45 37.37 2.05 -33.20
CA PRO H 45 37.77 3.14 -32.31
C PRO H 45 38.18 2.65 -30.93
N ILE H 46 39.14 3.35 -30.34
CA ILE H 46 39.66 3.05 -29.01
C ILE H 46 39.59 4.32 -28.17
N GLN H 47 39.08 4.19 -26.95
CA GLN H 47 38.99 5.29 -26.01
C GLN H 47 39.51 4.83 -24.65
N VAL H 48 40.42 5.61 -24.07
CA VAL H 48 41.15 5.21 -22.87
C VAL H 48 40.88 6.23 -21.76
N GLY H 49 40.56 5.73 -20.57
CA GLY H 49 40.25 6.57 -19.44
C GLY H 49 41.48 7.21 -18.82
N SER H 50 41.22 8.10 -17.86
CA SER H 50 42.29 8.91 -17.27
C SER H 50 43.23 8.07 -16.42
N HIS H 51 42.70 7.12 -15.65
CA HIS H 51 43.49 6.37 -14.69
C HIS H 51 43.83 4.96 -15.18
N PHE H 52 43.54 4.64 -16.43
CA PHE H 52 43.92 3.35 -16.98
C PHE H 52 45.44 3.27 -17.14
N HIS H 53 46.00 2.14 -16.73
CA HIS H 53 47.44 1.91 -16.85
C HIS H 53 47.79 1.83 -18.34
N LEU H 54 48.45 2.88 -18.85
CA LEU H 54 48.70 2.99 -20.27
C LEU H 54 49.56 1.86 -20.82
N PHE H 55 50.35 1.21 -19.96
CA PHE H 55 51.15 0.07 -20.39
C PHE H 55 50.29 -1.11 -20.81
N GLU H 56 49.01 -1.16 -20.40
CA GLU H 56 48.14 -2.30 -20.63
C GLU H 56 46.97 -1.98 -21.55
N VAL H 57 47.04 -0.89 -22.31
CA VAL H 57 45.96 -0.51 -23.22
C VAL H 57 45.91 -1.48 -24.39
N ASN H 58 44.86 -1.35 -25.22
CA ASN H 58 44.68 -2.18 -26.40
C ASN H 58 45.97 -2.29 -27.19
N SER H 59 46.28 -3.52 -27.63
CA SER H 59 47.52 -3.77 -28.37
C SER H 59 47.57 -3.04 -29.70
N ALA H 60 46.42 -2.60 -30.22
CA ALA H 60 46.42 -1.85 -31.47
C ALA H 60 46.97 -0.44 -31.31
N LEU H 61 47.02 0.08 -30.09
CA LEU H 61 47.61 1.39 -29.86
C LEU H 61 49.13 1.30 -29.93
N VAL H 62 49.73 2.25 -30.62
CA VAL H 62 51.17 2.30 -30.81
C VAL H 62 51.68 3.60 -30.19
N PHE H 63 52.66 3.49 -29.29
CA PHE H 63 53.17 4.61 -28.54
C PHE H 63 54.41 5.20 -29.23
N PHE H 64 54.63 6.49 -29.00
CA PHE H 64 55.81 7.19 -29.50
C PHE H 64 56.40 8.00 -28.34
N ASP H 65 57.69 7.88 -28.12
CA ASP H 65 58.34 8.53 -26.99
C ASP H 65 58.39 10.04 -27.20
N GLU H 66 58.98 10.74 -26.23
CA GLU H 66 58.97 12.20 -26.24
C GLU H 66 59.75 12.78 -27.41
N LYS H 67 60.63 11.99 -28.04
CA LYS H 67 61.37 12.44 -29.21
C LYS H 67 60.67 12.09 -30.52
N GLY H 68 59.51 11.43 -30.46
CA GLY H 68 58.78 11.05 -31.63
C GLY H 68 59.09 9.67 -32.17
N ASN H 69 60.10 9.00 -31.63
CA ASN H 69 60.46 7.66 -32.09
C ASN H 69 59.52 6.63 -31.48
N GLU H 70 59.19 5.62 -32.28
CA GLU H 70 58.26 4.59 -31.85
C GLU H 70 58.86 3.75 -30.72
N ASP H 71 58.00 3.31 -29.81
CA ASP H 71 58.40 2.54 -28.64
C ASP H 71 57.60 1.24 -28.66
N LYS H 72 58.24 0.17 -29.16
CA LYS H 72 57.54 -1.10 -29.33
C LYS H 72 57.22 -1.77 -28.00
N GLU H 73 58.06 -1.58 -26.99
CA GLU H 73 57.88 -2.24 -25.71
C GLU H 73 57.20 -1.36 -24.67
N ARG H 74 56.79 -0.15 -25.04
CA ARG H 74 55.96 0.72 -24.18
C ARG H 74 56.65 1.07 -22.86
N LYS H 75 57.96 1.32 -22.92
CA LYS H 75 58.67 1.78 -21.72
C LYS H 75 58.24 3.17 -21.28
N VAL H 76 57.76 3.99 -22.21
CA VAL H 76 57.29 5.32 -21.84
C VAL H 76 55.94 5.26 -21.14
N ALA H 77 55.16 4.21 -21.36
CA ALA H 77 53.84 4.06 -20.76
C ALA H 77 53.84 3.29 -19.45
N TYR H 78 54.99 2.74 -19.04
CA TYR H 78 55.02 1.89 -17.85
C TYR H 78 54.87 2.74 -16.59
N GLY H 79 53.89 2.38 -15.76
CA GLY H 79 53.65 3.10 -14.53
C GLY H 79 53.15 4.51 -14.71
N ARG H 80 52.44 4.79 -15.80
CA ARG H 80 51.98 6.14 -16.11
C ARG H 80 50.53 6.11 -16.56
N ARG H 81 49.86 7.25 -16.37
CA ARG H 81 48.48 7.44 -16.80
C ARG H 81 48.36 8.80 -17.47
N PHE H 82 47.18 9.06 -18.05
CA PHE H 82 46.93 10.33 -18.72
C PHE H 82 46.86 11.48 -17.73
N ASP H 83 47.34 12.63 -18.16
CA ASP H 83 47.26 13.87 -17.38
C ASP H 83 46.03 14.66 -17.82
N ILE H 84 44.87 14.08 -17.56
CA ILE H 84 43.59 14.66 -17.95
C ILE H 84 42.67 14.63 -16.74
N PRO H 85 41.60 15.43 -16.74
CA PRO H 85 40.69 15.44 -15.58
C PRO H 85 40.16 14.05 -15.28
N SER H 86 40.09 13.75 -13.98
CA SER H 86 39.65 12.43 -13.53
C SER H 86 38.25 12.12 -14.05
N GLY H 87 38.08 10.91 -14.59
CA GLY H 87 36.82 10.49 -15.15
C GLY H 87 36.64 10.78 -16.63
N THR H 88 37.52 11.57 -17.23
CA THR H 88 37.46 11.84 -18.66
C THR H 88 38.22 10.76 -19.43
N ALA H 89 38.31 10.94 -20.74
CA ALA H 89 38.96 9.96 -21.60
C ALA H 89 39.43 10.63 -22.87
N ILE H 90 40.31 9.93 -23.59
CA ILE H 90 40.81 10.37 -24.89
C ILE H 90 40.42 9.34 -25.92
N ARG H 91 39.82 9.79 -27.01
CA ARG H 91 39.30 8.91 -28.05
C ARG H 91 40.28 8.87 -29.22
N PHE H 92 40.54 7.66 -29.73
CA PHE H 92 41.40 7.45 -30.88
C PHE H 92 40.60 6.75 -31.97
N GLU H 93 40.25 7.49 -33.02
CA GLU H 93 39.63 6.88 -34.19
C GLU H 93 40.66 6.03 -34.94
N PRO H 94 40.21 5.07 -35.74
CA PRO H 94 41.16 4.26 -36.50
C PRO H 94 42.05 5.12 -37.39
N GLY H 95 43.36 4.81 -37.37
CA GLY H 95 44.32 5.53 -38.15
C GLY H 95 44.71 6.91 -37.61
N ASP H 96 44.30 7.25 -36.41
CA ASP H 96 44.52 8.57 -35.84
C ASP H 96 45.71 8.56 -34.88
N LYS H 97 46.49 9.64 -34.92
CA LYS H 97 47.67 9.78 -34.08
C LYS H 97 47.58 11.09 -33.33
N LYS H 98 47.46 11.01 -32.00
CA LYS H 98 47.28 12.17 -31.14
C LYS H 98 48.49 12.37 -30.24
N GLU H 99 48.82 13.63 -29.98
CA GLU H 99 49.76 13.97 -28.92
C GLU H 99 49.02 14.00 -27.59
N VAL H 100 49.59 13.36 -26.57
CA VAL H 100 48.96 13.26 -25.27
C VAL H 100 49.98 13.57 -24.18
N SER H 101 49.46 13.90 -23.00
CA SER H 101 50.28 14.22 -21.85
C SER H 101 50.08 13.13 -20.80
N ILE H 102 51.19 12.66 -20.22
CA ILE H 102 51.16 11.53 -19.29
C ILE H 102 51.93 11.89 -18.02
N ILE H 103 51.55 11.27 -16.91
CA ILE H 103 52.19 11.46 -15.63
C ILE H 103 52.34 10.11 -14.93
N ASP H 104 53.28 10.05 -14.00
CA ASP H 104 53.53 8.82 -13.24
C ASP H 104 52.40 8.56 -12.25
N LEU H 105 52.15 7.27 -12.00
CA LEU H 105 51.21 6.87 -10.98
C LEU H 105 51.75 7.18 -9.59
N ALA H 106 50.84 7.30 -8.63
CA ALA H 106 51.17 7.69 -7.27
C ALA H 106 50.80 6.57 -6.31
N GLY H 107 50.88 6.86 -5.01
CA GLY H 107 50.53 5.89 -3.99
C GLY H 107 51.68 4.94 -3.68
N THR H 108 51.37 3.68 -3.44
CA THR H 108 52.40 2.67 -3.26
C THR H 108 52.90 2.12 -4.60
N ARG H 109 52.33 2.60 -5.70
CA ARG H 109 52.76 2.26 -7.07
C ARG H 109 52.70 0.75 -7.30
N GLU H 110 51.50 0.21 -7.12
CA GLU H 110 51.18 -1.16 -7.49
C GLU H 110 49.98 -1.16 -8.42
N VAL H 111 50.04 -1.99 -9.45
CA VAL H 111 48.93 -2.18 -10.37
C VAL H 111 48.45 -3.62 -10.25
N TRP H 112 47.20 -3.79 -9.85
CA TRP H 112 46.58 -5.10 -9.70
C TRP H 112 45.31 -5.14 -10.53
N GLY H 113 45.20 -6.14 -11.39
CA GLY H 113 44.06 -6.26 -12.28
C GLY H 113 44.39 -5.70 -13.66
N VAL H 114 43.51 -4.83 -14.16
CA VAL H 114 43.60 -4.29 -15.51
C VAL H 114 43.71 -5.46 -16.48
N ASN H 115 44.84 -5.58 -17.17
CA ASN H 115 45.07 -6.68 -18.09
C ASN H 115 45.91 -7.79 -17.47
N GLY H 116 46.21 -7.68 -16.18
CA GLY H 116 47.04 -8.68 -15.53
C GLY H 116 48.49 -8.68 -15.96
N LEU H 117 48.95 -7.59 -16.58
CA LEU H 117 50.32 -7.53 -17.09
C LEU H 117 51.32 -7.30 -15.97
N VAL H 118 50.93 -6.63 -14.89
CA VAL H 118 51.79 -6.37 -13.75
C VAL H 118 51.38 -7.19 -12.54
N ASN H 119 50.17 -6.96 -12.02
CA ASN H 119 49.65 -7.66 -10.85
C ASN H 119 50.64 -7.64 -9.69
N GLY H 120 51.11 -6.44 -9.37
CA GLY H 120 52.06 -6.29 -8.29
C GLY H 120 52.72 -4.92 -8.32
N LYS H 121 53.82 -4.81 -7.59
CA LYS H 121 54.56 -3.55 -7.55
C LYS H 121 55.21 -3.26 -8.90
N LEU H 122 55.15 -2.00 -9.30
CA LEU H 122 55.83 -1.57 -10.52
C LEU H 122 57.34 -1.62 -10.32
N LYS H 123 58.05 -2.08 -11.34
CA LYS H 123 59.50 -2.21 -11.25
C LYS H 123 60.14 -0.84 -11.15
N LYS H 124 61.05 -0.69 -10.17
CA LYS H 124 61.71 0.59 -9.94
C LYS H 124 63.02 0.69 -10.72
N MET I 1 -22.88 -43.38 -26.22
CA MET I 1 -22.12 -42.81 -27.32
C MET I 1 -22.99 -41.80 -28.08
N PHE I 2 -22.41 -40.65 -28.38
CA PHE I 2 -23.08 -39.62 -29.18
C PHE I 2 -22.00 -38.75 -29.82
N LYS I 3 -22.43 -37.75 -30.56
CA LYS I 3 -21.52 -36.87 -31.28
C LYS I 3 -21.84 -35.41 -30.96
N ILE I 4 -20.79 -34.60 -30.94
CA ILE I 4 -20.90 -33.18 -30.63
C ILE I 4 -20.03 -32.40 -31.61
N SER I 5 -20.52 -31.24 -32.04
CA SER I 5 -19.74 -30.38 -32.91
C SER I 5 -18.59 -29.75 -32.15
N ARG I 6 -17.55 -29.35 -32.90
CA ARG I 6 -16.39 -28.73 -32.28
C ARG I 6 -16.73 -27.39 -31.65
N LYS I 7 -17.64 -26.64 -32.26
CA LYS I 7 -18.07 -25.36 -31.68
C LYS I 7 -18.74 -25.56 -30.33
N ASN I 8 -19.64 -26.55 -30.25
CA ASN I 8 -20.32 -26.83 -28.99
C ASN I 8 -19.36 -27.42 -27.96
N TYR I 9 -18.40 -28.23 -28.42
CA TYR I 9 -17.39 -28.76 -27.51
C TYR I 9 -16.54 -27.65 -26.90
N SER I 10 -16.07 -26.72 -27.74
CA SER I 10 -15.24 -25.63 -27.24
C SER I 10 -16.01 -24.72 -26.29
N ASP I 11 -17.32 -24.59 -26.50
CA ASP I 11 -18.14 -23.82 -25.56
C ASP I 11 -18.11 -24.43 -24.17
N LEU I 12 -17.98 -25.76 -24.10
CA LEU I 12 -18.03 -26.45 -22.81
C LEU I 12 -16.66 -26.57 -22.17
N TYR I 13 -15.64 -26.97 -22.93
CA TYR I 13 -14.35 -27.30 -22.35
C TYR I 13 -13.17 -26.62 -23.01
N GLY I 14 -13.38 -25.74 -23.98
CA GLY I 14 -12.30 -25.17 -24.76
C GLY I 14 -11.98 -26.00 -25.98
N ILE I 15 -11.09 -25.45 -26.82
CA ILE I 15 -10.79 -26.10 -28.09
C ILE I 15 -9.97 -27.36 -27.86
N THR I 16 -10.05 -28.28 -28.83
CA THR I 16 -9.38 -29.57 -28.72
C THR I 16 -8.49 -29.84 -29.93
N THR I 17 -8.02 -31.08 -30.07
CA THR I 17 -7.02 -31.42 -31.08
C THR I 17 -7.46 -31.00 -32.48
N GLY I 18 -6.56 -30.32 -33.20
CA GLY I 18 -6.80 -29.86 -34.53
C GLY I 18 -7.32 -28.43 -34.63
N ASP I 19 -7.86 -27.88 -33.55
CA ASP I 19 -8.32 -26.50 -33.55
C ASP I 19 -7.17 -25.54 -33.30
N SER I 20 -7.36 -24.29 -33.70
CA SER I 20 -6.34 -23.26 -33.56
C SER I 20 -6.96 -22.01 -32.95
N VAL I 21 -6.16 -21.30 -32.16
CA VAL I 21 -6.57 -20.05 -31.53
C VAL I 21 -5.51 -18.99 -31.81
N ARG I 22 -5.96 -17.76 -32.03
CA ARG I 22 -5.05 -16.65 -32.34
C ARG I 22 -4.47 -16.07 -31.06
N LEU I 23 -3.16 -15.88 -31.03
CA LEU I 23 -2.49 -15.30 -29.87
C LEU I 23 -2.72 -13.79 -29.87
N GLY I 24 -3.60 -13.32 -28.98
CA GLY I 24 -3.88 -11.91 -28.89
C GLY I 24 -4.39 -11.34 -30.20
N ASP I 25 -3.89 -10.16 -30.56
CA ASP I 25 -4.18 -9.53 -31.83
C ASP I 25 -3.02 -9.63 -32.82
N THR I 26 -2.13 -10.61 -32.61
CA THR I 26 -1.02 -10.84 -33.53
C THR I 26 -1.48 -11.70 -34.70
N ASN I 27 -0.53 -12.00 -35.59
CA ASN I 27 -0.76 -12.86 -36.74
C ASN I 27 -0.44 -14.33 -36.47
N LEU I 28 -0.24 -14.71 -35.20
CA LEU I 28 0.22 -16.03 -34.85
C LEU I 28 -0.94 -16.91 -34.40
N TRP I 29 -0.88 -18.19 -34.80
CA TRP I 29 -1.86 -19.20 -34.41
C TRP I 29 -1.13 -20.37 -33.76
N VAL I 30 -1.74 -20.94 -32.73
CA VAL I 30 -1.27 -22.17 -32.11
C VAL I 30 -2.33 -23.24 -32.31
N LYS I 31 -1.90 -24.43 -32.71
CA LYS I 31 -2.80 -25.55 -32.97
C LYS I 31 -2.62 -26.61 -31.90
N VAL I 32 -3.74 -27.16 -31.43
CA VAL I 32 -3.71 -28.18 -30.37
C VAL I 32 -3.09 -29.45 -30.95
N GLU I 33 -1.90 -29.79 -30.47
CA GLU I 33 -1.20 -30.97 -30.99
C GLU I 33 -1.78 -32.27 -30.47
N LYS I 34 -2.28 -32.28 -29.24
CA LYS I 34 -2.87 -33.48 -28.65
C LYS I 34 -3.77 -33.08 -27.51
N ASP I 35 -4.65 -34.01 -27.11
CA ASP I 35 -5.55 -33.82 -25.99
C ASP I 35 -5.41 -35.01 -25.06
N LEU I 36 -5.11 -34.75 -23.79
CA LEU I 36 -4.86 -35.81 -22.83
C LEU I 36 -6.12 -36.28 -22.11
N THR I 37 -7.28 -35.74 -22.46
CA THR I 37 -8.53 -36.15 -21.84
C THR I 37 -9.17 -37.29 -22.62
N THR I 38 -10.20 -37.88 -22.03
CA THR I 38 -11.06 -38.85 -22.69
C THR I 38 -12.39 -38.16 -22.98
N TYR I 39 -12.84 -38.24 -24.24
CA TYR I 39 -14.05 -37.53 -24.65
C TYR I 39 -15.27 -38.09 -23.93
N GLY I 40 -16.05 -37.20 -23.33
CA GLY I 40 -17.18 -37.59 -22.52
C GLY I 40 -16.90 -37.73 -21.03
N GLU I 41 -15.65 -37.58 -20.61
CA GLU I 41 -15.28 -37.70 -19.21
C GLU I 41 -14.57 -36.45 -18.69
N GLU I 42 -14.74 -35.31 -19.37
CA GLU I 42 -14.03 -34.09 -19.00
C GLU I 42 -14.40 -33.66 -17.58
N SER I 43 -13.42 -33.12 -16.87
CA SER I 43 -13.62 -32.65 -15.50
C SER I 43 -14.04 -31.18 -15.53
N VAL I 44 -15.24 -30.91 -15.05
CA VAL I 44 -15.78 -29.56 -15.00
C VAL I 44 -16.38 -29.34 -13.62
N PHE I 45 -16.13 -28.16 -13.05
CA PHE I 45 -16.65 -27.79 -11.74
C PHE I 45 -17.80 -26.81 -11.87
N GLY I 46 -18.82 -27.01 -11.06
CA GLY I 46 -19.96 -26.12 -11.05
C GLY I 46 -21.18 -26.79 -10.46
N GLY I 47 -22.27 -26.03 -10.41
CA GLY I 47 -23.52 -26.56 -9.93
C GLY I 47 -24.07 -27.67 -10.80
N GLY I 48 -24.27 -28.85 -10.22
CA GLY I 48 -24.75 -29.99 -10.98
C GLY I 48 -23.82 -30.42 -12.08
N LYS I 49 -22.50 -30.41 -11.81
CA LYS I 49 -21.49 -30.76 -12.80
C LYS I 49 -20.69 -31.97 -12.33
N THR I 50 -19.62 -32.28 -13.07
CA THR I 50 -18.92 -33.55 -12.89
C THR I 50 -18.26 -33.65 -11.52
N LEU I 51 -17.54 -32.61 -11.11
CA LEU I 51 -16.67 -32.68 -9.93
C LEU I 51 -17.49 -32.47 -8.66
N ARG I 52 -18.17 -33.54 -8.26
CA ARG I 52 -18.97 -33.54 -7.04
C ARG I 52 -18.78 -34.87 -6.31
N GLU I 53 -19.15 -34.87 -5.04
CA GLU I 53 -18.85 -36.00 -4.14
C GLU I 53 -19.38 -37.31 -4.71
N GLY I 54 -18.46 -38.21 -5.05
CA GLY I 54 -18.79 -39.54 -5.50
C GLY I 54 -18.94 -39.69 -7.00
N MET I 55 -19.14 -38.60 -7.74
CA MET I 55 -19.30 -38.66 -9.18
C MET I 55 -17.98 -38.40 -9.92
N GLY I 56 -17.42 -37.20 -9.75
CA GLY I 56 -16.15 -36.87 -10.36
C GLY I 56 -15.09 -36.63 -9.31
N MET I 57 -15.54 -36.33 -8.10
CA MET I 57 -14.67 -36.12 -6.95
C MET I 57 -14.65 -37.41 -6.13
N ASN I 58 -13.47 -37.98 -5.94
CA ASN I 58 -13.32 -39.13 -5.06
C ASN I 58 -13.64 -38.71 -3.62
N SER I 59 -14.30 -39.59 -2.89
CA SER I 59 -14.80 -39.27 -1.55
C SER I 59 -14.17 -40.09 -0.44
N THR I 60 -13.31 -41.06 -0.76
CA THR I 60 -12.72 -41.94 0.25
C THR I 60 -11.27 -41.63 0.56
N MET I 61 -10.45 -41.34 -0.44
CA MET I 61 -9.02 -41.19 -0.22
C MET I 61 -8.70 -39.90 0.54
N LYS I 62 -7.70 -39.97 1.40
CA LYS I 62 -7.21 -38.81 2.12
C LYS I 62 -6.17 -38.08 1.27
N LEU I 63 -5.77 -36.90 1.74
CA LEU I 63 -4.84 -36.06 0.98
C LEU I 63 -3.52 -36.77 0.72
N ASP I 64 -3.08 -37.64 1.64
CA ASP I 64 -1.83 -38.38 1.48
C ASP I 64 -2.03 -39.78 0.92
N ASP I 65 -3.26 -40.15 0.57
CA ASP I 65 -3.51 -41.48 0.04
C ASP I 65 -3.09 -41.59 -1.42
N LYS I 66 -2.81 -42.81 -1.85
CA LYS I 66 -2.43 -43.09 -3.23
C LYS I 66 -3.19 -44.30 -3.74
N LEU I 67 -3.51 -44.27 -5.04
CA LEU I 67 -4.11 -45.40 -5.75
C LEU I 67 -3.30 -45.59 -7.02
N GLY I 68 -2.40 -46.57 -7.01
CA GLY I 68 -1.43 -46.69 -8.09
C GLY I 68 -0.43 -45.55 -7.99
N ASN I 69 -0.17 -44.89 -9.11
CA ASN I 69 0.71 -43.72 -9.13
C ASN I 69 -0.04 -42.41 -8.95
N ALA I 70 -1.36 -42.44 -8.84
CA ALA I 70 -2.14 -41.22 -8.73
C ALA I 70 -2.26 -40.76 -7.29
N GLU I 71 -2.34 -39.44 -7.10
CA GLU I 71 -2.42 -38.83 -5.79
C GLU I 71 -3.52 -37.78 -5.77
N VAL I 72 -3.98 -37.45 -4.57
CA VAL I 72 -4.96 -36.38 -4.40
C VAL I 72 -4.23 -35.05 -4.43
N MET I 73 -4.68 -34.14 -5.29
CA MET I 73 -4.02 -32.87 -5.52
C MET I 73 -4.55 -31.80 -4.58
N ASP I 74 -3.71 -30.79 -4.31
CA ASP I 74 -4.20 -29.61 -3.64
C ASP I 74 -5.01 -28.72 -4.59
N LEU I 75 -4.59 -28.64 -5.85
CA LEU I 75 -5.24 -27.82 -6.85
C LEU I 75 -5.13 -28.48 -8.21
N VAL I 76 -6.21 -28.44 -8.98
CA VAL I 76 -6.24 -28.98 -10.33
C VAL I 76 -6.78 -27.91 -11.26
N ILE I 77 -6.05 -27.64 -12.33
CA ILE I 77 -6.48 -26.71 -13.38
C ILE I 77 -7.02 -27.54 -14.53
N THR I 78 -8.34 -27.51 -14.71
CA THR I 78 -9.00 -28.37 -15.68
C THR I 78 -9.01 -27.72 -17.07
N ASN I 79 -8.82 -28.56 -18.10
CA ASN I 79 -8.96 -28.14 -19.50
C ASN I 79 -8.03 -26.99 -19.85
N ALA I 80 -6.80 -27.05 -19.35
CA ALA I 80 -5.82 -26.01 -19.65
C ALA I 80 -5.20 -26.23 -21.03
N LEU I 81 -5.07 -25.14 -21.78
CA LEU I 81 -4.34 -25.17 -23.04
C LEU I 81 -2.89 -24.78 -22.73
N ILE I 82 -2.03 -25.78 -22.66
CA ILE I 82 -0.63 -25.56 -22.27
C ILE I 82 0.16 -25.12 -23.49
N VAL I 83 0.86 -23.99 -23.37
CA VAL I 83 1.79 -23.53 -24.38
C VAL I 83 3.17 -23.51 -23.74
N ASP I 84 4.03 -24.43 -24.17
CA ASP I 84 5.33 -24.64 -23.56
C ASP I 84 6.30 -25.10 -24.63
N TYR I 85 7.59 -25.06 -24.30
CA TYR I 85 8.60 -25.58 -25.22
C TYR I 85 8.43 -27.08 -25.43
N THR I 86 7.83 -27.78 -24.46
CA THR I 86 7.57 -29.20 -24.62
C THR I 86 6.47 -29.46 -25.63
N GLY I 87 5.47 -28.60 -25.70
CA GLY I 87 4.40 -28.78 -26.67
C GLY I 87 3.26 -27.82 -26.43
N ILE I 88 2.32 -27.84 -27.37
CA ILE I 88 1.07 -27.08 -27.28
C ILE I 88 -0.05 -28.09 -27.29
N TYR I 89 -0.75 -28.23 -26.16
CA TYR I 89 -1.69 -29.33 -26.01
C TYR I 89 -2.67 -29.02 -24.89
N LYS I 90 -3.73 -29.83 -24.83
CA LYS I 90 -4.77 -29.70 -23.82
C LYS I 90 -4.60 -30.80 -22.78
N ALA I 91 -4.65 -30.42 -21.50
CA ALA I 91 -4.52 -31.36 -20.41
C ALA I 91 -4.93 -30.69 -19.11
N ASP I 92 -5.19 -31.51 -18.09
CA ASP I 92 -5.36 -31.02 -16.73
C ASP I 92 -4.00 -30.92 -16.06
N ILE I 93 -3.85 -29.90 -15.21
CA ILE I 93 -2.61 -29.65 -14.49
C ILE I 93 -2.87 -29.92 -13.02
N GLY I 94 -2.05 -30.79 -12.42
CA GLY I 94 -2.18 -31.11 -11.01
C GLY I 94 -1.06 -30.53 -10.18
N ILE I 95 -1.42 -29.83 -9.10
CA ILE I 95 -0.47 -29.14 -8.24
C ILE I 95 -0.59 -29.73 -6.83
N LYS I 96 0.56 -30.08 -6.25
CA LYS I 96 0.63 -30.62 -4.90
C LYS I 96 1.90 -30.13 -4.23
N ASN I 97 1.77 -29.65 -3.00
CA ASN I 97 2.90 -29.14 -2.22
C ASN I 97 3.63 -28.03 -2.96
N GLY I 98 2.88 -27.19 -3.67
CA GLY I 98 3.47 -26.07 -4.39
C GLY I 98 4.20 -26.42 -5.66
N LYS I 99 4.12 -27.66 -6.12
CA LYS I 99 4.82 -28.10 -7.31
C LYS I 99 3.84 -28.76 -8.27
N ILE I 100 4.19 -28.75 -9.56
CA ILE I 100 3.41 -29.45 -10.57
C ILE I 100 3.59 -30.95 -10.34
N ALA I 101 2.51 -31.62 -9.93
CA ALA I 101 2.60 -33.03 -9.58
C ALA I 101 2.15 -33.96 -10.71
N ALA I 102 1.26 -33.49 -11.58
CA ALA I 102 0.74 -34.35 -12.63
C ALA I 102 0.19 -33.49 -13.77
N ILE I 103 0.34 -33.99 -14.99
CA ILE I 103 -0.25 -33.37 -16.18
C ILE I 103 -0.94 -34.50 -16.94
N GLY I 104 -2.27 -34.41 -17.07
CA GLY I 104 -3.02 -35.47 -17.70
C GLY I 104 -4.52 -35.37 -17.48
N LYS I 105 -5.12 -36.47 -17.06
CA LYS I 105 -6.56 -36.57 -16.86
C LYS I 105 -6.88 -36.61 -15.38
N SER I 106 -7.81 -35.75 -14.95
CA SER I 106 -8.24 -35.69 -13.56
C SER I 106 -9.64 -36.27 -13.41
N GLY I 107 -9.97 -36.66 -12.18
CA GLY I 107 -11.30 -37.13 -11.87
C GLY I 107 -11.26 -38.15 -10.74
N ASN I 108 -12.27 -39.00 -10.73
CA ASN I 108 -12.44 -40.02 -9.71
C ASN I 108 -12.17 -41.39 -10.32
N PRO I 109 -11.11 -42.09 -9.92
CA PRO I 109 -10.84 -43.41 -10.50
C PRO I 109 -11.94 -44.43 -10.23
N HIS I 110 -12.78 -44.20 -9.21
CA HIS I 110 -13.86 -45.12 -8.92
C HIS I 110 -14.88 -45.16 -10.05
N LEU I 111 -15.01 -44.08 -10.82
CA LEU I 111 -16.00 -43.98 -11.89
C LEU I 111 -15.41 -43.80 -13.27
N THR I 112 -14.15 -43.39 -13.40
CA THR I 112 -13.57 -43.05 -14.69
C THR I 112 -12.30 -43.83 -14.93
N ASP I 113 -12.09 -44.24 -16.17
CA ASP I 113 -10.88 -44.96 -16.56
C ASP I 113 -9.72 -44.00 -16.76
N ASN I 114 -8.51 -44.48 -16.45
CA ASN I 114 -7.26 -43.79 -16.74
C ASN I 114 -7.21 -42.41 -16.07
N VAL I 115 -7.28 -42.43 -14.74
CA VAL I 115 -7.18 -41.22 -13.94
C VAL I 115 -5.74 -41.09 -13.45
N ASP I 116 -5.07 -40.01 -13.87
CA ASP I 116 -3.69 -39.78 -13.47
C ASP I 116 -3.58 -38.96 -12.19
N MET I 117 -4.52 -38.06 -11.95
CA MET I 117 -4.57 -37.26 -10.74
C MET I 117 -5.99 -37.28 -10.20
N ILE I 118 -6.13 -37.34 -8.89
CA ILE I 118 -7.42 -37.57 -8.24
C ILE I 118 -7.91 -36.27 -7.65
N VAL I 119 -9.12 -35.86 -8.06
CA VAL I 119 -9.81 -34.75 -7.42
C VAL I 119 -10.46 -35.30 -6.15
N GLY I 120 -9.94 -34.90 -4.99
CA GLY I 120 -10.44 -35.40 -3.73
C GLY I 120 -11.08 -34.33 -2.87
N ILE I 121 -11.41 -34.69 -1.62
CA ILE I 121 -12.06 -33.74 -0.71
C ILE I 121 -11.16 -32.56 -0.43
N SER I 122 -9.84 -32.77 -0.37
CA SER I 122 -8.88 -31.72 -0.08
C SER I 122 -8.35 -31.05 -1.34
N THR I 123 -9.12 -31.05 -2.43
CA THR I 123 -8.68 -30.52 -3.71
C THR I 123 -9.47 -29.27 -4.07
N GLU I 124 -8.76 -28.25 -4.54
CA GLU I 124 -9.37 -27.04 -5.08
C GLU I 124 -9.32 -27.10 -6.61
N ILE I 125 -10.32 -26.49 -7.25
CA ILE I 125 -10.46 -26.54 -8.70
C ILE I 125 -10.38 -25.14 -9.26
N SER I 126 -9.58 -24.98 -10.32
CA SER I 126 -9.54 -23.77 -11.13
C SER I 126 -9.89 -24.15 -12.56
N ALA I 127 -10.94 -23.51 -13.09
CA ALA I 127 -11.45 -23.85 -14.41
C ALA I 127 -10.59 -23.16 -15.47
N GLY I 128 -9.75 -23.92 -16.15
CA GLY I 128 -8.89 -23.39 -17.18
C GLY I 128 -9.44 -23.49 -18.59
N GLU I 129 -10.71 -23.85 -18.75
CA GLU I 129 -11.28 -24.00 -20.09
C GLU I 129 -11.29 -22.66 -20.81
N GLY I 130 -10.84 -22.68 -22.07
CA GLY I 130 -10.82 -21.49 -22.88
C GLY I 130 -9.65 -20.56 -22.66
N LYS I 131 -8.71 -20.91 -21.77
CA LYS I 131 -7.57 -20.05 -21.46
C LYS I 131 -6.27 -20.79 -21.76
N ILE I 132 -5.23 -20.00 -22.01
CA ILE I 132 -3.90 -20.51 -22.32
C ILE I 132 -3.04 -20.42 -21.08
N TYR I 133 -2.32 -21.48 -20.76
CA TYR I 133 -1.45 -21.54 -19.59
C TYR I 133 0.00 -21.73 -20.01
N THR I 134 0.87 -20.86 -19.51
CA THR I 134 2.30 -20.93 -19.76
C THR I 134 3.04 -20.83 -18.43
N ALA I 135 4.28 -21.29 -18.44
CA ALA I 135 5.14 -21.14 -17.27
C ALA I 135 5.47 -19.68 -17.04
N GLY I 136 5.72 -19.33 -15.78
CA GLY I 136 6.10 -17.96 -15.47
C GLY I 136 7.42 -17.60 -16.12
N GLY I 137 7.52 -16.35 -16.56
CA GLY I 137 8.72 -15.89 -17.22
C GLY I 137 9.86 -15.61 -16.26
N LEU I 138 11.06 -15.59 -16.81
CA LEU I 138 12.28 -15.25 -16.08
C LEU I 138 12.92 -14.04 -16.71
N ASP I 139 13.27 -13.05 -15.89
CA ASP I 139 13.97 -11.86 -16.33
C ASP I 139 15.35 -11.87 -15.69
N THR I 140 16.38 -12.12 -16.50
CA THR I 140 17.72 -12.33 -16.00
C THR I 140 18.61 -11.09 -16.09
N HIS I 141 18.07 -9.95 -16.52
CA HIS I 141 18.81 -8.69 -16.56
C HIS I 141 17.93 -7.64 -15.89
N VAL I 142 18.04 -7.52 -14.57
CA VAL I 142 17.22 -6.62 -13.79
C VAL I 142 18.11 -5.79 -12.88
N HIS I 143 17.98 -4.47 -12.97
CA HIS I 143 18.65 -3.57 -12.04
C HIS I 143 17.78 -3.42 -10.81
N TRP I 144 18.33 -3.75 -9.64
CA TRP I 144 17.58 -3.77 -8.38
C TRP I 144 17.48 -2.33 -7.87
N LEU I 145 16.51 -1.60 -8.44
CA LEU I 145 16.41 -0.15 -8.24
C LEU I 145 15.24 0.26 -7.35
N GLU I 146 14.03 -0.19 -7.65
CA GLU I 146 12.87 0.14 -6.80
C GLU I 146 11.98 -1.08 -6.65
N PRO I 147 11.32 -1.22 -5.50
CA PRO I 147 10.51 -2.42 -5.26
C PRO I 147 9.29 -2.56 -6.16
N GLU I 148 8.82 -1.47 -6.76
CA GLU I 148 7.62 -1.57 -7.59
C GLU I 148 7.86 -2.27 -8.92
N ILE I 149 9.09 -2.66 -9.23
CA ILE I 149 9.34 -3.50 -10.40
C ILE I 149 8.73 -4.88 -10.23
N VAL I 150 8.54 -5.34 -9.00
CA VAL I 150 7.97 -6.66 -8.74
C VAL I 150 6.52 -6.74 -9.22
N PRO I 151 5.62 -5.85 -8.80
CA PRO I 151 4.26 -5.91 -9.35
C PRO I 151 4.19 -5.67 -10.85
N VAL I 152 5.09 -4.85 -11.39
CA VAL I 152 5.14 -4.64 -12.84
C VAL I 152 5.58 -5.92 -13.55
N ALA I 153 6.58 -6.60 -13.00
CA ALA I 153 7.04 -7.85 -13.59
C ALA I 153 5.93 -8.90 -13.59
N LEU I 154 5.20 -9.02 -12.48
CA LEU I 154 4.08 -9.96 -12.44
C LEU I 154 2.99 -9.57 -13.42
N ASP I 155 2.76 -8.28 -13.61
CA ASP I 155 1.80 -7.82 -14.61
C ASP I 155 2.24 -8.16 -16.03
N GLY I 156 3.53 -8.44 -16.23
CA GLY I 156 4.06 -8.89 -17.50
C GLY I 156 4.25 -10.39 -17.61
N GLY I 157 3.80 -11.17 -16.63
CA GLY I 157 3.97 -12.61 -16.67
C GLY I 157 5.31 -13.09 -16.17
N ILE I 158 6.07 -12.27 -15.45
CA ILE I 158 7.40 -12.62 -14.98
C ILE I 158 7.29 -13.01 -13.51
N THR I 159 7.70 -14.24 -13.19
CA THR I 159 7.65 -14.75 -11.83
C THR I 159 9.01 -14.86 -11.16
N THR I 160 10.11 -14.67 -11.90
CA THR I 160 11.45 -14.82 -11.36
C THR I 160 12.36 -13.77 -11.96
N VAL I 161 13.19 -13.16 -11.12
CA VAL I 161 14.18 -12.19 -11.56
C VAL I 161 15.55 -12.64 -11.09
N ILE I 162 16.54 -12.56 -11.96
CA ILE I 162 17.95 -12.65 -11.59
C ILE I 162 18.49 -11.23 -11.69
N ALA I 163 18.62 -10.57 -10.55
CA ALA I 163 18.86 -9.14 -10.49
C ALA I 163 20.19 -8.83 -9.85
N GLY I 164 20.44 -7.54 -9.66
CA GLY I 164 21.65 -7.07 -9.00
C GLY I 164 21.58 -5.57 -8.77
N GLY I 165 21.96 -5.11 -7.60
CA GLY I 165 21.92 -3.70 -7.31
C GLY I 165 21.73 -3.44 -5.82
N THR I 166 21.61 -2.14 -5.51
CA THR I 166 21.59 -1.66 -4.13
C THR I 166 20.45 -0.67 -3.87
N GLY I 167 19.49 -0.55 -4.78
CA GLY I 167 18.53 0.51 -4.73
C GLY I 167 18.88 1.61 -5.72
N MET I 168 18.39 2.82 -5.42
CA MET I 168 18.60 3.93 -6.33
C MET I 168 19.96 4.59 -6.11
N ASN I 169 21.02 3.80 -6.16
CA ASN I 169 22.38 4.31 -6.19
C ASN I 169 22.90 4.31 -7.62
N ASP I 170 23.80 5.24 -7.92
CA ASP I 170 24.30 5.39 -9.28
C ASP I 170 25.03 4.14 -9.78
N GLY I 171 25.67 3.40 -8.88
CA GLY I 171 26.26 2.13 -9.28
C GLY I 171 25.23 1.14 -9.77
N THR I 172 24.07 1.10 -9.11
CA THR I 172 22.99 0.23 -9.55
C THR I 172 22.30 0.78 -10.79
N LYS I 173 22.21 2.12 -10.91
CA LYS I 173 21.60 2.72 -12.09
C LYS I 173 22.35 2.34 -13.36
N ALA I 174 23.63 1.99 -13.24
CA ALA I 174 24.45 1.63 -14.40
C ALA I 174 24.63 0.13 -14.55
N THR I 175 24.80 -0.59 -13.44
CA THR I 175 25.17 -1.99 -13.47
C THR I 175 24.24 -2.82 -12.59
N THR I 176 24.11 -4.10 -12.93
CA THR I 176 23.36 -5.06 -12.10
C THR I 176 24.32 -5.76 -11.15
N VAL I 177 24.77 -5.00 -10.16
CA VAL I 177 25.81 -5.46 -9.24
C VAL I 177 25.35 -5.20 -7.80
N SER I 178 25.25 -6.27 -7.01
CA SER I 178 25.13 -6.16 -5.57
C SER I 178 26.52 -6.39 -4.98
N PRO I 179 27.30 -5.34 -4.70
CA PRO I 179 28.70 -5.52 -4.31
C PRO I 179 28.82 -5.93 -2.84
N GLY I 180 29.46 -7.07 -2.61
CA GLY I 180 29.86 -7.46 -1.27
C GLY I 180 28.77 -8.13 -0.47
N LYS I 181 29.17 -8.55 0.74
CA LYS I 181 28.27 -9.27 1.62
C LYS I 181 27.08 -8.41 2.03
N PHE I 182 27.33 -7.14 2.36
CA PHE I 182 26.26 -6.28 2.85
C PHE I 182 25.13 -6.14 1.83
N TRP I 183 25.47 -5.78 0.60
CA TRP I 183 24.45 -5.50 -0.40
C TRP I 183 23.80 -6.76 -0.93
N VAL I 184 24.53 -7.88 -0.93
CA VAL I 184 23.91 -9.17 -1.21
C VAL I 184 22.93 -9.54 -0.10
N LYS I 185 23.35 -9.33 1.15
CA LYS I 185 22.45 -9.57 2.28
C LYS I 185 21.25 -8.65 2.24
N SER I 186 21.47 -7.36 1.92
CA SER I 186 20.36 -6.42 1.84
C SER I 186 19.39 -6.79 0.72
N ALA I 187 19.92 -7.24 -0.42
CA ALA I 187 19.06 -7.66 -1.52
C ALA I 187 18.21 -8.87 -1.13
N LEU I 188 18.80 -9.83 -0.42
CA LEU I 188 18.06 -11.01 -0.01
C LEU I 188 17.05 -10.67 1.09
N GLN I 189 17.40 -9.74 1.97
CA GLN I 189 16.48 -9.34 3.02
C GLN I 189 15.29 -8.57 2.47
N ALA I 190 15.53 -7.67 1.51
CA ALA I 190 14.44 -6.95 0.87
C ALA I 190 13.56 -7.90 0.07
N ALA I 191 14.17 -8.85 -0.67
CA ALA I 191 13.40 -9.80 -1.44
C ALA I 191 12.56 -10.71 -0.55
N ASP I 192 12.96 -10.88 0.72
CA ASP I 192 12.19 -11.69 1.64
C ASP I 192 10.78 -11.17 1.85
N GLY I 193 10.54 -9.89 1.57
CA GLY I 193 9.21 -9.33 1.69
C GLY I 193 8.62 -8.89 0.36
N LEU I 194 8.95 -9.62 -0.71
CA LEU I 194 8.40 -9.37 -2.04
C LEU I 194 7.97 -10.69 -2.65
N SER I 195 6.85 -10.66 -3.37
CA SER I 195 6.26 -11.88 -3.95
C SER I 195 6.86 -12.14 -5.34
N ILE I 196 8.11 -12.57 -5.33
CA ILE I 196 8.83 -12.91 -6.56
C ILE I 196 9.98 -13.83 -6.20
N ASN I 197 10.35 -14.69 -7.14
CA ASN I 197 11.57 -15.48 -7.01
C ASN I 197 12.75 -14.63 -7.44
N ALA I 198 13.79 -14.60 -6.60
CA ALA I 198 14.90 -13.68 -6.86
C ALA I 198 16.24 -14.35 -6.60
N GLY I 199 17.18 -14.09 -7.49
CA GLY I 199 18.58 -14.35 -7.24
C GLY I 199 19.38 -13.13 -7.66
N PHE I 200 20.58 -13.01 -7.08
CA PHE I 200 21.32 -11.76 -7.20
C PHE I 200 22.76 -12.01 -7.62
N LEU I 201 23.31 -11.05 -8.36
CA LEU I 201 24.65 -11.13 -8.91
C LEU I 201 25.57 -10.14 -8.20
N ALA I 202 26.82 -10.55 -8.01
CA ALA I 202 27.82 -9.73 -7.33
C ALA I 202 28.75 -9.09 -8.35
N LYS I 203 29.80 -8.43 -7.87
CA LYS I 203 30.74 -7.71 -8.71
C LYS I 203 31.85 -8.65 -9.17
N GLY I 204 31.92 -8.87 -10.48
CA GLY I 204 32.97 -9.71 -11.04
C GLY I 204 34.21 -8.95 -11.45
N GLN I 205 34.94 -8.41 -10.46
CA GLN I 205 36.17 -7.69 -10.72
C GLN I 205 37.15 -7.95 -9.58
N GLY I 206 38.43 -7.74 -9.86
CA GLY I 206 39.45 -7.88 -8.85
C GLY I 206 40.08 -9.26 -8.81
N MET I 207 40.75 -9.55 -7.70
CA MET I 207 41.43 -10.81 -7.52
C MET I 207 40.46 -11.89 -7.04
N GLU I 208 40.99 -13.08 -6.80
CA GLU I 208 40.14 -14.24 -6.52
C GLU I 208 39.46 -14.10 -5.16
N ASP I 209 40.20 -13.73 -4.12
CA ASP I 209 39.62 -13.63 -2.78
C ASP I 209 38.50 -12.59 -2.70
N PRO I 210 38.66 -11.36 -3.19
CA PRO I 210 37.53 -10.41 -3.12
C PRO I 210 36.30 -10.87 -3.87
N ILE I 211 36.46 -11.56 -5.01
CA ILE I 211 35.31 -12.07 -5.74
C ILE I 211 34.65 -13.22 -4.99
N PHE I 212 35.46 -14.13 -4.44
CA PHE I 212 34.93 -15.36 -3.87
C PHE I 212 34.03 -15.07 -2.66
N GLU I 213 34.43 -14.12 -1.81
CA GLU I 213 33.67 -13.86 -0.59
C GLU I 213 32.28 -13.35 -0.88
N GLN I 214 32.07 -12.71 -2.04
CA GLN I 214 30.72 -12.31 -2.43
C GLN I 214 29.84 -13.54 -2.68
N ILE I 215 30.39 -14.56 -3.32
CA ILE I 215 29.62 -15.78 -3.56
C ILE I 215 29.37 -16.53 -2.27
N ALA I 216 30.35 -16.54 -1.36
CA ALA I 216 30.14 -17.13 -0.05
C ALA I 216 29.05 -16.39 0.73
N ALA I 217 28.85 -15.11 0.44
CA ALA I 217 27.78 -14.35 1.07
C ALA I 217 26.40 -14.72 0.56
N GLY I 218 26.31 -15.47 -0.54
CA GLY I 218 25.03 -15.91 -1.06
C GLY I 218 24.72 -15.51 -2.48
N ALA I 219 25.59 -14.76 -3.17
CA ALA I 219 25.32 -14.36 -4.55
C ALA I 219 25.28 -15.58 -5.46
N CYS I 220 24.28 -15.63 -6.34
CA CYS I 220 24.10 -16.76 -7.24
C CYS I 220 24.86 -16.61 -8.54
N GLY I 221 25.57 -15.51 -8.74
CA GLY I 221 26.35 -15.33 -9.95
C GLY I 221 27.16 -14.06 -9.90
N LEU I 222 27.79 -13.77 -11.03
CA LEU I 222 28.61 -12.56 -11.15
C LEU I 222 28.30 -11.78 -12.42
N ILE I 224 29.93 -8.88 -14.91
CA ILE I 224 31.08 -8.09 -15.32
C ILE I 224 30.61 -6.92 -16.17
N HIS I 225 30.66 -5.72 -15.59
CA HIS I 225 30.22 -4.51 -16.27
C HIS I 225 31.43 -3.62 -16.54
N GLU I 226 31.44 -2.98 -17.71
CA GLU I 226 32.55 -2.13 -18.08
C GLU I 226 32.66 -0.90 -17.18
N ASP I 227 31.53 -0.45 -16.62
CA ASP I 227 31.58 0.67 -15.68
C ASP I 227 32.38 0.34 -14.44
N TRP I 228 32.50 -0.94 -14.08
CA TRP I 228 33.43 -1.38 -13.07
C TRP I 228 34.76 -1.82 -13.65
N GLY I 229 34.87 -1.89 -14.97
CA GLY I 229 36.06 -2.35 -15.65
C GLY I 229 35.91 -3.77 -16.16
N ALA I 230 35.61 -3.92 -17.45
CA ALA I 230 35.45 -5.23 -18.07
C ALA I 230 36.72 -5.59 -18.84
N THR I 231 37.79 -5.77 -18.06
CA THR I 231 39.12 -5.98 -18.61
C THR I 231 39.43 -7.48 -18.71
N GLY I 232 40.63 -7.77 -19.20
CA GLY I 232 41.03 -9.17 -19.33
C GLY I 232 41.14 -9.88 -17.99
N ASN I 233 41.72 -9.20 -16.99
CA ASN I 233 41.84 -9.81 -15.66
C ASN I 233 40.47 -10.10 -15.06
N ALA I 234 39.52 -9.16 -15.21
CA ALA I 234 38.20 -9.35 -14.63
C ALA I 234 37.49 -10.55 -15.25
N ILE I 235 37.59 -10.70 -16.58
CA ILE I 235 36.94 -11.82 -17.25
C ILE I 235 37.55 -13.14 -16.80
N ASP I 236 38.88 -13.20 -16.72
CA ASP I 236 39.55 -14.44 -16.36
C ASP I 236 39.26 -14.84 -14.92
N LEU I 237 39.38 -13.88 -13.99
CA LEU I 237 39.30 -14.22 -12.58
C LEU I 237 37.87 -14.48 -12.13
N ALA I 238 36.90 -13.76 -12.69
CA ALA I 238 35.51 -14.04 -12.37
C ALA I 238 35.11 -15.44 -12.81
N LEU I 239 35.55 -15.86 -13.99
CA LEU I 239 35.23 -17.20 -14.47
C LEU I 239 35.93 -18.28 -13.64
N THR I 240 37.13 -17.98 -13.15
CA THR I 240 37.84 -18.94 -12.31
C THR I 240 37.08 -19.23 -11.02
N VAL I 241 36.58 -18.19 -10.37
CA VAL I 241 35.82 -18.37 -9.13
C VAL I 241 34.50 -19.08 -9.41
N ALA I 242 33.84 -18.70 -10.52
CA ALA I 242 32.53 -19.29 -10.84
C ALA I 242 32.63 -20.78 -11.10
N ASP I 243 33.72 -21.22 -11.72
CA ASP I 243 33.90 -22.65 -11.96
C ASP I 243 34.13 -23.39 -10.64
N LYS I 244 34.74 -22.72 -9.66
CA LYS I 244 34.94 -23.34 -8.35
C LYS I 244 33.64 -23.38 -7.54
N THR I 245 32.71 -22.47 -7.82
CA THR I 245 31.50 -22.33 -7.02
C THR I 245 30.22 -22.68 -7.76
N ASP I 246 30.31 -23.02 -9.05
CA ASP I 246 29.15 -23.42 -9.85
C ASP I 246 28.08 -22.32 -9.88
N VAL I 247 28.50 -21.11 -10.25
CA VAL I 247 27.59 -19.98 -10.43
C VAL I 247 27.77 -19.42 -11.83
N ALA I 248 26.76 -18.70 -12.29
CA ALA I 248 26.77 -18.13 -13.62
C ALA I 248 27.54 -16.82 -13.66
N VAL I 249 27.93 -16.41 -14.87
CA VAL I 249 28.62 -15.16 -15.11
C VAL I 249 27.96 -14.44 -16.27
N ALA I 250 27.64 -13.17 -16.08
CA ALA I 250 27.12 -12.30 -17.13
C ALA I 250 28.09 -11.15 -17.34
N ILE I 251 28.17 -10.67 -18.58
CA ILE I 251 29.17 -9.68 -18.96
C ILE I 251 28.52 -8.51 -19.69
N HIS I 252 28.96 -7.31 -19.36
CA HIS I 252 28.71 -6.10 -20.15
C HIS I 252 30.08 -5.68 -20.68
N THR I 253 30.38 -6.06 -21.92
CA THR I 253 31.75 -6.00 -22.41
C THR I 253 32.21 -4.56 -22.63
N ASP I 254 33.51 -4.41 -22.83
CA ASP I 254 34.16 -3.11 -22.97
C ASP I 254 33.69 -2.44 -24.27
N THR I 255 32.87 -1.39 -24.14
CA THR I 255 32.39 -0.68 -25.31
C THR I 255 33.48 0.18 -25.93
N LEU I 256 34.36 0.75 -25.10
CA LEU I 256 35.40 1.66 -25.58
C LEU I 256 36.55 0.94 -26.28
N ASN I 257 36.57 -0.40 -26.26
CA ASN I 257 37.69 -1.19 -26.76
C ASN I 257 38.99 -0.77 -26.08
N GLU I 258 38.89 -0.40 -24.80
CA GLU I 258 40.00 0.27 -24.12
C GLU I 258 41.14 -0.69 -23.83
N ALA I 259 40.83 -1.96 -23.54
CA ALA I 259 41.85 -2.96 -23.25
C ALA I 259 41.87 -4.09 -24.27
N GLY I 260 41.24 -3.91 -25.40
CA GLY I 260 41.20 -4.94 -26.43
C GLY I 260 39.90 -4.87 -27.21
N PHE I 261 39.89 -5.56 -28.33
CA PHE I 261 38.70 -5.67 -29.16
C PHE I 261 37.86 -6.85 -28.67
N VAL I 262 36.79 -7.18 -29.41
CA VAL I 262 35.92 -8.27 -28.98
C VAL I 262 36.66 -9.60 -28.96
N GLU I 263 37.61 -9.79 -29.86
CA GLU I 263 38.39 -11.03 -29.88
C GLU I 263 39.23 -11.18 -28.61
N HIS I 264 39.70 -10.06 -28.05
CA HIS I 264 40.44 -10.11 -26.79
C HIS I 264 39.54 -10.58 -25.65
N THR I 265 38.29 -10.13 -25.64
CA THR I 265 37.34 -10.57 -24.62
C THR I 265 37.05 -12.06 -24.74
N ILE I 266 36.87 -12.55 -25.98
CA ILE I 266 36.58 -13.96 -26.19
C ILE I 266 37.75 -14.83 -25.76
N ALA I 267 38.97 -14.39 -26.06
CA ALA I 267 40.16 -15.17 -25.70
C ALA I 267 40.30 -15.29 -24.19
N ALA I 268 39.99 -14.21 -23.46
CA ALA I 268 40.09 -14.27 -22.00
C ALA I 268 39.09 -15.25 -21.40
N MET I 269 37.99 -15.53 -22.10
CA MET I 269 37.01 -16.47 -21.59
C MET I 269 37.59 -17.88 -21.53
N LYS I 270 38.45 -18.24 -22.49
CA LYS I 270 39.12 -19.54 -22.52
C LYS I 270 38.11 -20.69 -22.56
N GLY I 271 37.04 -20.52 -23.31
CA GLY I 271 36.05 -21.56 -23.51
C GLY I 271 35.05 -21.73 -22.38
N ARG I 272 35.15 -20.94 -21.32
CA ARG I 272 34.23 -21.05 -20.20
C ARG I 272 32.91 -20.35 -20.53
N THR I 273 31.81 -20.96 -20.11
CA THR I 273 30.49 -20.46 -20.44
C THR I 273 30.25 -19.09 -19.81
N ILE I 274 29.73 -18.16 -20.61
CA ILE I 274 29.39 -16.82 -20.15
C ILE I 274 28.02 -16.44 -20.71
N HIS I 275 27.38 -15.48 -20.03
CA HIS I 275 26.07 -14.98 -20.43
C HIS I 275 26.27 -13.57 -21.00
N ALA I 276 26.10 -13.43 -22.31
CA ALA I 276 26.35 -12.16 -22.99
C ALA I 276 25.09 -11.30 -22.89
N TYR I 277 25.12 -10.34 -21.97
CA TYR I 277 24.01 -9.40 -21.82
C TYR I 277 23.94 -8.48 -23.03
N HIS I 278 22.71 -8.28 -23.53
CA HIS I 278 22.41 -7.37 -24.64
C HIS I 278 23.49 -7.42 -25.74
N THR I 279 23.62 -8.60 -26.33
CA THR I 279 24.71 -8.85 -27.28
C THR I 279 24.61 -8.02 -28.55
N GLU I 280 23.46 -7.42 -28.84
CA GLU I 280 23.36 -6.54 -29.99
C GLU I 280 24.24 -5.31 -29.81
N GLY I 281 24.27 -4.73 -28.61
CA GLY I 281 25.23 -3.71 -28.27
C GLY I 281 24.76 -2.27 -28.30
N ALA I 282 23.45 -2.02 -28.44
CA ALA I 282 22.96 -0.65 -28.48
C ALA I 282 23.29 0.10 -27.19
N GLY I 283 23.02 -0.52 -26.05
CA GLY I 283 23.26 0.09 -24.76
C GLY I 283 24.63 -0.15 -24.16
N GLY I 284 25.48 -0.92 -24.83
CA GLY I 284 26.80 -1.22 -24.32
C GLY I 284 27.37 -2.50 -24.90
N GLY I 285 28.70 -2.62 -24.91
CA GLY I 285 29.35 -3.74 -25.53
C GLY I 285 30.33 -3.31 -26.61
N HIS I 286 31.23 -4.21 -27.00
CA HIS I 286 32.29 -3.88 -27.95
C HIS I 286 31.73 -3.27 -29.23
N ALA I 287 32.03 -2.00 -29.46
CA ALA I 287 31.56 -1.31 -30.66
C ALA I 287 32.47 -1.64 -31.83
N PRO I 288 31.93 -2.10 -32.97
CA PRO I 288 30.51 -2.37 -33.14
C PRO I 288 30.19 -3.87 -33.30
N ASP I 289 31.17 -4.72 -33.06
CA ASP I 289 31.08 -6.14 -33.42
C ASP I 289 30.81 -7.04 -32.21
N ILE I 290 30.07 -6.54 -31.23
CA ILE I 290 29.70 -7.39 -30.09
C ILE I 290 28.65 -8.42 -30.51
N LEU I 291 27.93 -8.15 -31.61
CA LEU I 291 26.89 -9.09 -32.07
C LEU I 291 27.51 -10.41 -32.53
N GLU I 292 28.82 -10.46 -32.72
CA GLU I 292 29.47 -11.66 -33.23
C GLU I 292 29.53 -12.78 -32.20
N THR I 293 29.13 -12.52 -30.95
CA THR I 293 29.15 -13.57 -29.93
C THR I 293 28.20 -14.71 -30.24
N VAL I 294 27.21 -14.49 -31.10
CA VAL I 294 26.23 -15.53 -31.44
C VAL I 294 26.83 -16.70 -32.19
N LYS I 295 28.10 -16.60 -32.61
CA LYS I 295 28.75 -17.66 -33.36
C LYS I 295 29.58 -18.60 -32.48
N TYR I 296 29.72 -18.30 -31.20
CA TYR I 296 30.57 -19.07 -30.31
C TYR I 296 29.73 -20.04 -29.47
N ALA I 297 30.26 -21.25 -29.29
CA ALA I 297 29.52 -22.31 -28.61
C ALA I 297 29.47 -22.11 -27.10
N HIS I 298 30.45 -21.42 -26.52
CA HIS I 298 30.52 -21.23 -25.08
C HIS I 298 29.83 -19.96 -24.62
N ILE I 299 29.05 -19.32 -25.48
CA ILE I 299 28.37 -18.07 -25.16
C ILE I 299 26.87 -18.30 -25.24
N LEU I 300 26.14 -17.85 -24.21
CA LEU I 300 24.69 -17.85 -24.25
C LEU I 300 24.24 -16.43 -24.57
N PRO I 301 23.90 -16.12 -25.82
CA PRO I 301 23.61 -14.72 -26.16
C PRO I 301 22.22 -14.32 -25.73
N ALA I 302 22.13 -13.11 -25.17
CA ALA I 302 20.88 -12.56 -24.68
C ALA I 302 20.66 -11.18 -25.26
N SER I 303 19.40 -10.81 -25.42
CA SER I 303 19.01 -9.49 -25.91
C SER I 303 18.09 -8.81 -24.90
N THR I 304 18.18 -7.50 -24.84
CA THR I 304 17.28 -6.69 -24.04
C THR I 304 16.16 -6.12 -24.92
N ASN I 305 14.98 -5.96 -24.32
CA ASN I 305 13.77 -5.63 -25.08
C ASN I 305 13.71 -4.25 -25.74
N PRO I 306 14.44 -3.20 -25.31
CA PRO I 306 14.24 -1.89 -25.98
C PRO I 306 14.48 -1.92 -27.47
N THR I 307 15.44 -2.70 -27.96
CA THR I 307 15.73 -2.79 -29.38
C THR I 307 15.07 -3.98 -30.06
N ILE I 308 14.40 -4.84 -29.31
CA ILE I 308 13.96 -6.14 -29.82
C ILE I 308 12.90 -5.97 -30.92
N PRO I 309 11.87 -5.13 -30.75
CA PRO I 309 11.09 -4.75 -31.93
C PRO I 309 11.75 -3.59 -32.64
N TYR I 310 12.30 -3.85 -33.82
CA TYR I 310 12.86 -2.77 -34.64
C TYR I 310 11.70 -2.00 -35.25
N THR I 311 11.52 -0.75 -34.84
CA THR I 311 10.37 0.05 -35.21
C THR I 311 10.84 1.39 -35.75
N VAL I 312 9.87 2.17 -36.26
CA VAL I 312 10.18 3.47 -36.85
C VAL I 312 10.72 4.44 -35.81
N ASN I 313 10.34 4.27 -34.54
CA ASN I 313 10.73 5.18 -33.48
C ASN I 313 12.00 4.75 -32.75
N THR I 314 12.58 3.61 -33.10
CA THR I 314 13.68 3.05 -32.31
C THR I 314 14.92 3.93 -32.36
N ILE I 315 15.35 4.33 -33.56
CA ILE I 315 16.62 5.04 -33.71
C ILE I 315 16.55 6.40 -33.03
N ALA I 316 15.47 7.15 -33.27
CA ALA I 316 15.34 8.48 -32.67
C ALA I 316 15.29 8.38 -31.15
N GLU I 317 14.54 7.42 -30.62
CA GLU I 317 14.46 7.22 -29.17
C GLU I 317 15.82 6.86 -28.59
N HIS I 318 16.53 5.95 -29.25
CA HIS I 318 17.79 5.47 -28.69
C HIS I 318 18.91 6.48 -28.85
N LEU I 319 18.90 7.26 -29.93
CA LEU I 319 19.95 8.27 -30.13
C LEU I 319 19.92 9.31 -29.01
N ASP I 320 18.72 9.78 -28.65
CA ASP I 320 18.62 10.74 -27.56
C ASP I 320 18.95 10.11 -26.21
N MET I 321 18.77 8.80 -26.08
CA MET I 321 19.02 8.12 -24.80
C MET I 321 20.46 8.28 -24.36
N LEU I 322 21.42 8.03 -25.25
CA LEU I 322 22.83 8.12 -24.89
C LEU I 322 23.24 9.54 -24.57
N MET I 323 22.72 10.52 -25.30
CA MET I 323 23.05 11.91 -25.02
C MET I 323 22.64 12.29 -23.60
N VAL I 324 21.62 11.62 -23.05
CA VAL I 324 21.24 11.85 -21.67
C VAL I 324 21.96 10.90 -20.73
N CYS I 325 22.10 9.63 -21.14
CA CYS I 325 22.66 8.61 -20.25
C CYS I 325 24.11 8.92 -19.89
N HIS I 326 24.91 9.36 -20.85
CA HIS I 326 26.32 9.66 -20.61
C HIS I 326 26.63 11.14 -20.79
N HIS I 327 25.62 12.01 -20.68
CA HIS I 327 25.80 13.46 -20.75
C HIS I 327 26.48 13.89 -22.04
N LEU I 328 26.25 13.16 -23.12
CA LEU I 328 26.88 13.45 -24.41
C LEU I 328 26.36 14.79 -24.94
N ASN I 329 27.22 15.80 -24.96
CA ASN I 329 26.85 17.08 -25.53
C ASN I 329 26.89 16.99 -27.06
N PRO I 330 25.78 17.29 -27.75
CA PRO I 330 25.81 17.23 -29.22
C PRO I 330 26.48 18.45 -29.82
N LYS I 331 27.61 18.86 -29.24
CA LYS I 331 28.44 19.93 -29.76
C LYS I 331 29.90 19.55 -29.90
N VAL I 332 30.38 18.56 -29.16
CA VAL I 332 31.74 18.07 -29.27
C VAL I 332 31.74 16.86 -30.19
N PRO I 333 32.65 16.81 -31.18
CA PRO I 333 32.61 15.68 -32.13
C PRO I 333 32.79 14.32 -31.49
N GLU I 334 33.54 14.22 -30.40
CA GLU I 334 33.79 12.92 -29.78
C GLU I 334 32.50 12.32 -29.23
N ASP I 335 31.65 13.14 -28.61
CA ASP I 335 30.40 12.63 -28.06
C ASP I 335 29.47 12.11 -29.16
N VAL I 336 29.37 12.85 -30.26
CA VAL I 336 28.49 12.45 -31.35
C VAL I 336 29.03 11.21 -32.05
N ALA I 337 30.35 11.18 -32.29
CA ALA I 337 30.95 10.02 -32.93
C ALA I 337 30.78 8.76 -32.08
N PHE I 338 30.92 8.90 -30.76
CA PHE I 338 30.72 7.77 -29.87
C PHE I 338 29.27 7.26 -29.92
N ALA I 339 28.32 8.15 -30.22
CA ALA I 339 26.92 7.73 -30.23
C ALA I 339 26.46 7.33 -31.63
N ASP I 340 26.95 8.02 -32.67
CA ASP I 340 26.56 7.67 -34.03
C ASP I 340 27.09 6.30 -34.44
N SER I 341 28.22 5.88 -33.85
CA SER I 341 28.76 4.56 -34.10
C SER I 341 28.25 3.52 -33.11
N ARG I 342 27.33 3.88 -32.22
CA ARG I 342 26.81 2.98 -31.20
C ARG I 342 25.36 2.59 -31.42
N ILE I 343 24.55 3.46 -31.99
CA ILE I 343 23.19 3.13 -32.40
C ILE I 343 23.22 2.85 -33.90
N ARG I 344 23.15 1.57 -34.25
CA ARG I 344 23.28 1.12 -35.63
C ARG I 344 21.99 0.41 -36.04
N SER I 345 21.30 0.96 -37.03
CA SER I 345 20.12 0.29 -37.56
C SER I 345 20.47 -1.05 -38.19
N GLN I 346 21.72 -1.22 -38.62
CA GLN I 346 22.15 -2.48 -39.22
C GLN I 346 22.07 -3.61 -38.21
N THR I 347 22.68 -3.42 -37.03
CA THR I 347 22.70 -4.49 -36.04
C THR I 347 21.36 -4.62 -35.32
N ILE I 348 20.65 -3.50 -35.13
CA ILE I 348 19.35 -3.56 -34.49
C ILE I 348 18.35 -4.35 -35.34
N ALA I 349 18.37 -4.14 -36.65
CA ALA I 349 17.48 -4.89 -37.54
C ALA I 349 17.94 -6.34 -37.66
N ALA I 350 19.25 -6.58 -37.76
CA ALA I 350 19.76 -7.94 -37.87
C ALA I 350 19.50 -8.76 -36.62
N GLU I 351 19.36 -8.11 -35.46
CA GLU I 351 19.12 -8.82 -34.21
C GLU I 351 17.80 -9.58 -34.25
N ASP I 352 16.77 -8.99 -34.86
CA ASP I 352 15.47 -9.65 -34.92
C ASP I 352 15.52 -10.92 -35.76
N LEU I 353 16.23 -10.89 -36.88
CA LEU I 353 16.34 -12.07 -37.73
C LEU I 353 17.09 -13.19 -37.02
N LEU I 354 18.12 -12.84 -36.24
CA LEU I 354 18.87 -13.84 -35.50
C LEU I 354 17.99 -14.54 -34.47
N HIS I 355 17.08 -13.79 -33.84
CA HIS I 355 16.13 -14.40 -32.92
C HIS I 355 15.25 -15.41 -33.64
N ASP I 356 14.76 -15.06 -34.83
CA ASP I 356 13.93 -15.99 -35.60
C ASP I 356 14.72 -17.22 -36.01
N MET I 357 16.02 -17.06 -36.26
CA MET I 357 16.86 -18.20 -36.60
C MET I 357 17.17 -19.07 -35.38
N GLY I 358 17.13 -18.50 -34.19
CA GLY I 358 17.59 -19.18 -33.00
C GLY I 358 19.04 -18.91 -32.63
N ALA I 359 19.66 -17.89 -33.23
CA ALA I 359 21.04 -17.56 -32.90
C ALA I 359 21.15 -16.87 -31.54
N ILE I 360 20.14 -16.09 -31.15
CA ILE I 360 20.06 -15.47 -29.84
C ILE I 360 19.01 -16.23 -29.03
N SER I 361 19.39 -16.65 -27.83
CA SER I 361 18.61 -17.64 -27.10
C SER I 361 17.76 -17.06 -25.98
N ILE I 362 18.11 -15.91 -25.42
CA ILE I 362 17.50 -15.42 -24.19
C ILE I 362 16.96 -14.01 -24.41
N MET I 363 15.75 -13.76 -23.92
CA MET I 363 15.15 -12.43 -23.90
C MET I 363 15.21 -11.89 -22.48
N SER I 364 15.52 -10.60 -22.36
CA SER I 364 15.65 -9.94 -21.06
C SER I 364 15.18 -8.51 -21.20
N SER I 365 15.33 -7.74 -20.12
CA SER I 365 14.76 -6.39 -20.07
C SER I 365 15.78 -5.28 -19.86
N ASP I 366 16.79 -5.49 -19.01
CA ASP I 366 17.66 -4.41 -18.52
C ASP I 366 16.83 -3.38 -17.77
N THR I 367 16.21 -3.85 -16.69
CA THR I 367 15.17 -3.09 -15.99
C THR I 367 15.68 -1.74 -15.53
N LEU I 368 14.99 -0.68 -15.96
CA LEU I 368 15.16 0.69 -15.48
C LEU I 368 16.56 1.24 -15.73
N ALA I 369 17.35 0.59 -16.56
CA ALA I 369 18.61 1.16 -17.05
C ALA I 369 18.59 1.40 -18.55
N MET I 370 18.10 0.44 -19.32
CA MET I 370 17.82 0.66 -20.74
C MET I 370 16.50 0.08 -21.22
N GLY I 371 15.84 -0.79 -20.45
CA GLY I 371 14.64 -1.44 -20.94
C GLY I 371 13.52 -1.57 -19.92
N ARG I 372 12.51 -2.37 -20.26
CA ARG I 372 11.23 -2.37 -19.56
C ARG I 372 10.93 -3.77 -19.03
N ILE I 373 10.75 -3.88 -17.71
CA ILE I 373 10.57 -5.18 -17.08
C ILE I 373 9.19 -5.76 -17.36
N GLY I 374 8.18 -4.93 -17.59
CA GLY I 374 6.85 -5.42 -17.84
C GLY I 374 6.56 -5.83 -19.26
N GLU I 375 7.54 -5.71 -20.16
CA GLU I 375 7.33 -5.95 -21.59
C GLU I 375 8.23 -7.03 -22.16
N VAL I 376 8.76 -7.92 -21.33
CA VAL I 376 9.62 -8.99 -21.83
C VAL I 376 8.83 -9.91 -22.75
N ALA I 377 7.67 -10.38 -22.28
CA ALA I 377 6.85 -11.27 -23.10
C ALA I 377 6.23 -10.52 -24.28
N THR I 378 5.75 -9.30 -24.03
CA THR I 378 5.03 -8.55 -25.06
C THR I 378 5.91 -8.29 -26.28
N ARG I 379 7.14 -7.83 -26.04
CA ARG I 379 8.03 -7.50 -27.17
C ARG I 379 8.58 -8.76 -27.83
N THR I 380 8.62 -9.87 -27.08
CA THR I 380 9.03 -11.14 -27.68
C THR I 380 8.06 -11.57 -28.76
N TRP I 381 6.76 -11.50 -28.46
CA TRP I 381 5.75 -11.89 -29.44
C TRP I 381 5.54 -10.83 -30.52
N GLN I 382 5.79 -9.56 -30.19
CA GLN I 382 5.80 -8.52 -31.22
C GLN I 382 6.86 -8.81 -32.27
N MET I 383 8.06 -9.20 -31.82
CA MET I 383 9.11 -9.58 -32.74
C MET I 383 8.73 -10.85 -33.52
N ALA I 384 8.10 -11.81 -32.84
CA ALA I 384 7.61 -12.99 -33.54
C ALA I 384 6.55 -12.63 -34.58
N HIS I 385 5.69 -11.66 -34.26
CA HIS I 385 4.70 -11.19 -35.22
C HIS I 385 5.37 -10.54 -36.42
N LYS I 386 6.39 -9.72 -36.19
CA LYS I 386 7.06 -9.01 -37.28
C LYS I 386 7.76 -9.99 -38.21
N MET I 387 8.43 -11.00 -37.65
CA MET I 387 9.17 -11.95 -38.47
C MET I 387 8.23 -12.75 -39.37
N LYS I 388 7.08 -13.16 -38.84
CA LYS I 388 6.10 -13.87 -39.67
C LYS I 388 5.60 -12.98 -40.80
N ALA I 389 5.31 -11.71 -40.48
CA ALA I 389 4.77 -10.80 -41.49
C ALA I 389 5.77 -10.53 -42.62
N GLN I 390 7.06 -10.48 -42.30
CA GLN I 390 8.07 -10.13 -43.29
C GLN I 390 8.77 -11.33 -43.92
N PHE I 391 8.75 -12.49 -43.28
CA PHE I 391 9.45 -13.66 -43.80
C PHE I 391 8.60 -14.91 -43.88
N GLY I 392 7.31 -14.84 -43.55
CA GLY I 392 6.44 -15.98 -43.67
C GLY I 392 6.58 -16.96 -42.54
N SER I 393 5.95 -18.12 -42.73
CA SER I 393 5.91 -19.16 -41.71
C SER I 393 7.31 -19.74 -41.48
N LEU I 394 7.60 -20.01 -40.20
CA LEU I 394 8.84 -20.71 -39.86
C LEU I 394 8.80 -22.13 -40.41
N LYS I 395 9.98 -22.74 -40.50
CA LYS I 395 10.09 -24.08 -41.07
C LYS I 395 9.24 -25.07 -40.28
N GLY I 396 8.39 -25.81 -40.99
CA GLY I 396 7.49 -26.76 -40.38
C GLY I 396 6.14 -26.21 -39.99
N ASP I 397 5.94 -24.89 -40.07
CA ASP I 397 4.69 -24.26 -39.70
C ASP I 397 3.76 -24.14 -40.92
N SER I 398 2.48 -23.93 -40.65
CA SER I 398 1.46 -23.89 -41.69
C SER I 398 0.54 -22.71 -41.44
N GLU I 399 -0.59 -22.69 -42.15
CA GLU I 399 -1.47 -21.52 -42.15
C GLU I 399 -2.02 -21.22 -40.75
N PHE I 400 -2.60 -22.22 -40.10
CA PHE I 400 -3.17 -22.05 -38.77
C PHE I 400 -2.34 -22.76 -37.70
N SER I 401 -1.03 -22.86 -37.92
CA SER I 401 -0.14 -23.53 -36.96
C SER I 401 1.21 -22.84 -37.01
N ASP I 402 1.48 -21.97 -36.04
CA ASP I 402 2.79 -21.38 -35.84
C ASP I 402 3.47 -22.00 -34.62
N ASN I 403 3.23 -23.29 -34.41
CA ASN I 403 3.68 -23.96 -33.19
C ASN I 403 5.21 -23.96 -33.08
N ASN I 404 5.91 -24.22 -34.18
CA ASN I 404 7.37 -24.23 -34.15
C ASN I 404 7.93 -22.88 -33.74
N ARG I 405 7.39 -21.80 -34.33
CA ARG I 405 7.84 -20.46 -33.98
C ARG I 405 7.48 -20.11 -32.55
N VAL I 406 6.27 -20.48 -32.10
CA VAL I 406 5.81 -20.16 -30.76
C VAL I 406 6.70 -20.83 -29.72
N LYS I 407 7.02 -22.11 -29.94
CA LYS I 407 7.89 -22.82 -29.00
C LYS I 407 9.28 -22.22 -28.94
N ARG I 408 9.82 -21.84 -30.11
CA ARG I 408 11.14 -21.23 -30.14
C ARG I 408 11.16 -19.91 -29.37
N TYR I 409 10.13 -19.08 -29.55
CA TYR I 409 10.13 -17.76 -28.93
C TYR I 409 9.79 -17.82 -27.45
N ILE I 410 8.87 -18.70 -27.05
CA ILE I 410 8.51 -18.79 -25.63
C ILE I 410 9.69 -19.32 -24.82
N SER I 411 10.56 -20.13 -25.45
CA SER I 411 11.75 -20.62 -24.75
C SER I 411 12.70 -19.50 -24.36
N LYS I 412 12.67 -18.38 -25.10
CA LYS I 412 13.66 -17.33 -24.88
C LYS I 412 13.50 -16.66 -23.52
N TYR I 413 12.31 -16.65 -22.95
CA TYR I 413 12.11 -16.03 -21.65
C TYR I 413 11.58 -17.00 -20.60
N THR I 414 11.47 -18.30 -20.90
CA THR I 414 11.05 -19.25 -19.89
C THR I 414 12.12 -20.28 -19.55
N ILE I 415 12.58 -21.09 -20.50
CA ILE I 415 13.45 -22.22 -20.19
C ILE I 415 14.92 -21.88 -20.42
N ASN I 416 15.23 -21.19 -21.52
CA ASN I 416 16.63 -20.83 -21.79
C ASN I 416 17.22 -19.94 -20.71
N PRO I 417 16.57 -18.87 -20.24
CA PRO I 417 17.13 -18.14 -19.10
C PRO I 417 17.26 -19.00 -17.84
N ALA I 418 16.33 -19.95 -17.63
CA ALA I 418 16.44 -20.84 -16.48
C ALA I 418 17.67 -21.72 -16.58
N ILE I 419 17.92 -22.29 -17.76
CA ILE I 419 19.10 -23.14 -17.94
C ILE I 419 20.38 -22.33 -17.76
N ALA I 420 20.38 -21.08 -18.26
CA ALA I 420 21.59 -20.26 -18.22
C ALA I 420 22.07 -20.02 -16.79
N HIS I 421 21.13 -19.75 -15.88
CA HIS I 421 21.47 -19.45 -14.50
C HIS I 421 21.31 -20.66 -13.57
N GLY I 422 21.08 -21.84 -14.15
CA GLY I 422 21.02 -23.07 -13.37
C GLY I 422 19.87 -23.18 -12.40
N VAL I 423 18.66 -22.80 -12.83
CA VAL I 423 17.47 -22.95 -12.01
C VAL I 423 16.40 -23.68 -12.81
N ASP I 424 16.81 -24.34 -13.90
CA ASP I 424 15.86 -25.02 -14.77
C ASP I 424 15.24 -26.26 -14.11
N SER I 425 15.90 -26.82 -13.10
CA SER I 425 15.31 -27.95 -12.38
C SER I 425 14.16 -27.52 -11.48
N TYR I 426 14.08 -26.24 -11.14
CA TYR I 426 13.00 -25.71 -10.30
C TYR I 426 11.90 -25.03 -11.11
N ILE I 427 12.27 -24.18 -12.07
CA ILE I 427 11.33 -23.36 -12.80
C ILE I 427 11.70 -23.38 -14.28
N GLY I 428 10.98 -22.59 -15.06
CA GLY I 428 11.28 -22.39 -16.47
C GLY I 428 10.37 -23.10 -17.44
N SER I 429 9.55 -24.04 -16.98
CA SER I 429 8.64 -24.75 -17.88
C SER I 429 7.53 -25.39 -17.05
N LEU I 430 6.48 -25.82 -17.75
CA LEU I 430 5.34 -26.49 -17.12
C LEU I 430 5.58 -28.00 -17.23
N GLU I 431 6.32 -28.54 -16.27
CA GLU I 431 6.64 -29.96 -16.25
C GLU I 431 6.53 -30.48 -14.83
N VAL I 432 6.34 -31.79 -14.71
CA VAL I 432 6.18 -32.43 -13.40
C VAL I 432 7.47 -32.30 -12.60
N GLY I 433 7.35 -31.93 -11.33
CA GLY I 433 8.48 -31.77 -10.44
C GLY I 433 8.94 -30.35 -10.27
N LYS I 434 8.47 -29.43 -11.10
CA LYS I 434 8.87 -28.03 -11.03
C LYS I 434 7.90 -27.24 -10.16
N LEU I 435 8.35 -26.05 -9.74
CA LEU I 435 7.49 -25.18 -8.96
C LEU I 435 6.27 -24.77 -9.76
N ALA I 436 5.15 -24.60 -9.06
CA ALA I 436 3.88 -24.27 -9.70
C ALA I 436 3.77 -22.77 -9.97
N ASP I 437 4.70 -22.28 -10.78
CA ASP I 437 4.72 -20.90 -11.24
C ASP I 437 4.05 -20.86 -12.61
N ILE I 438 2.78 -20.46 -12.62
CA ILE I 438 1.92 -20.57 -13.79
C ILE I 438 1.26 -19.22 -14.06
N VAL I 439 1.22 -18.84 -15.33
CA VAL I 439 0.56 -17.62 -15.77
C VAL I 439 -0.59 -18.01 -16.69
N ALA I 440 -1.79 -17.52 -16.39
CA ALA I 440 -2.97 -17.77 -17.19
C ALA I 440 -3.27 -16.57 -18.08
N TRP I 441 -3.64 -16.84 -19.33
CA TRP I 441 -3.97 -15.80 -20.29
C TRP I 441 -5.29 -16.11 -20.97
N GLU I 442 -6.13 -15.10 -21.08
CA GLU I 442 -7.24 -15.18 -22.02
C GLU I 442 -6.69 -14.96 -23.44
N PRO I 443 -7.09 -15.79 -24.42
CA PRO I 443 -6.44 -15.71 -25.73
C PRO I 443 -6.48 -14.34 -26.39
N LYS I 444 -7.57 -13.58 -26.18
CA LYS I 444 -7.62 -12.23 -26.73
C LYS I 444 -6.66 -11.28 -26.03
N PHE I 445 -6.14 -11.65 -24.86
CA PHE I 445 -5.19 -10.84 -24.11
C PHE I 445 -3.79 -11.43 -24.08
N PHE I 446 -3.54 -12.51 -24.83
CA PHE I 446 -2.27 -13.22 -24.72
C PHE I 446 -1.11 -12.31 -25.10
N GLY I 447 -0.10 -12.26 -24.25
CA GLY I 447 1.08 -11.44 -24.47
C GLY I 447 0.92 -9.99 -24.09
N ALA I 448 -0.25 -9.56 -23.66
CA ALA I 448 -0.49 -8.19 -23.23
C ALA I 448 -0.88 -8.09 -21.77
N LYS I 449 -1.91 -8.82 -21.34
CA LYS I 449 -2.42 -8.72 -19.98
C LYS I 449 -2.81 -10.09 -19.45
N PRO I 450 -2.08 -10.62 -18.48
CA PRO I 450 -2.40 -11.96 -17.97
C PRO I 450 -3.66 -11.97 -17.13
N TYR I 451 -4.29 -13.14 -17.07
CA TYR I 451 -5.51 -13.30 -16.30
C TYR I 451 -5.22 -13.46 -14.81
N TYR I 452 -4.31 -14.38 -14.46
CA TYR I 452 -3.79 -14.46 -13.11
C TYR I 452 -2.38 -15.04 -13.15
N VAL I 453 -1.62 -14.77 -12.09
CA VAL I 453 -0.26 -15.26 -11.93
C VAL I 453 -0.19 -16.09 -10.66
N VAL I 454 0.24 -17.34 -10.78
CA VAL I 454 0.26 -18.29 -9.68
C VAL I 454 1.71 -18.52 -9.26
N LYS I 455 1.98 -18.40 -7.96
CA LYS I 455 3.31 -18.61 -7.40
C LYS I 455 3.25 -19.83 -6.47
N MET I 456 3.81 -20.94 -6.91
CA MET I 456 3.81 -22.20 -6.15
C MET I 456 2.40 -22.59 -5.70
N GLY I 457 1.47 -22.62 -6.67
CA GLY I 457 0.12 -23.06 -6.42
C GLY I 457 -0.80 -22.04 -5.79
N VAL I 458 -0.31 -20.84 -5.49
CA VAL I 458 -1.10 -19.79 -4.85
C VAL I 458 -1.07 -18.56 -5.74
N ILE I 459 -2.24 -17.98 -5.99
CA ILE I 459 -2.32 -16.77 -6.80
C ILE I 459 -1.70 -15.61 -6.04
N ALA I 460 -0.73 -14.94 -6.66
CA ALA I 460 -0.06 -13.79 -6.08
C ALA I 460 -0.59 -12.47 -6.61
N ARG I 461 -0.88 -12.39 -7.90
CA ARG I 461 -1.44 -11.20 -8.53
C ARG I 461 -2.41 -11.63 -9.61
N CYS I 462 -3.53 -10.93 -9.72
CA CYS I 462 -4.54 -11.31 -10.70
C CYS I 462 -5.43 -10.13 -11.02
N VAL I 463 -6.14 -10.24 -12.14
CA VAL I 463 -7.18 -9.29 -12.48
C VAL I 463 -8.36 -9.48 -11.54
N ALA I 464 -8.79 -8.41 -10.89
CA ALA I 464 -9.88 -8.47 -9.93
C ALA I 464 -10.51 -7.09 -9.79
N GLY I 465 -11.78 -7.08 -9.39
CA GLY I 465 -12.57 -5.88 -9.35
C GLY I 465 -12.89 -5.41 -7.95
N ASP I 466 -13.96 -4.61 -7.85
CA ASP I 466 -14.45 -3.98 -6.63
C ASP I 466 -14.60 -5.01 -5.51
N PRO I 467 -13.84 -4.87 -4.42
CA PRO I 467 -13.94 -5.84 -3.32
C PRO I 467 -15.31 -5.87 -2.65
N ASN I 468 -16.05 -4.76 -2.69
CA ASN I 468 -17.40 -4.72 -2.13
C ASN I 468 -18.45 -5.34 -3.06
N ALA I 469 -18.10 -5.60 -4.31
CA ALA I 469 -19.10 -6.02 -5.29
C ALA I 469 -19.62 -7.41 -4.99
N SER I 470 -20.78 -7.72 -5.56
CA SER I 470 -21.38 -9.05 -5.44
C SER I 470 -20.61 -10.10 -6.21
N ILE I 471 -19.84 -9.71 -7.22
CA ILE I 471 -19.05 -10.63 -8.02
C ILE I 471 -17.66 -10.03 -8.24
N PRO I 472 -16.66 -10.88 -8.51
CA PRO I 472 -15.27 -10.38 -8.56
C PRO I 472 -14.88 -9.77 -9.90
N THR I 473 -15.85 -9.44 -10.75
CA THR I 473 -15.59 -8.89 -12.07
C THR I 473 -16.23 -7.52 -12.27
N CYS I 474 -16.30 -6.71 -11.22
CA CYS I 474 -16.95 -5.41 -11.27
C CYS I 474 -15.92 -4.29 -11.31
N GLU I 475 -16.21 -3.26 -12.11
CA GLU I 475 -15.29 -2.15 -12.25
C GLU I 475 -15.10 -1.45 -10.91
N PRO I 476 -13.89 -0.93 -10.61
CA PRO I 476 -12.72 -0.95 -11.49
C PRO I 476 -11.97 -2.28 -11.47
N VAL I 477 -11.95 -2.95 -12.62
CA VAL I 477 -11.29 -4.25 -12.76
C VAL I 477 -9.82 -3.99 -13.09
N ILE I 478 -8.95 -4.20 -12.10
CA ILE I 478 -7.53 -3.92 -12.23
C ILE I 478 -6.74 -5.10 -11.68
N MET I 479 -5.43 -5.09 -11.95
CA MET I 479 -4.53 -6.11 -11.42
C MET I 479 -4.22 -5.79 -9.97
N ARG I 480 -4.46 -6.75 -9.08
CA ARG I 480 -4.40 -6.52 -7.64
C ARG I 480 -3.55 -7.56 -6.97
N ASP I 481 -2.84 -7.15 -5.93
CA ASP I 481 -2.13 -8.10 -5.07
C ASP I 481 -3.13 -9.03 -4.39
N GLN I 482 -2.77 -10.31 -4.31
CA GLN I 482 -3.64 -11.34 -3.79
C GLN I 482 -3.11 -11.86 -2.46
N PHE I 483 -3.74 -12.92 -1.94
CA PHE I 483 -3.37 -13.47 -0.64
C PHE I 483 -1.94 -14.01 -0.63
N GLY I 484 -1.38 -14.34 -1.79
CA GLY I 484 -0.01 -14.81 -1.85
C GLY I 484 1.02 -13.78 -1.44
N THR I 485 0.62 -12.52 -1.32
CA THR I 485 1.52 -11.44 -0.93
C THR I 485 1.35 -11.03 0.53
N TYR I 486 0.62 -11.80 1.33
CA TYR I 486 0.29 -11.42 2.70
C TYR I 486 0.73 -12.48 3.70
N GLY I 487 1.08 -12.02 4.90
CA GLY I 487 1.36 -12.91 6.01
C GLY I 487 2.52 -13.84 5.74
N ARG I 488 2.41 -15.06 6.26
CA ARG I 488 3.41 -16.09 6.00
C ARG I 488 3.29 -16.69 4.61
N LEU I 489 2.14 -16.51 3.96
CA LEU I 489 1.96 -16.98 2.59
C LEU I 489 2.93 -16.26 1.64
N LEU I 490 3.31 -15.02 1.97
CA LEU I 490 4.27 -14.31 1.14
C LEU I 490 5.63 -15.00 1.13
N THR I 491 6.07 -15.51 2.28
CA THR I 491 7.33 -16.21 2.38
C THR I 491 7.21 -17.71 2.13
N ASN I 492 6.00 -18.19 1.82
CA ASN I 492 5.79 -19.60 1.50
C ASN I 492 5.66 -19.86 0.00
N THR I 493 5.33 -18.84 -0.80
CA THR I 493 5.00 -19.02 -2.20
C THR I 493 6.07 -18.51 -3.15
N SER I 494 7.24 -18.15 -2.63
CA SER I 494 8.36 -17.77 -3.48
C SER I 494 9.66 -18.13 -2.76
N VAL I 495 10.73 -18.22 -3.54
CA VAL I 495 12.03 -18.67 -3.04
C VAL I 495 13.10 -17.65 -3.41
N SER I 496 14.25 -17.79 -2.78
CA SER I 496 15.44 -17.00 -3.12
C SER I 496 16.52 -17.96 -3.59
N PHE I 497 17.13 -17.64 -4.73
CA PHE I 497 18.18 -18.48 -5.31
C PHE I 497 19.54 -17.97 -4.88
N VAL I 498 20.35 -18.85 -4.31
CA VAL I 498 21.66 -18.52 -3.78
C VAL I 498 22.66 -19.56 -4.27
N SER I 499 23.94 -19.25 -4.08
CA SER I 499 24.99 -20.20 -4.39
C SER I 499 24.98 -21.35 -3.38
N LYS I 500 25.56 -22.48 -3.80
CA LYS I 500 25.65 -23.64 -2.92
C LYS I 500 26.51 -23.33 -1.70
N ILE I 501 27.64 -22.65 -1.90
CA ILE I 501 28.53 -22.34 -0.78
C ILE I 501 27.86 -21.37 0.19
N GLY I 502 27.12 -20.39 -0.35
CA GLY I 502 26.38 -19.49 0.52
C GLY I 502 25.33 -20.20 1.34
N LEU I 503 24.61 -21.14 0.72
CA LEU I 503 23.60 -21.91 1.44
C LEU I 503 24.25 -22.78 2.51
N GLU I 504 25.39 -23.40 2.20
CA GLU I 504 26.09 -24.20 3.20
C GLU I 504 26.71 -23.35 4.29
N ASN I 505 26.89 -22.05 4.05
CA ASN I 505 27.41 -21.13 5.06
C ASN I 505 26.37 -20.71 6.08
N GLY I 506 25.12 -21.14 5.91
CA GLY I 506 24.04 -20.74 6.82
C GLY I 506 23.67 -19.28 6.72
N ILE I 507 23.64 -18.73 5.50
CA ILE I 507 23.25 -17.34 5.33
C ILE I 507 21.79 -17.13 5.69
N LYS I 508 20.96 -18.18 5.56
CA LYS I 508 19.54 -18.06 5.90
C LYS I 508 19.35 -17.69 7.36
N GLU I 509 20.09 -18.34 8.26
CA GLU I 509 19.99 -18.01 9.68
C GLU I 509 20.71 -16.70 9.98
N GLU I 510 21.87 -16.46 9.35
CA GLU I 510 22.62 -15.23 9.61
C GLU I 510 21.85 -14.01 9.16
N TYR I 511 21.22 -14.07 7.99
CA TYR I 511 20.45 -12.95 7.46
C TYR I 511 19.02 -12.93 7.96
N LYS I 512 18.63 -13.91 8.78
CA LYS I 512 17.27 -14.02 9.32
C LYS I 512 16.23 -14.06 8.19
N LEU I 513 16.53 -14.84 7.15
CA LEU I 513 15.63 -14.95 6.01
C LEU I 513 14.52 -15.95 6.32
N GLU I 514 13.29 -15.58 5.97
CA GLU I 514 12.14 -16.43 6.19
C GLU I 514 11.79 -17.29 4.98
N LYS I 515 12.26 -16.94 3.80
CA LYS I 515 11.99 -17.72 2.61
C LYS I 515 12.91 -18.94 2.53
N GLU I 516 12.47 -19.93 1.77
CA GLU I 516 13.33 -21.06 1.45
C GLU I 516 14.39 -20.63 0.44
N LEU I 517 15.61 -21.11 0.63
CA LEU I 517 16.73 -20.81 -0.26
C LEU I 517 17.07 -22.04 -1.08
N LEU I 518 17.07 -21.89 -2.40
CA LEU I 518 17.37 -22.98 -3.32
C LEU I 518 18.68 -22.71 -4.04
N PRO I 519 19.61 -23.67 -4.06
CA PRO I 519 20.91 -23.42 -4.69
C PRO I 519 20.85 -23.62 -6.20
N VAL I 520 21.58 -22.75 -6.90
CA VAL I 520 21.77 -22.91 -8.34
C VAL I 520 22.77 -24.02 -8.60
N LYS I 521 22.66 -24.66 -9.75
CA LYS I 521 23.52 -25.80 -10.07
C LYS I 521 23.58 -25.99 -11.57
N ASN I 522 24.61 -26.71 -12.02
CA ASN I 522 24.82 -27.03 -13.43
C ASN I 522 24.96 -25.76 -14.28
N CYS I 523 25.53 -24.70 -13.70
CA CYS I 523 25.73 -23.46 -14.44
C CYS I 523 26.91 -23.55 -15.40
N ARG I 524 27.94 -24.33 -15.05
CA ARG I 524 29.16 -24.37 -15.84
C ARG I 524 29.11 -25.37 -16.99
N SER I 525 28.29 -26.41 -16.86
CA SER I 525 28.27 -27.49 -17.84
C SER I 525 27.36 -27.21 -19.02
N VAL I 526 26.62 -26.10 -19.01
CA VAL I 526 25.70 -25.77 -20.10
C VAL I 526 26.41 -24.85 -21.08
N ASN I 527 26.00 -24.94 -22.35
CA ASN I 527 26.53 -24.09 -23.41
C ASN I 527 25.40 -23.78 -24.38
N LYS I 528 25.78 -23.26 -25.56
CA LYS I 528 24.78 -22.82 -26.53
C LYS I 528 23.88 -23.97 -26.98
N LYS I 529 24.44 -25.18 -27.10
CA LYS I 529 23.65 -26.32 -27.51
C LYS I 529 22.64 -26.77 -26.45
N SER I 530 22.76 -26.26 -25.23
CA SER I 530 21.79 -26.60 -24.17
C SER I 530 20.47 -25.87 -24.36
N MET I 531 20.47 -24.70 -24.99
CA MET I 531 19.26 -23.93 -25.16
C MET I 531 18.25 -24.66 -26.04
N LYS I 532 16.99 -24.63 -25.63
CA LYS I 532 15.92 -25.26 -26.39
C LYS I 532 15.53 -24.38 -27.57
N TRP I 533 15.53 -24.96 -28.77
CA TRP I 533 15.10 -24.34 -30.01
C TRP I 533 15.93 -23.12 -30.40
N ASN I 534 16.99 -22.82 -29.66
CA ASN I 534 17.79 -21.62 -29.90
C ASN I 534 19.28 -21.94 -29.80
N SER I 535 19.70 -23.02 -30.47
CA SER I 535 21.08 -23.48 -30.41
C SER I 535 21.84 -23.26 -31.71
N ALA I 536 21.48 -22.24 -32.49
CA ALA I 536 22.15 -21.98 -33.76
C ALA I 536 23.37 -21.09 -33.56
N THR I 537 24.44 -21.39 -34.29
CA THR I 537 25.67 -20.60 -34.26
C THR I 537 26.09 -20.25 -35.69
N PRO I 538 25.39 -19.31 -36.32
CA PRO I 538 25.77 -18.89 -37.67
C PRO I 538 27.06 -18.08 -37.68
N ASN I 539 27.68 -18.03 -38.86
CA ASN I 539 28.94 -17.32 -39.03
C ASN I 539 28.65 -15.83 -39.24
N LEU I 540 28.31 -15.17 -38.15
CA LEU I 540 27.93 -13.76 -38.17
C LEU I 540 29.18 -12.88 -38.14
N GLU I 541 29.27 -11.94 -39.08
CA GLU I 541 30.35 -10.97 -39.12
C GLU I 541 29.76 -9.58 -39.22
N VAL I 542 30.28 -8.66 -38.39
CA VAL I 542 29.88 -7.26 -38.43
C VAL I 542 30.97 -6.49 -39.15
N ASP I 543 30.59 -5.78 -40.21
CA ASP I 543 31.55 -5.01 -40.99
C ASP I 543 32.08 -3.85 -40.15
N PRO I 544 33.39 -3.73 -39.96
CA PRO I 544 33.90 -2.62 -39.13
C PRO I 544 33.61 -1.25 -39.70
N GLN I 545 33.35 -1.12 -41.00
CA GLN I 545 33.11 0.15 -41.64
C GLN I 545 31.64 0.47 -41.81
N THR I 546 30.86 -0.45 -42.39
CA THR I 546 29.46 -0.21 -42.68
C THR I 546 28.51 -0.75 -41.62
N PHE I 547 29.02 -1.46 -40.61
CA PHE I 547 28.24 -2.04 -39.52
C PHE I 547 27.29 -3.13 -39.99
N ASP I 548 27.36 -3.52 -41.26
CA ASP I 548 26.48 -4.57 -41.77
C ASP I 548 26.78 -5.90 -41.09
N ALA I 549 25.72 -6.67 -40.83
CA ALA I 549 25.82 -7.99 -40.23
C ALA I 549 25.40 -9.03 -41.27
N ALA I 550 26.31 -9.96 -41.58
CA ALA I 550 26.09 -10.92 -42.65
C ALA I 550 26.40 -12.32 -42.17
N VAL I 551 25.73 -13.30 -42.78
CA VAL I 551 25.90 -14.71 -42.47
C VAL I 551 26.20 -15.47 -43.75
N ASP I 552 26.53 -16.75 -43.61
CA ASP I 552 26.79 -17.60 -44.75
C ASP I 552 25.50 -18.09 -45.37
N PHE I 553 25.61 -18.63 -46.59
CA PHE I 553 24.43 -19.14 -47.29
C PHE I 553 23.81 -20.31 -46.54
N ASN I 554 24.63 -21.22 -46.01
CA ASN I 554 24.11 -22.36 -45.28
C ASN I 554 23.47 -21.95 -43.95
N ASP I 555 23.84 -20.79 -43.41
CA ASP I 555 23.20 -20.30 -42.20
C ASP I 555 21.74 -19.96 -42.41
N LEU I 556 21.32 -19.71 -43.65
CA LEU I 556 19.93 -19.45 -43.98
C LEU I 556 19.13 -20.72 -44.24
N GLU I 557 19.77 -21.88 -44.15
CA GLU I 557 19.08 -23.15 -44.37
C GLU I 557 18.30 -23.56 -43.13
N ASN I 558 17.16 -24.22 -43.36
CA ASN I 558 16.29 -24.75 -42.31
C ASN I 558 15.70 -23.66 -41.43
N TRP I 559 15.77 -22.39 -41.89
CA TRP I 559 15.23 -21.29 -41.10
C TRP I 559 13.73 -21.14 -41.30
N LEU I 560 13.31 -20.87 -42.53
CA LEU I 560 11.93 -20.51 -42.84
C LEU I 560 11.32 -21.55 -43.78
N GLU I 561 10.06 -21.33 -44.13
CA GLU I 561 9.41 -22.18 -45.12
C GLU I 561 9.99 -21.94 -46.52
N GLN I 562 10.42 -20.71 -46.80
CA GLN I 562 11.11 -20.42 -48.05
C GLN I 562 12.58 -20.81 -47.94
N SER I 563 13.07 -21.47 -48.99
CA SER I 563 14.43 -22.01 -48.96
C SER I 563 15.46 -20.88 -48.94
N ALA I 564 16.71 -21.27 -48.67
CA ALA I 564 17.80 -20.30 -48.62
C ALA I 564 18.03 -19.64 -49.97
N SER I 565 17.84 -20.38 -51.06
CA SER I 565 18.02 -19.81 -52.39
C SER I 565 17.03 -18.68 -52.64
N GLU I 566 15.76 -18.89 -52.26
CA GLU I 566 14.78 -17.81 -52.38
C GLU I 566 15.13 -16.65 -51.47
N LEU I 567 15.61 -16.93 -50.26
CA LEU I 567 16.04 -15.87 -49.35
C LEU I 567 17.28 -15.15 -49.90
N ALA I 568 18.13 -15.86 -50.64
CA ALA I 568 19.31 -15.25 -51.22
C ALA I 568 18.96 -14.20 -52.27
N LYS I 569 17.75 -14.23 -52.82
CA LYS I 569 17.32 -13.26 -53.81
C LYS I 569 16.76 -11.98 -53.19
N LYS I 570 16.66 -11.91 -51.87
CA LYS I 570 16.13 -10.74 -51.18
C LYS I 570 17.14 -10.06 -50.29
N LEU I 571 17.95 -10.82 -49.56
CA LEU I 571 19.00 -10.23 -48.73
C LEU I 571 20.15 -9.75 -49.62
N LYS I 572 20.73 -8.62 -49.25
CA LYS I 572 21.84 -8.07 -50.01
C LYS I 572 23.09 -8.92 -49.83
N LYS I 573 23.94 -8.93 -50.85
CA LYS I 573 25.17 -9.69 -50.85
C LYS I 573 26.36 -8.77 -50.58
N THR I 574 27.29 -9.24 -49.75
CA THR I 574 28.53 -8.52 -49.52
C THR I 574 29.50 -8.82 -50.67
N SER I 575 30.73 -8.31 -50.56
CA SER I 575 31.75 -8.66 -51.55
C SER I 575 32.02 -10.15 -51.55
N SER I 576 32.09 -10.75 -50.37
CA SER I 576 32.22 -12.19 -50.23
C SER I 576 30.87 -12.85 -50.50
N GLY I 577 30.78 -14.17 -50.30
CA GLY I 577 29.54 -14.88 -50.51
C GLY I 577 28.64 -14.87 -49.29
N LYS I 578 28.56 -13.73 -48.62
CA LYS I 578 27.73 -13.58 -47.43
C LYS I 578 26.49 -12.74 -47.75
N TYR I 579 25.48 -12.89 -46.90
CA TYR I 579 24.18 -12.24 -47.10
C TYR I 579 23.85 -11.40 -45.87
N ILE I 580 23.47 -10.15 -46.11
CA ILE I 580 23.26 -9.18 -45.05
C ILE I 580 21.87 -9.40 -44.45
N LEU I 581 21.81 -9.53 -43.12
CA LEU I 581 20.54 -9.65 -42.42
C LEU I 581 19.95 -8.27 -42.21
N ASP I 582 18.74 -8.05 -42.74
CA ASP I 582 18.10 -6.75 -42.64
C ASP I 582 16.60 -6.92 -42.87
N ALA I 583 15.86 -5.90 -42.46
CA ALA I 583 14.41 -5.84 -42.64
C ALA I 583 13.94 -4.44 -42.30
N GLU I 584 12.83 -4.03 -42.91
CA GLU I 584 12.30 -2.70 -42.66
C GLU I 584 11.74 -2.60 -41.25
N PRO I 585 11.87 -1.44 -40.60
CA PRO I 585 11.33 -1.30 -39.24
C PRO I 585 9.81 -1.38 -39.21
N LEU I 586 9.29 -1.89 -38.11
CA LEU I 586 7.85 -2.04 -37.95
C LEU I 586 7.20 -0.68 -37.72
N THR I 587 6.01 -0.50 -38.30
CA THR I 587 5.24 0.72 -38.12
C THR I 587 4.13 0.56 -37.08
N GLU I 588 3.32 -0.49 -37.22
CA GLU I 588 2.28 -0.81 -36.26
C GLU I 588 2.58 -2.16 -35.64
N ALA I 589 2.50 -2.23 -34.31
CA ALA I 589 2.77 -3.48 -33.61
C ALA I 589 1.49 -4.00 -32.96
N PRO I 590 1.38 -5.31 -32.78
CA PRO I 590 0.31 -5.86 -31.96
C PRO I 590 0.70 -5.75 -30.48
N LEU I 591 -0.22 -6.19 -29.61
CA LEU I 591 0.00 -6.12 -28.16
C LEU I 591 0.40 -4.70 -27.75
N ALA I 592 -0.44 -3.75 -28.15
CA ALA I 592 -0.08 -2.35 -28.29
C ALA I 592 -1.29 -1.48 -27.98
N GLN I 593 -1.35 -0.30 -28.59
CA GLN I 593 -2.36 0.71 -28.27
C GLN I 593 -3.79 0.16 -28.26
N ARG I 594 -4.02 -1.04 -28.81
CA ARG I 594 -5.32 -1.68 -28.67
C ARG I 594 -5.61 -2.14 -27.25
N TYR I 595 -4.61 -2.22 -26.39
CA TYR I 595 -4.76 -2.78 -25.06
C TYR I 595 -4.51 -1.79 -23.93
N PHE I 596 -3.47 -0.98 -24.03
CA PHE I 596 -2.95 -0.23 -22.88
C PHE I 596 -3.48 1.20 -22.88
N LEU I 597 -4.12 1.58 -21.77
CA LEU I 597 -4.33 2.99 -21.48
C LEU I 597 -2.97 3.65 -21.30
N PHE I 598 -2.74 4.73 -22.05
CA PHE I 598 -1.42 5.36 -22.15
C PHE I 598 -0.37 4.39 -22.70
#